data_7WV5
#
_entry.id   7WV5
#
_cell.length_a   1.00
_cell.length_b   1.00
_cell.length_c   1.00
_cell.angle_alpha   90.00
_cell.angle_beta   90.00
_cell.angle_gamma   90.00
#
_symmetry.space_group_name_H-M   'P 1'
#
loop_
_entity.id
_entity.type
_entity.pdbx_description
1 polymer 'Toll-like receptor 3'
2 polymer 'RNA (46-MER)'
3 polymer 'RNA (46-MER)'
4 branched 2-acetamido-2-deoxy-beta-D-glucopyranose-(1-4)-2-acetamido-2-deoxy-beta-D-glucopyranose
5 branched beta-D-mannopyranose-(1-6)-beta-D-mannopyranose-(1-4)-2-acetamido-2-deoxy-beta-D-glucopyranose-(1-4)-2-acetamido-2-deoxy-beta-D-glucopyranose
6 non-polymer 2-acetamido-2-deoxy-beta-D-glucopyranose
#
loop_
_entity_poly.entity_id
_entity_poly.type
_entity_poly.pdbx_seq_one_letter_code
_entity_poly.pdbx_strand_id
1 'polypeptide(L)'
;ADPKCTVSHEVADCSHLKLTQVPDDLPTNITVLNLTHNQLRRLPAANFTRYSQLTSLDVGFNTISKLEPELCQKLPMLKV
LNLQHNELSQLSDKTFAFCTNLTELHLMSNSIQKIKNNPFVKQKNLITLDLSHNGLSSTKLGTQVQLENLQELLLSNNKI
QALKSEELDIFANSSLKKLELSSNQIKEFSPGCFHAIGRLFGLFLNNVQLGPSLTEKLCLELANTSIRNLSLSNSQLSTT
SNTTFLGLKWTNLTMLDLSYNNLNVVGNDSFAWLPQLEYFFLEYNNIQHLFSHSLHGLFNVRYLNLKRSFTKQSISLASL
PKIDDFSFQWLKCLEHLNMEDNDIPGIKSNMFTGLINLKYLSLSNSFTSLRTLTNETFVSLAHSPLHILNLTKNKISKIE
SDAFSWLGHLEVLDLGLNEIGQELTGQEWRGLENIFEIYLSYNKYLQLTRNSFALVPSLQRLMLRRVALKNVDSSPSPFQ
PLRNLTILDLSNNNIANINDDMLEGLEKLEILDLQHNNLARLWKHANPGGPIYFLKGLSHLHILNLESNGFDEIPVEVFK
DLFELKIIDLGLNNLNTLPASVFNNQVSLKSLNLQKNLITSVEKKVFGPAFRNLTELDMRFNPFDCTCESIAWFVNWINE
THTNIPELSSHYLCNTPPHYHGFPVRLFDTSSCKSGRLVPRGSHHHHHH
;
A,B
2 'polyribonucleotide' CCCCCCCCCCCCCCCCCCCCCCCCCCCCCCCCCCCCCCCCCCCCCC E
3 'polyribonucleotide' IIIIIIIIIIIIIIIIIIIIIIIIIIIIIIIIIIIIIIIIIIIIII F
#
loop_
_chem_comp.id
_chem_comp.type
_chem_comp.name
_chem_comp.formula
BMA D-saccharide, beta linking beta-D-mannopyranose 'C6 H12 O6'
C RNA linking CYTIDINE-5'-MONOPHOSPHATE 'C9 H14 N3 O8 P'
I RNA linking 'INOSINIC ACID' 'C10 H13 N4 O8 P'
NAG D-saccharide, beta linking 2-acetamido-2-deoxy-beta-D-glucopyranose 'C8 H15 N O6'
#
# COMPACT_ATOMS: atom_id res chain seq x y z
N THR A 6 7.90 -52.64 10.52
CA THR A 6 8.39 -53.38 9.37
C THR A 6 7.28 -53.62 8.36
N VAL A 7 6.80 -52.54 7.75
CA VAL A 7 5.75 -52.64 6.75
C VAL A 7 6.30 -53.29 5.48
N SER A 8 5.53 -54.22 4.91
CA SER A 8 5.97 -54.95 3.73
C SER A 8 4.78 -55.63 3.07
N HIS A 9 4.62 -55.42 1.77
CA HIS A 9 3.64 -56.15 0.98
C HIS A 9 4.28 -56.99 -0.12
N GLU A 10 5.24 -56.44 -0.83
CA GLU A 10 6.10 -57.12 -1.80
C GLU A 10 7.58 -56.88 -1.50
N VAL A 11 7.93 -55.67 -1.05
CA VAL A 11 9.28 -55.35 -0.64
C VAL A 11 9.25 -55.03 0.85
N ALA A 12 10.40 -55.21 1.49
CA ALA A 12 10.54 -55.00 2.92
C ALA A 12 11.26 -53.70 3.20
N ASP A 13 10.68 -52.87 4.06
CA ASP A 13 11.25 -51.58 4.43
C ASP A 13 11.48 -51.55 5.93
N CYS A 14 12.71 -51.23 6.33
CA CYS A 14 13.06 -51.10 7.74
C CYS A 14 13.93 -49.88 7.94
N SER A 15 13.56 -48.76 7.33
CA SER A 15 14.37 -47.55 7.37
C SER A 15 14.04 -46.72 8.61
N HIS A 16 15.07 -46.42 9.40
CA HIS A 16 14.94 -45.61 10.61
C HIS A 16 14.04 -46.28 11.65
N LEU A 17 14.08 -47.61 11.72
CA LEU A 17 13.35 -48.35 12.73
C LEU A 17 14.23 -48.78 13.90
N LYS A 18 15.50 -48.38 13.92
CA LYS A 18 16.41 -48.63 15.03
C LYS A 18 16.55 -50.11 15.34
N LEU A 19 16.64 -50.93 14.30
CA LEU A 19 16.82 -52.36 14.47
C LEU A 19 18.27 -52.68 14.80
N THR A 20 18.46 -53.68 15.67
CA THR A 20 19.76 -54.22 16.00
C THR A 20 20.00 -55.58 15.37
N GLN A 21 18.96 -56.39 15.22
CA GLN A 21 19.05 -57.68 14.58
C GLN A 21 17.95 -57.78 13.52
N VAL A 22 18.23 -58.57 12.49
CA VAL A 22 17.27 -58.70 11.38
C VAL A 22 16.02 -59.40 11.86
N PRO A 23 14.84 -59.02 11.40
CA PRO A 23 13.62 -59.72 11.82
C PRO A 23 13.56 -61.12 11.25
N ASP A 24 12.86 -62.00 11.96
CA ASP A 24 12.71 -63.39 11.58
C ASP A 24 11.28 -63.74 11.19
N ASP A 25 10.41 -62.74 11.03
CA ASP A 25 9.02 -62.97 10.67
C ASP A 25 8.67 -62.13 9.44
N LEU A 26 9.00 -62.66 8.27
CA LEU A 26 8.68 -62.06 6.98
C LEU A 26 8.31 -63.17 6.01
N PRO A 27 7.57 -62.85 4.96
CA PRO A 27 7.28 -63.86 3.94
C PRO A 27 8.57 -64.39 3.32
N THR A 28 8.55 -65.67 2.96
CA THR A 28 9.75 -66.31 2.41
C THR A 28 10.10 -65.77 1.04
N ASN A 29 9.10 -65.40 0.24
CA ASN A 29 9.30 -64.99 -1.15
C ASN A 29 9.55 -63.48 -1.30
N ILE A 30 10.09 -62.83 -0.28
CA ILE A 30 10.42 -61.41 -0.39
C ILE A 30 11.60 -61.23 -1.32
N THR A 31 11.52 -60.23 -2.18
CA THR A 31 12.58 -59.94 -3.15
C THR A 31 13.49 -58.81 -2.72
N VAL A 32 12.97 -57.81 -2.02
CA VAL A 32 13.74 -56.66 -1.57
C VAL A 32 13.68 -56.60 -0.06
N LEU A 33 14.86 -56.49 0.57
CA LEU A 33 14.98 -56.40 2.02
C LEU A 33 15.83 -55.18 2.34
N ASN A 34 15.18 -54.12 2.83
CA ASN A 34 15.84 -52.84 3.05
C ASN A 34 16.05 -52.60 4.52
N LEU A 35 17.28 -52.27 4.91
CA LEU A 35 17.62 -52.02 6.30
C LEU A 35 18.51 -50.78 6.42
N THR A 36 18.18 -49.71 5.69
CA THR A 36 18.96 -48.50 5.82
C THR A 36 18.70 -47.79 7.14
N HIS A 37 19.72 -47.09 7.62
CA HIS A 37 19.63 -46.27 8.84
C HIS A 37 19.24 -47.12 10.05
N ASN A 38 20.05 -48.16 10.30
CA ASN A 38 19.86 -49.01 11.46
C ASN A 38 21.16 -49.11 12.24
N GLN A 39 21.21 -50.00 13.23
CA GLN A 39 22.39 -50.15 14.08
C GLN A 39 22.80 -51.62 14.15
N LEU A 40 22.85 -52.27 13.00
CA LEU A 40 23.25 -53.67 12.90
C LEU A 40 24.76 -53.75 13.06
N ARG A 41 25.21 -54.12 14.26
CA ARG A 41 26.64 -54.25 14.50
C ARG A 41 27.23 -55.38 13.66
N ARG A 42 26.59 -56.55 13.66
CA ARG A 42 27.03 -57.69 12.88
C ARG A 42 25.84 -58.31 12.16
N LEU A 43 26.13 -59.06 11.10
CA LEU A 43 25.10 -59.67 10.26
C LEU A 43 25.37 -61.17 10.12
N PRO A 44 25.00 -61.96 11.12
CA PRO A 44 25.16 -63.42 10.99
C PRO A 44 24.33 -63.98 9.84
N ALA A 45 24.88 -64.99 9.17
CA ALA A 45 24.20 -65.62 8.05
C ALA A 45 23.19 -66.68 8.48
N ALA A 46 23.23 -67.12 9.73
CA ALA A 46 22.30 -68.13 10.20
C ALA A 46 20.86 -67.63 10.22
N ASN A 47 20.66 -66.31 10.28
CA ASN A 47 19.33 -65.73 10.30
C ASN A 47 18.74 -65.57 8.90
N PHE A 48 19.51 -65.88 7.86
CA PHE A 48 19.07 -65.75 6.48
C PHE A 48 18.58 -67.05 5.88
N THR A 49 18.43 -68.11 6.68
CA THR A 49 17.91 -69.36 6.16
C THR A 49 16.49 -69.18 5.66
N ARG A 50 15.66 -68.45 6.41
CA ARG A 50 14.28 -68.21 5.98
C ARG A 50 14.24 -67.36 4.71
N TYR A 51 15.11 -66.36 4.62
CA TYR A 51 15.11 -65.44 3.48
C TYR A 51 16.05 -66.02 2.43
N SER A 52 15.51 -66.82 1.52
CA SER A 52 16.30 -67.44 0.46
C SER A 52 15.78 -67.06 -0.92
N GLN A 53 14.99 -66.00 -1.02
CA GLN A 53 14.46 -65.54 -2.31
C GLN A 53 14.75 -64.07 -2.55
N LEU A 54 15.76 -63.53 -1.88
CA LEU A 54 16.07 -62.10 -1.96
C LEU A 54 16.80 -61.77 -3.25
N THR A 55 16.46 -60.61 -3.82
CA THR A 55 17.15 -60.07 -4.98
C THR A 55 17.90 -58.80 -4.66
N SER A 56 17.34 -57.94 -3.80
CA SER A 56 17.99 -56.72 -3.36
C SER A 56 18.14 -56.73 -1.85
N LEU A 57 19.32 -56.36 -1.37
CA LEU A 57 19.62 -56.36 0.05
C LEU A 57 20.34 -55.05 0.37
N ASP A 58 19.57 -54.05 0.78
CA ASP A 58 20.10 -52.74 1.13
C ASP A 58 20.29 -52.70 2.64
N VAL A 59 21.54 -52.78 3.08
CA VAL A 59 21.85 -52.79 4.50
C VAL A 59 22.77 -51.61 4.76
N GLY A 60 22.59 -50.54 4.00
CA GLY A 60 23.46 -49.39 4.13
C GLY A 60 23.16 -48.53 5.34
N PHE A 61 24.06 -47.57 5.57
CA PHE A 61 23.96 -46.63 6.69
C PHE A 61 23.85 -47.35 8.02
N ASN A 62 24.63 -48.42 8.18
CA ASN A 62 24.62 -49.19 9.41
C ASN A 62 26.04 -49.33 9.93
N THR A 63 26.23 -50.16 10.95
CA THR A 63 27.54 -50.29 11.58
C THR A 63 28.02 -51.73 11.52
N ILE A 64 27.97 -52.32 10.34
CA ILE A 64 28.49 -53.67 10.15
C ILE A 64 30.00 -53.60 10.03
N SER A 65 30.68 -54.39 10.86
CA SER A 65 32.15 -54.42 10.82
C SER A 65 32.66 -55.30 9.69
N LYS A 66 32.28 -56.58 9.71
CA LYS A 66 32.72 -57.50 8.68
C LYS A 66 31.58 -58.46 8.36
N LEU A 67 31.64 -59.03 7.16
CA LEU A 67 30.66 -60.01 6.71
C LEU A 67 31.30 -61.39 6.65
N GLU A 68 30.48 -62.37 6.30
CA GLU A 68 30.97 -63.74 6.18
C GLU A 68 30.51 -64.33 4.86
N PRO A 69 31.29 -65.23 4.29
CA PRO A 69 30.90 -65.86 3.02
C PRO A 69 29.62 -66.66 3.12
N GLU A 70 29.25 -67.11 4.32
CA GLU A 70 28.02 -67.89 4.48
C GLU A 70 26.78 -67.08 4.15
N LEU A 71 26.86 -65.74 4.15
CA LEU A 71 25.72 -64.91 3.83
C LEU A 71 25.26 -65.13 2.39
N CYS A 72 26.21 -65.24 1.46
CA CYS A 72 25.86 -65.46 0.07
C CYS A 72 25.25 -66.83 -0.19
N GLN A 73 25.59 -67.82 0.64
CA GLN A 73 25.09 -69.17 0.42
C GLN A 73 23.57 -69.22 0.55
N LYS A 74 23.02 -68.51 1.53
CA LYS A 74 21.57 -68.50 1.73
C LYS A 74 20.84 -67.75 0.64
N LEU A 75 21.55 -66.93 -0.14
CA LEU A 75 20.93 -66.15 -1.20
C LEU A 75 21.40 -66.64 -2.57
N PRO A 76 20.60 -67.42 -3.28
CA PRO A 76 21.07 -67.99 -4.56
C PRO A 76 20.87 -67.06 -5.74
N MET A 77 19.97 -66.09 -5.61
CA MET A 77 19.57 -65.27 -6.74
C MET A 77 19.76 -63.78 -6.44
N LEU A 78 20.58 -63.45 -5.44
CA LEU A 78 20.78 -62.06 -5.06
C LEU A 78 21.42 -61.29 -6.20
N LYS A 79 20.96 -60.05 -6.40
CA LYS A 79 21.43 -59.24 -7.52
C LYS A 79 21.93 -57.87 -7.08
N VAL A 80 21.43 -57.36 -5.95
CA VAL A 80 21.83 -56.06 -5.44
C VAL A 80 22.36 -56.23 -4.03
N LEU A 81 23.54 -55.68 -3.77
CA LEU A 81 24.15 -55.72 -2.45
C LEU A 81 24.62 -54.32 -2.12
N ASN A 82 23.92 -53.65 -1.20
CA ASN A 82 24.22 -52.29 -0.83
C ASN A 82 24.76 -52.25 0.59
N LEU A 83 25.94 -51.64 0.76
CA LEU A 83 26.62 -51.56 2.05
C LEU A 83 27.18 -50.17 2.28
N GLN A 84 26.37 -49.16 1.99
CA GLN A 84 26.83 -47.78 2.12
C GLN A 84 27.06 -47.41 3.58
N HIS A 85 28.15 -46.68 3.83
CA HIS A 85 28.45 -46.08 5.12
C HIS A 85 28.53 -47.14 6.23
N ASN A 86 29.48 -48.05 6.06
CA ASN A 86 29.74 -49.10 7.04
C ASN A 86 31.20 -49.09 7.46
N GLU A 87 31.62 -50.12 8.20
CA GLU A 87 33.00 -50.23 8.64
C GLU A 87 33.70 -51.44 8.03
N LEU A 88 33.23 -51.92 6.88
CA LEU A 88 33.81 -53.07 6.21
C LEU A 88 35.09 -52.63 5.51
N SER A 89 36.17 -52.58 6.28
CA SER A 89 37.47 -52.16 5.79
C SER A 89 38.36 -53.33 5.38
N GLN A 90 37.88 -54.57 5.48
CA GLN A 90 38.66 -55.74 5.12
C GLN A 90 37.91 -56.57 4.09
N LEU A 91 38.61 -56.95 3.02
CA LEU A 91 38.03 -57.75 1.96
C LEU A 91 38.95 -58.92 1.65
N SER A 92 38.34 -60.04 1.30
CA SER A 92 39.04 -61.29 1.01
C SER A 92 38.51 -61.92 -0.26
N ASP A 93 39.26 -62.90 -0.78
CA ASP A 93 38.83 -63.58 -1.99
C ASP A 93 37.55 -64.38 -1.77
N LYS A 94 37.33 -64.85 -0.54
CA LYS A 94 36.14 -65.63 -0.21
C LYS A 94 34.97 -64.74 0.21
N THR A 95 35.18 -63.43 0.37
CA THR A 95 34.10 -62.56 0.81
C THR A 95 32.95 -62.51 -0.19
N PHE A 96 33.28 -62.40 -1.48
CA PHE A 96 32.27 -62.37 -2.55
C PHE A 96 32.47 -63.55 -3.50
N ALA A 97 32.75 -64.71 -2.94
CA ALA A 97 33.03 -65.88 -3.76
C ALA A 97 31.76 -66.53 -4.27
N PHE A 98 30.87 -66.93 -3.34
CA PHE A 98 29.66 -67.62 -3.73
C PHE A 98 28.70 -66.70 -4.47
N CYS A 99 28.69 -65.42 -4.12
CA CYS A 99 27.86 -64.46 -4.84
C CYS A 99 28.44 -64.26 -6.24
N THR A 100 27.67 -64.64 -7.25
CA THR A 100 28.10 -64.52 -8.64
C THR A 100 27.06 -63.89 -9.55
N ASN A 101 25.82 -63.72 -9.09
CA ASN A 101 24.79 -63.10 -9.89
C ASN A 101 24.64 -61.60 -9.62
N LEU A 102 25.50 -61.04 -8.78
CA LEU A 102 25.37 -59.63 -8.42
C LEU A 102 25.59 -58.73 -9.62
N THR A 103 24.63 -57.85 -9.88
CA THR A 103 24.74 -56.83 -10.91
C THR A 103 24.93 -55.44 -10.31
N GLU A 104 25.10 -55.34 -9.01
CA GLU A 104 25.29 -54.07 -8.33
C GLU A 104 26.03 -54.32 -7.03
N LEU A 105 26.97 -53.44 -6.71
CA LEU A 105 27.75 -53.59 -5.48
C LEU A 105 28.17 -52.19 -5.03
N HIS A 106 27.56 -51.72 -3.96
CA HIS A 106 27.87 -50.41 -3.40
C HIS A 106 28.73 -50.58 -2.16
N LEU A 107 29.87 -49.91 -2.14
CA LEU A 107 30.77 -49.94 -1.00
C LEU A 107 31.18 -48.53 -0.61
N MET A 108 30.25 -47.58 -0.71
CA MET A 108 30.60 -46.20 -0.45
C MET A 108 30.81 -45.96 1.03
N SER A 109 31.86 -45.20 1.36
CA SER A 109 32.14 -44.76 2.72
C SER A 109 32.30 -45.93 3.68
N ASN A 110 32.99 -46.97 3.25
CA ASN A 110 33.30 -48.12 4.09
C ASN A 110 34.67 -48.05 4.73
N SER A 111 35.40 -46.95 4.52
CA SER A 111 36.75 -46.78 5.07
C SER A 111 37.69 -47.90 4.64
N ILE A 112 37.52 -48.36 3.40
CA ILE A 112 38.41 -49.38 2.86
C ILE A 112 39.77 -48.76 2.56
N GLN A 113 40.82 -49.35 3.09
CA GLN A 113 42.15 -48.77 2.95
C GLN A 113 42.86 -49.31 1.72
N LYS A 114 43.06 -50.62 1.64
CA LYS A 114 43.80 -51.20 0.53
C LYS A 114 43.11 -52.47 0.07
N ILE A 115 43.02 -52.64 -1.24
CA ILE A 115 42.57 -53.88 -1.83
C ILE A 115 43.76 -54.83 -1.90
N LYS A 116 43.63 -55.98 -1.23
CA LYS A 116 44.83 -56.78 -0.96
C LYS A 116 45.23 -57.64 -2.15
N ASN A 117 44.43 -58.66 -2.48
CA ASN A 117 44.82 -59.56 -3.57
C ASN A 117 43.81 -59.61 -4.71
N ASN A 118 42.59 -60.06 -4.45
CA ASN A 118 41.65 -60.38 -5.52
C ASN A 118 40.25 -60.49 -4.95
N PRO A 119 39.63 -59.39 -4.50
CA PRO A 119 38.31 -59.49 -3.90
C PRO A 119 37.17 -59.68 -4.88
N PHE A 120 37.36 -59.33 -6.16
CA PHE A 120 36.27 -59.29 -7.12
C PHE A 120 36.46 -60.29 -8.27
N VAL A 121 37.37 -61.25 -8.11
CA VAL A 121 37.62 -62.22 -9.17
C VAL A 121 36.44 -63.17 -9.35
N LYS A 122 35.86 -63.61 -8.24
CA LYS A 122 34.85 -64.67 -8.25
C LYS A 122 33.51 -64.27 -8.87
N GLN A 123 33.35 -63.07 -9.42
CA GLN A 123 32.11 -62.71 -10.08
C GLN A 123 32.40 -62.21 -11.48
N LYS A 124 31.48 -62.52 -12.41
CA LYS A 124 31.63 -62.13 -13.81
C LYS A 124 30.41 -61.39 -14.36
N ASN A 125 29.29 -61.35 -13.64
CA ASN A 125 28.10 -60.68 -14.10
C ASN A 125 27.94 -59.29 -13.48
N LEU A 126 28.95 -58.79 -12.79
CA LEU A 126 28.86 -57.47 -12.18
C LEU A 126 28.75 -56.39 -13.23
N ILE A 127 27.86 -55.44 -12.97
CA ILE A 127 27.60 -54.32 -13.89
C ILE A 127 28.11 -53.01 -13.32
N THR A 128 27.75 -52.69 -12.08
CA THR A 128 28.13 -51.44 -11.44
C THR A 128 28.87 -51.72 -10.15
N LEU A 129 30.00 -51.04 -9.96
CA LEU A 129 30.79 -51.14 -8.76
C LEU A 129 31.05 -49.74 -8.22
N ASP A 130 30.81 -49.53 -6.94
CA ASP A 130 30.99 -48.24 -6.31
C ASP A 130 32.01 -48.35 -5.20
N LEU A 131 32.96 -47.42 -5.17
CA LEU A 131 33.96 -47.41 -4.11
C LEU A 131 34.23 -46.00 -3.61
N SER A 132 33.21 -45.16 -3.60
CA SER A 132 33.39 -43.77 -3.25
C SER A 132 33.62 -43.59 -1.75
N HIS A 133 34.25 -42.48 -1.40
CA HIS A 133 34.49 -42.07 -0.01
C HIS A 133 35.26 -43.12 0.77
N ASN A 134 36.25 -43.72 0.13
CA ASN A 134 37.11 -44.72 0.74
C ASN A 134 38.51 -44.16 0.91
N GLY A 135 39.36 -44.96 1.56
CA GLY A 135 40.72 -44.57 1.79
C GLY A 135 41.69 -45.16 0.80
N LEU A 136 41.19 -45.62 -0.35
CA LEU A 136 42.05 -46.23 -1.35
C LEU A 136 43.03 -45.22 -1.89
N SER A 137 44.28 -45.67 -2.10
CA SER A 137 45.32 -44.83 -2.67
C SER A 137 45.70 -45.21 -4.08
N SER A 138 45.37 -46.41 -4.52
CA SER A 138 45.68 -46.87 -5.86
C SER A 138 44.42 -47.48 -6.46
N THR A 139 44.32 -47.40 -7.78
CA THR A 139 43.18 -47.93 -8.51
C THR A 139 43.30 -49.41 -8.81
N LYS A 140 44.18 -50.13 -8.12
CA LYS A 140 44.35 -51.56 -8.34
C LYS A 140 43.29 -52.33 -7.59
N LEU A 141 42.47 -53.09 -8.32
CA LEU A 141 41.41 -53.90 -7.73
C LEU A 141 41.67 -55.39 -7.89
N GLY A 142 42.88 -55.78 -8.24
CA GLY A 142 43.18 -57.19 -8.42
C GLY A 142 44.44 -57.36 -9.22
N THR A 143 44.83 -58.62 -9.40
CA THR A 143 46.03 -58.96 -10.14
C THR A 143 45.73 -59.39 -11.57
N GLN A 144 44.88 -60.39 -11.74
CA GLN A 144 44.51 -60.87 -13.08
C GLN A 144 43.38 -60.02 -13.63
N VAL A 145 42.81 -60.44 -14.76
CA VAL A 145 41.73 -59.71 -15.42
C VAL A 145 40.40 -60.33 -15.03
N GLN A 146 39.46 -59.51 -14.61
CA GLN A 146 38.13 -59.97 -14.24
C GLN A 146 37.15 -58.83 -14.52
N LEU A 147 35.95 -58.93 -13.97
CA LEU A 147 34.92 -57.91 -14.14
C LEU A 147 34.62 -57.71 -15.62
N GLU A 148 34.18 -58.79 -16.26
CA GLU A 148 33.97 -58.79 -17.71
C GLU A 148 32.88 -57.80 -18.10
N ASN A 149 31.75 -57.83 -17.41
CA ASN A 149 30.59 -57.05 -17.76
C ASN A 149 30.50 -55.73 -17.02
N LEU A 150 31.51 -55.38 -16.24
CA LEU A 150 31.46 -54.15 -15.47
C LEU A 150 31.43 -52.95 -16.41
N GLN A 151 30.40 -52.11 -16.25
CA GLN A 151 30.23 -50.94 -17.09
C GLN A 151 30.48 -49.63 -16.38
N GLU A 152 30.21 -49.56 -15.09
CA GLU A 152 30.39 -48.34 -14.32
C GLU A 152 31.28 -48.63 -13.12
N LEU A 153 32.34 -47.84 -12.98
CA LEU A 153 33.23 -47.93 -11.84
C LEU A 153 33.34 -46.55 -11.21
N LEU A 154 33.11 -46.47 -9.91
CA LEU A 154 33.11 -45.20 -9.19
C LEU A 154 34.26 -45.20 -8.19
N LEU A 155 35.07 -44.15 -8.22
CA LEU A 155 36.18 -44.02 -7.29
C LEU A 155 36.29 -42.61 -6.75
N SER A 156 35.17 -41.91 -6.63
CA SER A 156 35.20 -40.51 -6.21
C SER A 156 35.51 -40.40 -4.73
N ASN A 157 36.04 -39.23 -4.35
CA ASN A 157 36.35 -38.90 -2.96
C ASN A 157 37.31 -39.90 -2.31
N ASN A 158 38.28 -40.37 -3.07
CA ASN A 158 39.31 -41.27 -2.57
C ASN A 158 40.59 -40.47 -2.33
N LYS A 159 41.66 -41.19 -2.01
CA LYS A 159 42.97 -40.59 -1.79
C LYS A 159 43.97 -41.05 -2.83
N ILE A 160 43.54 -41.11 -4.09
CA ILE A 160 44.37 -41.53 -5.20
C ILE A 160 45.10 -40.32 -5.76
N GLN A 161 46.42 -40.41 -5.88
CA GLN A 161 47.23 -39.31 -6.36
C GLN A 161 47.88 -39.59 -7.71
N ALA A 162 47.67 -40.76 -8.30
CA ALA A 162 48.26 -41.08 -9.58
C ALA A 162 47.41 -42.14 -10.26
N LEU A 163 47.50 -42.17 -11.60
CA LEU A 163 46.82 -43.16 -12.44
C LEU A 163 47.89 -43.87 -13.26
N LYS A 164 48.45 -44.93 -12.69
CA LYS A 164 49.48 -45.68 -13.38
C LYS A 164 48.86 -46.65 -14.37
N SER A 165 49.64 -46.96 -15.41
CA SER A 165 49.17 -47.87 -16.46
C SER A 165 48.95 -49.27 -15.92
N GLU A 166 49.83 -49.73 -15.03
CA GLU A 166 49.73 -51.09 -14.51
C GLU A 166 48.45 -51.30 -13.72
N GLU A 167 48.06 -50.31 -12.91
CA GLU A 167 46.91 -50.47 -12.03
C GLU A 167 45.60 -50.71 -12.77
N LEU A 168 45.51 -50.34 -14.04
CA LEU A 168 44.30 -50.57 -14.83
C LEU A 168 44.47 -51.72 -15.81
N ASP A 169 45.47 -52.57 -15.58
CA ASP A 169 45.68 -53.71 -16.47
C ASP A 169 44.58 -54.74 -16.31
N ILE A 170 43.78 -54.65 -15.24
CA ILE A 170 42.74 -55.64 -15.03
C ILE A 170 41.53 -55.35 -15.90
N PHE A 171 41.48 -54.17 -16.53
CA PHE A 171 40.35 -53.83 -17.39
C PHE A 171 40.71 -53.93 -18.87
N ALA A 172 41.55 -54.89 -19.23
CA ALA A 172 41.99 -55.00 -20.61
C ALA A 172 40.87 -55.44 -21.54
N ASN A 173 39.79 -56.01 -21.02
CA ASN A 173 38.71 -56.48 -21.86
C ASN A 173 37.33 -56.07 -21.34
N SER A 174 37.25 -54.93 -20.65
CA SER A 174 36.02 -54.47 -20.04
C SER A 174 35.61 -53.14 -20.66
N SER A 175 34.31 -52.98 -20.89
CA SER A 175 33.74 -51.78 -21.47
C SER A 175 33.24 -50.89 -20.34
N LEU A 176 34.05 -49.91 -19.98
CA LEU A 176 33.73 -48.98 -18.90
C LEU A 176 32.97 -47.80 -19.49
N LYS A 177 31.69 -47.69 -19.16
CA LYS A 177 30.88 -46.56 -19.59
C LYS A 177 31.01 -45.36 -18.67
N LYS A 178 31.61 -45.52 -17.50
CA LYS A 178 31.76 -44.41 -16.56
C LYS A 178 32.87 -44.74 -15.59
N LEU A 179 33.93 -43.94 -15.61
CA LEU A 179 35.05 -44.09 -14.68
C LEU A 179 35.10 -42.84 -13.82
N GLU A 180 34.36 -42.86 -12.72
CA GLU A 180 34.31 -41.72 -11.82
C GLU A 180 35.60 -41.62 -11.03
N LEU A 181 36.30 -40.50 -11.17
CA LEU A 181 37.52 -40.27 -10.41
C LEU A 181 37.50 -38.88 -9.81
N SER A 182 36.32 -38.43 -9.41
CA SER A 182 36.16 -37.08 -8.89
C SER A 182 36.79 -36.95 -7.51
N SER A 183 37.12 -35.72 -7.16
CA SER A 183 37.62 -35.34 -5.83
C SER A 183 38.89 -36.06 -5.43
N ASN A 184 39.65 -36.57 -6.40
CA ASN A 184 40.92 -37.23 -6.15
C ASN A 184 42.03 -36.31 -6.61
N GLN A 185 43.02 -36.07 -5.75
CA GLN A 185 44.12 -35.17 -6.06
C GLN A 185 45.12 -35.88 -6.97
N ILE A 186 44.66 -36.15 -8.19
CA ILE A 186 45.48 -36.81 -9.20
C ILE A 186 46.37 -35.75 -9.84
N LYS A 187 47.68 -35.98 -9.80
CA LYS A 187 48.63 -35.02 -10.33
C LYS A 187 49.62 -35.63 -11.32
N GLU A 188 49.47 -36.91 -11.66
CA GLU A 188 50.38 -37.55 -12.60
C GLU A 188 49.62 -38.58 -13.42
N PHE A 189 49.82 -38.55 -14.73
CA PHE A 189 49.20 -39.51 -15.64
C PHE A 189 50.29 -40.28 -16.37
N SER A 190 50.18 -41.60 -16.34
CA SER A 190 51.18 -42.42 -16.99
C SER A 190 50.74 -42.79 -18.41
N PRO A 191 51.69 -42.92 -19.33
CA PRO A 191 51.34 -43.32 -20.70
C PRO A 191 50.67 -44.68 -20.73
N GLY A 192 49.66 -44.80 -21.58
CA GLY A 192 48.93 -46.05 -21.71
C GLY A 192 47.98 -46.34 -20.58
N CYS A 193 47.74 -45.38 -19.68
CA CYS A 193 46.84 -45.63 -18.56
C CYS A 193 45.42 -45.88 -19.03
N PHE A 194 44.96 -45.10 -19.99
CA PHE A 194 43.62 -45.30 -20.55
C PHE A 194 43.60 -46.25 -21.72
N HIS A 195 44.72 -46.40 -22.44
CA HIS A 195 44.78 -47.36 -23.53
C HIS A 195 44.68 -48.80 -23.00
N ALA A 196 45.14 -49.04 -21.78
CA ALA A 196 45.01 -50.37 -21.20
C ALA A 196 43.56 -50.75 -20.97
N ILE A 197 42.70 -49.78 -20.66
CA ILE A 197 41.28 -50.06 -20.51
C ILE A 197 40.71 -50.52 -21.84
N GLY A 198 39.89 -51.56 -21.79
CA GLY A 198 39.31 -52.13 -22.99
C GLY A 198 38.49 -51.14 -23.79
N ARG A 199 37.40 -50.65 -23.22
CA ARG A 199 36.52 -49.71 -23.91
C ARG A 199 36.05 -48.67 -22.90
N LEU A 200 36.71 -47.53 -22.88
CA LEU A 200 36.34 -46.43 -22.01
C LEU A 200 35.45 -45.47 -22.79
N PHE A 201 34.23 -45.26 -22.31
CA PHE A 201 33.28 -44.39 -22.98
C PHE A 201 33.10 -43.05 -22.30
N GLY A 202 33.28 -42.98 -20.99
CA GLY A 202 33.11 -41.73 -20.27
C GLY A 202 34.02 -41.59 -19.09
N LEU A 203 34.60 -40.41 -18.90
CA LEU A 203 35.49 -40.13 -17.79
C LEU A 203 34.97 -38.90 -17.05
N PHE A 204 34.98 -38.96 -15.73
CA PHE A 204 34.49 -37.87 -14.89
C PHE A 204 35.59 -37.46 -13.93
N LEU A 205 36.07 -36.22 -14.03
CA LEU A 205 37.11 -35.73 -13.14
C LEU A 205 36.68 -34.44 -12.46
N ASN A 206 35.46 -34.43 -11.94
CA ASN A 206 34.95 -33.26 -11.25
C ASN A 206 35.71 -33.00 -9.96
N ASN A 207 35.86 -31.73 -9.63
CA ASN A 207 36.50 -31.29 -8.38
C ASN A 207 37.93 -31.80 -8.25
N VAL A 208 38.60 -32.06 -9.36
CA VAL A 208 39.97 -32.55 -9.35
C VAL A 208 40.86 -31.41 -9.79
N GLN A 209 41.82 -31.04 -8.96
CA GLN A 209 42.70 -29.93 -9.27
C GLN A 209 43.71 -30.36 -10.33
N LEU A 210 43.35 -30.20 -11.59
CA LEU A 210 44.26 -30.61 -12.67
C LEU A 210 45.10 -29.43 -13.15
N GLY A 211 44.45 -28.39 -13.66
CA GLY A 211 45.15 -27.28 -14.25
C GLY A 211 45.28 -27.41 -15.76
N PRO A 212 45.68 -26.33 -16.43
CA PRO A 212 45.77 -26.37 -17.90
C PRO A 212 46.80 -27.34 -18.43
N SER A 213 48.03 -27.33 -17.90
CA SER A 213 49.06 -28.24 -18.41
C SER A 213 48.68 -29.69 -18.15
N LEU A 214 48.15 -29.97 -16.97
CA LEU A 214 47.72 -31.34 -16.68
C LEU A 214 46.51 -31.73 -17.52
N THR A 215 45.63 -30.76 -17.83
CA THR A 215 44.52 -31.05 -18.73
C THR A 215 45.01 -31.41 -20.12
N GLU A 216 46.03 -30.68 -20.61
CA GLU A 216 46.60 -31.04 -21.91
C GLU A 216 47.23 -32.42 -21.87
N LYS A 217 47.92 -32.74 -20.78
CA LYS A 217 48.50 -34.08 -20.65
C LYS A 217 47.41 -35.14 -20.63
N LEU A 218 46.30 -34.88 -19.93
CA LEU A 218 45.17 -35.81 -19.95
C LEU A 218 44.63 -36.00 -21.36
N CYS A 219 44.42 -34.91 -22.08
CA CYS A 219 43.88 -35.03 -23.43
C CYS A 219 44.83 -35.82 -24.33
N LEU A 220 46.14 -35.58 -24.19
CA LEU A 220 47.10 -36.36 -24.94
C LEU A 220 47.02 -37.84 -24.57
N GLU A 221 46.87 -38.13 -23.28
CA GLU A 221 46.71 -39.52 -22.85
C GLU A 221 45.37 -40.12 -23.28
N LEU A 222 44.41 -39.29 -23.67
CA LEU A 222 43.11 -39.75 -24.12
C LEU A 222 43.01 -39.89 -25.63
N ALA A 223 44.12 -39.75 -26.34
CA ALA A 223 44.11 -39.83 -27.79
C ALA A 223 43.90 -41.26 -28.26
N ASN A 224 43.18 -41.40 -29.37
CA ASN A 224 42.95 -42.69 -30.02
C ASN A 224 42.31 -43.68 -29.06
N THR A 225 41.26 -43.24 -28.40
CA THR A 225 40.45 -44.07 -27.52
C THR A 225 38.99 -43.86 -27.88
N SER A 226 38.11 -44.65 -27.26
CA SER A 226 36.68 -44.62 -27.55
C SER A 226 35.90 -43.77 -26.58
N ILE A 227 36.49 -42.69 -26.06
CA ILE A 227 35.78 -41.85 -25.11
C ILE A 227 34.69 -41.06 -25.85
N ARG A 228 33.60 -40.79 -25.13
CA ARG A 228 32.48 -40.03 -25.69
C ARG A 228 32.10 -38.88 -24.77
N ASN A 229 32.32 -39.04 -23.48
CA ASN A 229 32.02 -38.03 -22.48
C ASN A 229 33.26 -37.72 -21.67
N LEU A 230 33.40 -36.46 -21.28
CA LEU A 230 34.55 -36.05 -20.47
C LEU A 230 34.10 -34.86 -19.65
N SER A 231 33.84 -35.08 -18.37
CA SER A 231 33.41 -34.04 -17.46
C SER A 231 34.61 -33.52 -16.68
N LEU A 232 34.88 -32.23 -16.79
CA LEU A 232 35.99 -31.61 -16.08
C LEU A 232 35.51 -30.45 -15.23
N SER A 233 34.38 -30.63 -14.55
CA SER A 233 33.81 -29.56 -13.75
C SER A 233 34.67 -29.27 -12.52
N ASN A 234 34.82 -27.98 -12.22
CA ASN A 234 35.56 -27.51 -11.05
C ASN A 234 36.98 -28.08 -11.01
N SER A 235 37.63 -28.09 -12.17
CA SER A 235 38.98 -28.60 -12.31
C SER A 235 40.02 -27.50 -12.26
N GLN A 236 39.62 -26.28 -11.88
CA GLN A 236 40.52 -25.12 -11.84
C GLN A 236 41.19 -24.87 -13.18
N LEU A 237 40.41 -25.04 -14.25
CA LEU A 237 40.89 -24.78 -15.61
C LEU A 237 40.71 -23.29 -15.88
N SER A 238 41.66 -22.50 -15.39
CA SER A 238 41.54 -21.05 -15.51
C SER A 238 41.64 -20.57 -16.95
N THR A 239 42.55 -21.16 -17.73
CA THR A 239 42.78 -20.67 -19.07
C THR A 239 42.89 -21.84 -20.03
N THR A 240 42.36 -21.67 -21.24
CA THR A 240 42.47 -22.66 -22.30
C THR A 240 43.19 -22.02 -23.47
N SER A 241 43.73 -22.87 -24.33
CA SER A 241 44.48 -22.43 -25.50
C SER A 241 44.14 -23.38 -26.64
N ASN A 242 44.70 -23.10 -27.83
CA ASN A 242 44.43 -23.98 -28.95
C ASN A 242 45.15 -25.32 -28.82
N THR A 243 45.93 -25.52 -27.77
CA THR A 243 46.59 -26.80 -27.59
C THR A 243 46.13 -27.52 -26.34
N THR A 244 45.21 -26.95 -25.58
CA THR A 244 44.74 -27.64 -24.39
C THR A 244 44.03 -28.93 -24.74
N PHE A 245 43.18 -28.89 -25.77
CA PHE A 245 42.42 -30.07 -26.21
C PHE A 245 42.98 -30.71 -27.48
N LEU A 246 44.29 -30.61 -27.71
CA LEU A 246 44.86 -31.21 -28.90
C LEU A 246 44.72 -32.73 -28.86
N GLY A 247 44.89 -33.32 -27.68
CA GLY A 247 44.79 -34.76 -27.58
C GLY A 247 43.42 -35.32 -27.93
N LEU A 248 42.39 -34.48 -27.93
CA LEU A 248 41.06 -34.94 -28.33
C LEU A 248 40.85 -34.90 -29.84
N LYS A 249 41.86 -34.49 -30.61
CA LYS A 249 41.73 -34.49 -32.05
C LYS A 249 41.55 -35.90 -32.58
N TRP A 250 42.16 -36.89 -31.94
CA TRP A 250 42.16 -38.27 -32.43
C TRP A 250 40.99 -39.10 -31.91
N THR A 251 40.08 -38.53 -31.14
CA THR A 251 38.95 -39.25 -30.60
C THR A 251 37.64 -38.66 -31.12
N ASN A 252 36.52 -39.18 -30.61
CA ASN A 252 35.20 -38.76 -31.05
C ASN A 252 34.36 -38.25 -29.88
N LEU A 253 34.96 -37.38 -29.07
CA LEU A 253 34.28 -36.84 -27.91
C LEU A 253 33.04 -36.07 -28.31
N THR A 254 31.94 -36.31 -27.58
CA THR A 254 30.67 -35.66 -27.86
C THR A 254 30.16 -34.77 -26.75
N MET A 255 30.44 -35.09 -25.50
CA MET A 255 30.00 -34.31 -24.35
C MET A 255 31.23 -33.84 -23.59
N LEU A 256 31.32 -32.54 -23.39
CA LEU A 256 32.41 -31.94 -22.63
C LEU A 256 31.83 -30.99 -21.61
N ASP A 257 32.28 -31.11 -20.37
CA ASP A 257 31.80 -30.28 -19.28
C ASP A 257 32.95 -29.45 -18.73
N LEU A 258 32.76 -28.13 -18.67
CA LEU A 258 33.78 -27.24 -18.15
C LEU A 258 33.19 -26.28 -17.14
N SER A 259 32.11 -26.68 -16.49
CA SER A 259 31.42 -25.80 -15.55
C SER A 259 32.25 -25.61 -14.27
N TYR A 260 32.07 -24.45 -13.65
CA TYR A 260 32.69 -24.11 -12.37
C TYR A 260 34.21 -24.14 -12.42
N ASN A 261 34.80 -23.99 -13.61
CA ASN A 261 36.24 -24.05 -13.77
C ASN A 261 36.89 -22.69 -13.60
N ASN A 262 36.11 -21.64 -13.36
CA ASN A 262 36.63 -20.29 -13.24
C ASN A 262 37.46 -19.91 -14.47
N LEU A 263 36.92 -20.25 -15.63
CA LEU A 263 37.59 -20.02 -16.90
C LEU A 263 37.62 -18.53 -17.19
N ASN A 264 38.75 -17.89 -16.90
CA ASN A 264 38.85 -16.43 -17.04
C ASN A 264 38.78 -16.02 -18.49
N VAL A 265 39.57 -16.65 -19.35
CA VAL A 265 39.58 -16.35 -20.78
C VAL A 265 39.54 -17.66 -21.55
N VAL A 266 39.07 -17.56 -22.79
CA VAL A 266 39.05 -18.71 -23.70
C VAL A 266 39.94 -18.37 -24.87
N GLY A 267 40.89 -19.25 -25.16
CA GLY A 267 41.85 -18.95 -26.20
C GLY A 267 41.27 -19.03 -27.59
N ASN A 268 41.97 -18.37 -28.51
CA ASN A 268 41.62 -18.38 -29.92
C ASN A 268 41.80 -19.79 -30.47
N ASP A 269 40.78 -20.29 -31.19
CA ASP A 269 40.80 -21.62 -31.79
C ASP A 269 41.06 -22.70 -30.74
N SER A 270 40.47 -22.53 -29.57
CA SER A 270 40.68 -23.51 -28.50
C SER A 270 39.95 -24.81 -28.77
N PHE A 271 38.73 -24.72 -29.28
CA PHE A 271 37.87 -25.88 -29.47
C PHE A 271 37.83 -26.32 -30.93
N ALA A 272 38.85 -26.00 -31.71
CA ALA A 272 38.90 -26.44 -33.09
C ALA A 272 39.16 -27.92 -33.21
N TRP A 273 39.50 -28.59 -32.10
CA TRP A 273 39.82 -30.02 -32.11
C TRP A 273 38.65 -30.87 -31.71
N LEU A 274 37.44 -30.34 -31.71
CA LEU A 274 36.25 -31.08 -31.33
C LEU A 274 35.20 -30.95 -32.44
N PRO A 275 35.40 -31.64 -33.56
CA PRO A 275 34.40 -31.57 -34.63
C PRO A 275 33.18 -32.43 -34.36
N GLN A 276 33.27 -33.40 -33.46
CA GLN A 276 32.16 -34.28 -33.14
C GLN A 276 31.42 -33.89 -31.87
N LEU A 277 31.77 -32.76 -31.28
CA LEU A 277 31.13 -32.32 -30.06
C LEU A 277 29.66 -32.00 -30.31
N GLU A 278 28.79 -32.44 -29.39
CA GLU A 278 27.36 -32.23 -29.55
C GLU A 278 26.74 -31.57 -28.33
N TYR A 279 27.33 -31.76 -27.16
CA TYR A 279 26.83 -31.19 -25.92
C TYR A 279 27.99 -30.51 -25.23
N PHE A 280 27.96 -29.19 -25.15
CA PHE A 280 29.03 -28.40 -24.56
C PHE A 280 28.46 -27.63 -23.39
N PHE A 281 29.16 -27.66 -22.26
CA PHE A 281 28.74 -27.02 -21.03
C PHE A 281 29.77 -25.99 -20.61
N LEU A 282 29.31 -24.79 -20.28
CA LEU A 282 30.23 -23.77 -19.79
C LEU A 282 29.63 -22.98 -18.64
N GLU A 283 28.63 -23.52 -17.95
CA GLU A 283 27.93 -22.74 -16.94
C GLU A 283 28.81 -22.43 -15.74
N TYR A 284 28.55 -21.27 -15.13
CA TYR A 284 29.23 -20.81 -13.91
C TYR A 284 30.73 -20.70 -14.10
N ASN A 285 31.12 -19.82 -15.01
CA ASN A 285 32.52 -19.52 -15.28
C ASN A 285 32.73 -18.02 -15.07
N ASN A 286 33.93 -17.56 -15.42
CA ASN A 286 34.31 -16.17 -15.24
C ASN A 286 34.93 -15.62 -16.52
N ILE A 287 34.29 -15.91 -17.65
CA ILE A 287 34.81 -15.44 -18.94
C ILE A 287 34.58 -13.95 -19.06
N GLN A 288 35.63 -13.22 -19.40
CA GLN A 288 35.56 -11.77 -19.56
C GLN A 288 35.48 -11.32 -21.00
N HIS A 289 35.85 -12.17 -21.95
CA HIS A 289 35.82 -11.77 -23.36
C HIS A 289 35.76 -13.02 -24.22
N LEU A 290 34.82 -13.04 -25.15
CA LEU A 290 34.65 -14.14 -26.08
C LEU A 290 35.04 -13.66 -27.47
N PHE A 291 36.03 -14.31 -28.07
CA PHE A 291 36.55 -13.88 -29.36
C PHE A 291 35.69 -14.40 -30.50
N SER A 292 35.90 -13.83 -31.68
CA SER A 292 35.16 -14.25 -32.86
C SER A 292 35.50 -15.70 -33.23
N HIS A 293 36.77 -16.06 -33.15
CA HIS A 293 37.21 -17.42 -33.45
C HIS A 293 37.32 -18.28 -32.21
N SER A 294 36.81 -17.81 -31.07
CA SER A 294 36.90 -18.59 -29.84
C SER A 294 36.16 -19.91 -29.93
N LEU A 295 34.97 -19.91 -30.54
CA LEU A 295 34.17 -21.12 -30.68
C LEU A 295 34.34 -21.78 -32.03
N HIS A 296 35.51 -21.62 -32.65
CA HIS A 296 35.76 -22.20 -33.96
C HIS A 296 35.84 -23.71 -33.88
N GLY A 297 35.37 -24.36 -34.95
CA GLY A 297 35.45 -25.81 -35.03
C GLY A 297 34.36 -26.58 -34.33
N LEU A 298 33.34 -25.91 -33.79
CA LEU A 298 32.24 -26.55 -33.09
C LEU A 298 30.99 -26.60 -33.94
N PHE A 299 31.12 -26.85 -35.22
CA PHE A 299 30.00 -26.81 -36.13
C PHE A 299 29.08 -27.95 -35.96
N ASN A 300 29.25 -28.80 -34.96
CA ASN A 300 28.36 -29.93 -34.75
C ASN A 300 27.68 -29.91 -33.38
N VAL A 301 27.86 -28.84 -32.61
CA VAL A 301 27.25 -28.75 -31.28
C VAL A 301 25.75 -28.58 -31.40
N ARG A 302 25.00 -29.38 -30.65
CA ARG A 302 23.54 -29.30 -30.65
C ARG A 302 22.99 -28.69 -29.38
N TYR A 303 23.80 -28.47 -28.36
CA TYR A 303 23.31 -27.90 -27.11
C TYR A 303 24.47 -27.21 -26.42
N LEU A 304 24.37 -25.89 -26.27
CA LEU A 304 25.39 -25.10 -25.60
C LEU A 304 24.76 -24.41 -24.40
N ASN A 305 25.42 -24.51 -23.25
CA ASN A 305 24.96 -23.91 -22.01
C ASN A 305 25.93 -22.83 -21.58
N LEU A 306 25.43 -21.63 -21.33
CA LEU A 306 26.23 -20.49 -20.94
C LEU A 306 25.60 -19.77 -19.76
N LYS A 307 25.03 -20.51 -18.83
CA LYS A 307 24.41 -19.90 -17.66
C LYS A 307 25.47 -19.43 -16.69
N ARG A 308 25.52 -18.13 -16.47
CA ARG A 308 26.54 -17.51 -15.62
C ARG A 308 27.95 -17.78 -16.13
N SER A 309 28.07 -17.98 -17.43
CA SER A 309 29.37 -18.28 -18.02
C SER A 309 30.26 -17.05 -18.14
N PHE A 310 29.69 -15.86 -18.06
CA PHE A 310 30.45 -14.63 -18.22
C PHE A 310 30.60 -13.91 -16.90
N THR A 311 31.57 -13.01 -16.84
CA THR A 311 31.88 -12.31 -15.61
C THR A 311 30.74 -11.39 -15.20
N LYS A 312 30.59 -11.23 -13.89
CA LYS A 312 29.61 -10.32 -13.34
C LYS A 312 30.15 -8.90 -13.33
N GLN A 313 29.23 -7.94 -13.27
CA GLN A 313 29.63 -6.55 -13.26
C GLN A 313 30.29 -6.19 -11.93
N SER A 314 31.31 -5.35 -12.01
CA SER A 314 32.01 -4.85 -10.83
C SER A 314 32.07 -3.33 -10.91
N ILE A 315 31.68 -2.66 -9.83
CA ILE A 315 31.69 -1.20 -9.82
C ILE A 315 33.11 -0.65 -9.89
N SER A 316 34.10 -1.47 -9.51
CA SER A 316 35.48 -0.99 -9.52
C SER A 316 35.96 -0.68 -10.94
N LEU A 317 35.63 -1.55 -11.90
CA LEU A 317 36.13 -1.41 -13.26
C LEU A 317 35.05 -1.45 -14.33
N ALA A 318 33.81 -1.83 -14.00
CA ALA A 318 32.75 -1.97 -14.98
C ALA A 318 33.18 -2.92 -16.10
N SER A 319 33.78 -4.04 -15.72
CA SER A 319 34.29 -5.02 -16.67
C SER A 319 33.13 -5.87 -17.18
N LEU A 320 32.29 -5.25 -17.99
CA LEU A 320 31.17 -5.96 -18.59
C LEU A 320 31.69 -6.96 -19.62
N PRO A 321 31.24 -8.21 -19.59
CA PRO A 321 31.73 -9.21 -20.56
C PRO A 321 31.28 -8.84 -21.98
N LYS A 322 32.25 -8.59 -22.84
CA LYS A 322 31.98 -8.21 -24.22
C LYS A 322 32.04 -9.43 -25.12
N ILE A 323 31.02 -9.59 -25.96
CA ILE A 323 30.97 -10.68 -26.94
C ILE A 323 31.18 -10.07 -28.30
N ASP A 324 32.22 -10.52 -28.99
CA ASP A 324 32.54 -9.97 -30.29
C ASP A 324 31.50 -10.38 -31.33
N ASP A 325 31.44 -9.62 -32.41
CA ASP A 325 30.50 -9.91 -33.47
C ASP A 325 30.88 -11.20 -34.19
N PHE A 326 29.86 -11.90 -34.68
CA PHE A 326 30.02 -13.17 -35.38
C PHE A 326 30.70 -14.20 -34.50
N SER A 327 30.49 -14.11 -33.18
CA SER A 327 31.11 -15.06 -32.28
C SER A 327 30.44 -16.41 -32.34
N PHE A 328 29.16 -16.46 -32.66
CA PHE A 328 28.40 -17.69 -32.77
C PHE A 328 28.21 -18.15 -34.20
N GLN A 329 28.97 -17.59 -35.14
CA GLN A 329 28.82 -17.94 -36.54
C GLN A 329 29.22 -19.37 -36.84
N TRP A 330 30.01 -20.00 -35.98
CA TRP A 330 30.49 -21.36 -36.23
C TRP A 330 29.50 -22.45 -35.85
N LEU A 331 28.59 -22.18 -34.93
CA LEU A 331 27.65 -23.19 -34.44
C LEU A 331 26.54 -23.35 -35.49
N LYS A 332 26.88 -24.08 -36.56
CA LYS A 332 25.90 -24.28 -37.63
C LYS A 332 24.74 -25.17 -37.20
N CYS A 333 25.02 -26.20 -36.40
CA CYS A 333 24.00 -27.17 -36.02
C CYS A 333 23.47 -26.92 -34.61
N LEU A 334 23.70 -25.73 -34.06
CA LEU A 334 23.21 -25.41 -32.74
C LEU A 334 21.68 -25.41 -32.74
N GLU A 335 21.10 -26.03 -31.71
CA GLU A 335 19.67 -26.11 -31.57
C GLU A 335 19.15 -25.70 -30.20
N HIS A 336 20.03 -25.38 -29.27
CA HIS A 336 19.59 -25.01 -27.93
C HIS A 336 20.69 -24.19 -27.28
N LEU A 337 20.36 -22.96 -26.90
CA LEU A 337 21.34 -22.05 -26.30
C LEU A 337 20.75 -21.51 -25.01
N ASN A 338 21.15 -22.10 -23.89
CA ASN A 338 20.78 -21.62 -22.57
C ASN A 338 21.81 -20.59 -22.15
N MET A 339 21.38 -19.35 -22.00
CA MET A 339 22.31 -18.23 -21.82
C MET A 339 21.79 -17.29 -20.75
N GLU A 340 21.35 -17.87 -19.64
CA GLU A 340 20.71 -17.12 -18.56
C GLU A 340 21.74 -16.60 -17.55
N ASP A 341 21.30 -15.58 -16.79
CA ASP A 341 22.05 -15.00 -15.67
C ASP A 341 23.45 -14.55 -16.10
N ASN A 342 23.48 -13.61 -17.03
CA ASN A 342 24.72 -13.02 -17.52
C ASN A 342 24.61 -11.50 -17.45
N ASP A 343 25.72 -10.83 -17.71
CA ASP A 343 25.80 -9.39 -17.57
C ASP A 343 26.27 -8.74 -18.86
N ILE A 344 25.72 -9.18 -19.97
CA ILE A 344 26.09 -8.66 -21.30
C ILE A 344 25.54 -7.24 -21.44
N PRO A 345 26.31 -6.29 -21.98
CA PRO A 345 25.77 -4.94 -22.16
C PRO A 345 24.53 -4.86 -23.05
N GLY A 346 24.47 -5.65 -24.11
CA GLY A 346 23.31 -5.58 -24.97
C GLY A 346 23.49 -6.46 -26.19
N ILE A 347 22.46 -6.46 -27.02
CA ILE A 347 22.46 -7.24 -28.26
C ILE A 347 22.93 -6.36 -29.40
N LYS A 348 23.79 -6.92 -30.24
CA LYS A 348 24.33 -6.22 -31.40
C LYS A 348 23.70 -6.79 -32.67
N SER A 349 24.06 -6.19 -33.80
CA SER A 349 23.49 -6.59 -35.08
C SER A 349 24.08 -7.89 -35.60
N ASN A 350 25.19 -8.35 -35.05
CA ASN A 350 25.83 -9.57 -35.53
C ASN A 350 26.13 -10.55 -34.40
N MET A 351 25.49 -10.39 -33.25
CA MET A 351 25.77 -11.26 -32.11
C MET A 351 25.37 -12.70 -32.38
N PHE A 352 24.21 -12.91 -33.02
CA PHE A 352 23.68 -14.25 -33.24
C PHE A 352 23.72 -14.68 -34.70
N THR A 353 24.52 -14.01 -35.53
CA THR A 353 24.59 -14.37 -36.93
C THR A 353 25.25 -15.73 -37.12
N GLY A 354 24.70 -16.51 -38.05
CA GLY A 354 25.23 -17.81 -38.40
C GLY A 354 24.49 -18.99 -37.84
N LEU A 355 23.63 -18.78 -36.84
CA LEU A 355 22.86 -19.87 -36.24
C LEU A 355 21.67 -20.13 -37.14
N ILE A 356 21.86 -21.01 -38.11
CA ILE A 356 20.82 -21.31 -39.09
C ILE A 356 19.96 -22.50 -38.70
N ASN A 357 20.28 -23.19 -37.61
CA ASN A 357 19.49 -24.31 -37.14
C ASN A 357 18.98 -24.11 -35.73
N LEU A 358 19.12 -22.91 -35.18
CA LEU A 358 18.72 -22.65 -33.80
C LEU A 358 17.21 -22.77 -33.64
N LYS A 359 16.78 -23.39 -32.55
CA LYS A 359 15.37 -23.56 -32.25
C LYS A 359 14.97 -23.16 -30.85
N TYR A 360 15.91 -22.81 -29.98
CA TYR A 360 15.59 -22.43 -28.61
C TYR A 360 16.66 -21.49 -28.11
N LEU A 361 16.27 -20.25 -27.79
CA LEU A 361 17.18 -19.25 -27.26
C LEU A 361 16.61 -18.74 -25.95
N SER A 362 17.39 -18.83 -24.88
CA SER A 362 16.97 -18.37 -23.57
C SER A 362 17.87 -17.22 -23.16
N LEU A 363 17.26 -16.08 -22.82
CA LEU A 363 17.98 -14.88 -22.42
C LEU A 363 17.42 -14.34 -21.13
N SER A 364 17.10 -15.24 -20.19
CA SER A 364 16.55 -14.85 -18.91
C SER A 364 17.63 -14.17 -18.08
N ASN A 365 17.44 -12.89 -17.80
CA ASN A 365 18.41 -12.09 -17.03
C ASN A 365 19.78 -12.10 -17.68
N SER A 366 19.82 -12.15 -19.01
CA SER A 366 21.09 -12.22 -19.71
C SER A 366 21.77 -10.88 -19.90
N PHE A 367 21.05 -9.77 -19.75
CA PHE A 367 21.61 -8.45 -19.98
C PHE A 367 21.36 -7.57 -18.77
N THR A 368 22.31 -6.67 -18.50
CA THR A 368 22.16 -5.77 -17.37
C THR A 368 21.01 -4.80 -17.59
N SER A 369 20.94 -4.20 -18.77
CA SER A 369 19.91 -3.19 -19.05
C SER A 369 19.58 -3.22 -20.55
N LEU A 370 18.61 -4.06 -20.90
CA LEU A 370 18.00 -4.03 -22.22
C LEU A 370 16.68 -3.28 -22.10
N ARG A 371 16.78 -1.95 -21.99
CA ARG A 371 15.59 -1.14 -21.71
C ARG A 371 14.65 -1.13 -22.90
N THR A 372 15.15 -0.88 -24.10
CA THR A 372 14.33 -0.68 -25.28
C THR A 372 14.56 -1.79 -26.29
N LEU A 373 13.47 -2.34 -26.82
CA LEU A 373 13.55 -3.37 -27.85
C LEU A 373 13.33 -2.71 -29.20
N THR A 374 14.41 -2.13 -29.71
CA THR A 374 14.43 -1.50 -31.02
C THR A 374 14.20 -2.55 -32.09
N ASN A 375 13.58 -2.14 -33.19
CA ASN A 375 13.25 -3.07 -34.26
C ASN A 375 14.50 -3.67 -34.90
N GLU A 376 15.67 -3.11 -34.66
CA GLU A 376 16.91 -3.68 -35.15
C GLU A 376 17.61 -4.58 -34.13
N THR A 377 17.00 -4.84 -32.98
CA THR A 377 17.65 -5.66 -31.96
C THR A 377 17.79 -7.11 -32.40
N PHE A 378 16.72 -7.70 -32.94
CA PHE A 378 16.73 -9.10 -33.33
C PHE A 378 17.04 -9.30 -34.81
N VAL A 379 17.80 -8.39 -35.41
CA VAL A 379 18.14 -8.53 -36.83
C VAL A 379 19.08 -9.70 -37.06
N SER A 380 19.92 -10.03 -36.08
CA SER A 380 20.82 -11.16 -36.22
C SER A 380 20.09 -12.49 -36.24
N LEU A 381 18.85 -12.53 -35.77
CA LEU A 381 18.06 -13.75 -35.74
C LEU A 381 17.10 -13.84 -36.91
N ALA A 382 17.39 -13.15 -38.01
CA ALA A 382 16.49 -13.16 -39.15
C ALA A 382 16.42 -14.52 -39.80
N HIS A 383 17.56 -15.17 -40.00
CA HIS A 383 17.59 -16.48 -40.66
C HIS A 383 17.55 -17.64 -39.68
N SER A 384 17.52 -17.38 -38.38
CA SER A 384 17.45 -18.43 -37.38
C SER A 384 16.02 -18.91 -37.22
N PRO A 385 15.73 -20.18 -37.40
CA PRO A 385 14.36 -20.69 -37.22
C PRO A 385 13.98 -20.87 -35.77
N LEU A 386 13.94 -19.77 -35.03
CA LEU A 386 13.62 -19.83 -33.62
C LEU A 386 12.18 -20.25 -33.39
N HIS A 387 11.98 -20.99 -32.31
CA HIS A 387 10.66 -21.39 -31.86
C HIS A 387 10.32 -20.86 -30.49
N ILE A 388 11.27 -20.86 -29.56
CA ILE A 388 11.03 -20.38 -28.21
C ILE A 388 12.07 -19.33 -27.86
N LEU A 389 11.61 -18.16 -27.40
CA LEU A 389 12.49 -17.08 -26.98
C LEU A 389 12.09 -16.67 -25.57
N ASN A 390 13.07 -16.56 -24.68
CA ASN A 390 12.83 -16.23 -23.28
C ASN A 390 13.51 -14.91 -22.95
N LEU A 391 12.75 -13.96 -22.40
CA LEU A 391 13.27 -12.64 -22.11
C LEU A 391 12.79 -12.15 -20.75
N THR A 392 12.85 -13.00 -19.75
CA THR A 392 12.43 -12.63 -18.40
C THR A 392 13.57 -11.99 -17.63
N LYS A 393 13.20 -11.09 -16.72
CA LYS A 393 14.14 -10.42 -15.82
C LYS A 393 15.24 -9.67 -16.55
N ASN A 394 14.94 -9.16 -17.74
CA ASN A 394 15.88 -8.34 -18.50
C ASN A 394 15.66 -6.85 -18.27
N LYS A 395 14.71 -6.48 -17.41
CA LYS A 395 14.41 -5.08 -17.10
C LYS A 395 14.04 -4.31 -18.37
N ILE A 396 13.29 -4.96 -19.25
CA ILE A 396 12.85 -4.32 -20.49
C ILE A 396 11.80 -3.28 -20.15
N SER A 397 11.98 -2.06 -20.65
CA SER A 397 11.08 -0.97 -20.33
C SER A 397 10.22 -0.50 -21.49
N LYS A 398 10.60 -0.81 -22.72
CA LYS A 398 9.85 -0.34 -23.88
C LYS A 398 10.06 -1.29 -25.04
N ILE A 399 9.00 -1.55 -25.80
CA ILE A 399 9.06 -2.37 -27.01
C ILE A 399 8.53 -1.54 -28.16
N GLU A 400 9.39 -1.24 -29.12
CA GLU A 400 8.99 -0.45 -30.26
C GLU A 400 8.37 -1.32 -31.34
N SER A 401 7.80 -0.66 -32.34
CA SER A 401 7.15 -1.37 -33.43
C SER A 401 8.15 -2.16 -34.25
N ASP A 402 7.66 -3.26 -34.82
CA ASP A 402 8.46 -4.16 -35.64
C ASP A 402 9.64 -4.75 -34.89
N ALA A 403 9.53 -4.82 -33.56
CA ALA A 403 10.62 -5.37 -32.77
C ALA A 403 10.86 -6.84 -33.08
N PHE A 404 9.79 -7.61 -33.26
CA PHE A 404 9.86 -9.03 -33.56
C PHE A 404 9.51 -9.33 -35.00
N SER A 405 9.79 -8.40 -35.90
CA SER A 405 9.49 -8.59 -37.31
C SER A 405 10.43 -9.59 -37.97
N TRP A 406 11.50 -9.99 -37.31
CA TRP A 406 12.45 -10.92 -37.90
C TRP A 406 12.18 -12.37 -37.51
N LEU A 407 11.40 -12.61 -36.47
CA LEU A 407 11.13 -13.96 -35.99
C LEU A 407 9.83 -14.48 -36.61
N GLY A 408 9.93 -14.92 -37.86
CA GLY A 408 8.77 -15.44 -38.55
C GLY A 408 8.32 -16.80 -38.09
N HIS A 409 9.24 -17.60 -37.52
CA HIS A 409 8.91 -18.94 -37.04
C HIS A 409 8.68 -18.98 -35.55
N LEU A 410 8.70 -17.83 -34.88
CA LEU A 410 8.56 -17.81 -33.43
C LEU A 410 7.19 -18.34 -33.02
N GLU A 411 7.19 -19.16 -31.98
CA GLU A 411 5.96 -19.74 -31.44
C GLU A 411 5.71 -19.39 -30.00
N VAL A 412 6.73 -19.36 -29.16
CA VAL A 412 6.59 -19.03 -27.76
C VAL A 412 7.46 -17.81 -27.46
N LEU A 413 6.85 -16.77 -26.91
CA LEU A 413 7.54 -15.56 -26.51
C LEU A 413 7.31 -15.36 -25.02
N ASP A 414 8.38 -15.20 -24.27
CA ASP A 414 8.30 -15.01 -22.82
C ASP A 414 8.86 -13.64 -22.47
N LEU A 415 7.97 -12.67 -22.27
CA LEU A 415 8.35 -11.32 -21.90
C LEU A 415 7.98 -10.98 -20.47
N GLY A 416 7.72 -11.97 -19.64
CA GLY A 416 7.28 -11.69 -18.29
C GLY A 416 8.41 -11.28 -17.37
N LEU A 417 8.03 -10.87 -16.16
CA LEU A 417 8.97 -10.46 -15.12
C LEU A 417 9.89 -9.35 -15.61
N ASN A 418 9.34 -8.40 -16.32
CA ASN A 418 10.06 -7.24 -16.84
C ASN A 418 9.42 -5.98 -16.27
N GLU A 419 9.88 -4.83 -16.75
CA GLU A 419 9.35 -3.54 -16.35
C GLU A 419 8.75 -2.81 -17.54
N ILE A 420 8.01 -3.53 -18.38
CA ILE A 420 7.47 -2.98 -19.61
C ILE A 420 6.27 -2.09 -19.27
N GLY A 421 6.45 -0.79 -19.43
CA GLY A 421 5.34 0.14 -19.27
C GLY A 421 5.13 0.95 -20.52
N GLN A 422 4.03 0.71 -21.22
CA GLN A 422 3.78 1.34 -22.51
C GLN A 422 2.32 1.13 -22.86
N GLU A 423 1.95 1.53 -24.07
CA GLU A 423 0.64 1.27 -24.65
C GLU A 423 0.82 0.36 -25.86
N LEU A 424 0.13 -0.78 -25.84
CA LEU A 424 0.24 -1.76 -26.91
C LEU A 424 -0.52 -1.24 -28.11
N THR A 425 0.20 -0.58 -29.02
CA THR A 425 -0.42 -0.08 -30.24
C THR A 425 -0.81 -1.20 -31.19
N GLY A 426 -0.23 -2.38 -31.02
CA GLY A 426 -0.54 -3.51 -31.87
C GLY A 426 0.50 -3.79 -32.93
N GLN A 427 1.38 -2.82 -33.21
CA GLN A 427 2.40 -3.04 -34.22
C GLN A 427 3.62 -3.77 -33.68
N GLU A 428 3.69 -4.01 -32.36
CA GLU A 428 4.83 -4.70 -31.81
C GLU A 428 4.85 -6.18 -32.17
N TRP A 429 3.71 -6.75 -32.52
CA TRP A 429 3.61 -8.17 -32.81
C TRP A 429 3.64 -8.48 -34.30
N ARG A 430 3.96 -7.50 -35.14
CA ARG A 430 4.02 -7.75 -36.57
C ARG A 430 5.14 -8.71 -36.90
N GLY A 431 4.87 -9.62 -37.82
CA GLY A 431 5.83 -10.62 -38.24
C GLY A 431 5.73 -11.94 -37.53
N LEU A 432 4.97 -12.03 -36.46
CA LEU A 432 4.78 -13.28 -35.72
C LEU A 432 3.63 -14.06 -36.35
N GLU A 433 3.90 -14.58 -37.54
CA GLU A 433 2.88 -15.31 -38.28
C GLU A 433 2.59 -16.69 -37.70
N ASN A 434 3.49 -17.25 -36.91
CA ASN A 434 3.31 -18.59 -36.35
C ASN A 434 3.37 -18.57 -34.83
N ILE A 435 3.05 -17.43 -34.22
CA ILE A 435 3.10 -17.31 -32.77
C ILE A 435 1.96 -18.09 -32.13
N PHE A 436 2.24 -18.72 -30.99
CA PHE A 436 1.25 -19.49 -30.24
C PHE A 436 1.03 -18.96 -28.83
N GLU A 437 2.09 -18.71 -28.08
CA GLU A 437 1.99 -18.28 -26.69
C GLU A 437 2.79 -17.02 -26.47
N ILE A 438 2.19 -16.05 -25.77
CA ILE A 438 2.86 -14.82 -25.40
C ILE A 438 2.66 -14.62 -23.91
N TYR A 439 3.75 -14.51 -23.17
CA TYR A 439 3.72 -14.32 -21.73
C TYR A 439 4.11 -12.88 -21.43
N LEU A 440 3.30 -12.20 -20.64
CA LEU A 440 3.59 -10.81 -20.32
C LEU A 440 3.35 -10.50 -18.85
N SER A 441 3.27 -11.51 -18.00
CA SER A 441 2.92 -11.30 -16.61
C SER A 441 4.02 -10.58 -15.86
N TYR A 442 3.62 -9.91 -14.78
CA TYR A 442 4.51 -9.21 -13.86
C TYR A 442 5.32 -8.12 -14.57
N ASN A 443 4.59 -7.18 -15.15
CA ASN A 443 5.15 -6.01 -15.79
C ASN A 443 4.73 -4.77 -15.03
N LYS A 444 5.17 -3.60 -15.51
CA LYS A 444 4.84 -2.37 -14.81
C LYS A 444 3.40 -1.96 -15.07
N TYR A 445 3.05 -1.67 -16.33
CA TYR A 445 1.67 -1.36 -16.67
C TYR A 445 1.51 -1.45 -18.18
N LEU A 446 0.39 -2.03 -18.61
CA LEU A 446 0.09 -2.19 -20.02
C LEU A 446 -1.26 -1.54 -20.32
N GLN A 447 -1.32 -0.82 -21.43
CA GLN A 447 -2.52 -0.12 -21.87
C GLN A 447 -2.94 -0.72 -23.21
N LEU A 448 -4.01 -1.49 -23.21
CA LEU A 448 -4.48 -2.16 -24.41
C LEU A 448 -5.24 -1.21 -25.33
N THR A 449 -5.30 -1.57 -26.60
CA THR A 449 -5.95 -0.80 -27.64
C THR A 449 -6.85 -1.74 -28.42
N ARG A 450 -7.70 -1.17 -29.28
CA ARG A 450 -8.63 -1.98 -30.05
C ARG A 450 -7.92 -3.03 -30.90
N ASN A 451 -6.79 -2.66 -31.51
CA ASN A 451 -6.05 -3.55 -32.38
C ASN A 451 -4.72 -3.97 -31.76
N SER A 452 -4.72 -4.22 -30.45
CA SER A 452 -3.49 -4.62 -29.76
C SER A 452 -2.99 -5.97 -30.24
N PHE A 453 -3.89 -6.92 -30.46
CA PHE A 453 -3.51 -8.27 -30.89
C PHE A 453 -4.12 -8.62 -32.23
N ALA A 454 -4.31 -7.62 -33.09
CA ALA A 454 -4.91 -7.87 -34.39
C ALA A 454 -3.93 -8.47 -35.37
N LEU A 455 -2.63 -8.38 -35.11
CA LEU A 455 -1.63 -8.90 -36.03
C LEU A 455 -1.18 -10.32 -35.71
N VAL A 456 -1.73 -10.93 -34.66
CA VAL A 456 -1.35 -12.30 -34.30
C VAL A 456 -2.63 -13.11 -34.09
N PRO A 457 -3.38 -13.40 -35.15
CA PRO A 457 -4.59 -14.20 -34.98
C PRO A 457 -4.34 -15.63 -34.55
N SER A 458 -3.11 -16.12 -34.70
CA SER A 458 -2.78 -17.50 -34.35
C SER A 458 -2.48 -17.68 -32.88
N LEU A 459 -2.53 -16.61 -32.09
CA LEU A 459 -2.21 -16.70 -30.68
C LEU A 459 -3.17 -17.62 -29.95
N GLN A 460 -2.62 -18.41 -29.02
CA GLN A 460 -3.41 -19.34 -28.22
C GLN A 460 -3.28 -19.13 -26.72
N ARG A 461 -2.17 -18.60 -26.24
CA ARG A 461 -1.97 -18.32 -24.81
C ARG A 461 -1.63 -16.85 -24.64
N LEU A 462 -2.22 -16.22 -23.64
CA LEU A 462 -1.96 -14.81 -23.37
C LEU A 462 -2.05 -14.61 -21.87
N MET A 463 -0.90 -14.55 -21.20
CA MET A 463 -0.84 -14.38 -19.77
C MET A 463 -0.56 -12.93 -19.44
N LEU A 464 -1.44 -12.32 -18.65
CA LEU A 464 -1.33 -10.92 -18.24
C LEU A 464 -1.54 -10.78 -16.75
N ARG A 465 -0.89 -11.64 -15.98
CA ARG A 465 -1.04 -11.64 -14.53
C ARG A 465 -0.24 -10.51 -13.90
N ARG A 466 -0.92 -9.69 -13.10
CA ARG A 466 -0.30 -8.60 -12.37
C ARG A 466 0.47 -7.66 -13.30
N VAL A 467 -0.25 -7.08 -14.25
CA VAL A 467 0.30 -6.15 -15.21
C VAL A 467 -0.40 -4.80 -15.19
N ALA A 468 -1.42 -4.65 -14.35
CA ALA A 468 -2.18 -3.41 -14.24
C ALA A 468 -2.73 -3.00 -15.60
N LEU A 469 -3.60 -3.86 -16.13
CA LEU A 469 -4.21 -3.60 -17.42
C LEU A 469 -5.04 -2.34 -17.38
N LYS A 470 -4.99 -1.57 -18.45
CA LYS A 470 -5.75 -0.34 -18.59
C LYS A 470 -6.46 -0.34 -19.94
N ASN A 471 -7.62 0.31 -19.98
CA ASN A 471 -8.43 0.41 -21.18
C ASN A 471 -8.81 -0.95 -21.74
N VAL A 472 -9.00 -1.94 -20.87
CA VAL A 472 -9.46 -3.26 -21.29
C VAL A 472 -10.94 -3.27 -21.64
N ASP A 473 -11.67 -2.21 -21.29
CA ASP A 473 -13.10 -2.09 -21.54
C ASP A 473 -13.40 -1.26 -22.77
N SER A 474 -12.57 -1.36 -23.80
CA SER A 474 -12.84 -0.67 -25.05
C SER A 474 -14.07 -1.25 -25.73
N SER A 475 -14.76 -0.43 -26.52
CA SER A 475 -15.96 -0.88 -27.20
C SER A 475 -15.71 -2.07 -28.12
N PRO A 476 -14.68 -2.06 -28.97
CA PRO A 476 -14.31 -3.31 -29.66
C PRO A 476 -13.42 -4.13 -28.75
N SER A 477 -13.71 -5.41 -28.63
CA SER A 477 -12.96 -6.27 -27.73
C SER A 477 -11.54 -6.45 -28.25
N PRO A 478 -10.51 -6.13 -27.45
CA PRO A 478 -9.13 -6.35 -27.92
C PRO A 478 -8.81 -7.79 -28.21
N PHE A 479 -9.54 -8.73 -27.63
CA PHE A 479 -9.30 -10.15 -27.85
C PHE A 479 -10.09 -10.72 -29.01
N GLN A 480 -10.84 -9.88 -29.72
CA GLN A 480 -11.63 -10.36 -30.85
C GLN A 480 -10.80 -11.03 -31.95
N PRO A 481 -9.68 -10.47 -32.42
CA PRO A 481 -8.91 -11.16 -33.46
C PRO A 481 -8.33 -12.51 -33.05
N LEU A 482 -8.17 -12.77 -31.75
CA LEU A 482 -7.61 -14.03 -31.25
C LEU A 482 -8.69 -15.12 -31.31
N ARG A 483 -8.95 -15.59 -32.52
CA ARG A 483 -9.98 -16.62 -32.72
C ARG A 483 -9.58 -17.96 -32.14
N ASN A 484 -8.28 -18.25 -32.05
CA ASN A 484 -7.79 -19.53 -31.58
C ASN A 484 -7.31 -19.49 -30.14
N LEU A 485 -7.65 -18.44 -29.40
CA LEU A 485 -7.22 -18.33 -28.02
C LEU A 485 -7.84 -19.42 -27.16
N THR A 486 -7.02 -20.00 -26.29
CA THR A 486 -7.46 -21.06 -25.39
C THR A 486 -7.24 -20.73 -23.92
N ILE A 487 -6.13 -20.10 -23.57
CA ILE A 487 -5.81 -19.76 -22.18
C ILE A 487 -5.60 -18.26 -22.09
N LEU A 488 -6.33 -17.62 -21.18
CA LEU A 488 -6.20 -16.20 -20.94
C LEU A 488 -6.13 -15.97 -19.44
N ASP A 489 -5.11 -15.25 -19.00
CA ASP A 489 -4.89 -14.96 -17.58
C ASP A 489 -4.91 -13.46 -17.38
N LEU A 490 -5.82 -12.99 -16.53
CA LEU A 490 -5.97 -11.58 -16.20
C LEU A 490 -6.08 -11.36 -14.70
N SER A 491 -5.23 -12.05 -13.93
CA SER A 491 -5.32 -12.01 -12.48
C SER A 491 -4.46 -10.90 -11.91
N ASN A 492 -4.89 -10.39 -10.75
CA ASN A 492 -4.15 -9.39 -9.99
C ASN A 492 -3.91 -8.10 -10.78
N ASN A 493 -4.83 -7.77 -11.68
CA ASN A 493 -4.73 -6.55 -12.47
C ASN A 493 -5.61 -5.43 -11.95
N ASN A 494 -6.37 -5.67 -10.88
CA ASN A 494 -7.27 -4.67 -10.32
C ASN A 494 -8.24 -4.14 -11.38
N ILE A 495 -8.75 -5.03 -12.22
CA ILE A 495 -9.67 -4.65 -13.27
C ILE A 495 -11.01 -4.27 -12.66
N ALA A 496 -11.58 -3.16 -13.10
CA ALA A 496 -12.83 -2.66 -12.57
C ALA A 496 -14.00 -2.85 -13.52
N ASN A 497 -13.84 -2.47 -14.79
CA ASN A 497 -14.93 -2.49 -15.76
C ASN A 497 -14.62 -3.47 -16.88
N ILE A 498 -15.57 -4.35 -17.17
CA ILE A 498 -15.51 -5.31 -18.27
C ILE A 498 -16.77 -5.22 -19.09
N ASN A 499 -16.62 -5.16 -20.41
CA ASN A 499 -17.77 -5.19 -21.29
C ASN A 499 -18.24 -6.62 -21.49
N ASP A 500 -19.54 -6.75 -21.82
CA ASP A 500 -20.11 -8.07 -22.03
C ASP A 500 -19.62 -8.74 -23.30
N ASP A 501 -19.08 -7.98 -24.24
CA ASP A 501 -18.61 -8.52 -25.50
C ASP A 501 -17.10 -8.66 -25.55
N MET A 502 -16.43 -8.58 -24.39
CA MET A 502 -14.98 -8.69 -24.38
C MET A 502 -14.53 -10.08 -24.84
N LEU A 503 -15.26 -11.12 -24.44
CA LEU A 503 -14.92 -12.48 -24.82
C LEU A 503 -15.81 -13.01 -25.94
N GLU A 504 -16.40 -12.12 -26.72
CA GLU A 504 -17.28 -12.56 -27.80
C GLU A 504 -16.46 -13.18 -28.93
N GLY A 505 -16.91 -14.34 -29.41
CA GLY A 505 -16.29 -15.04 -30.50
C GLY A 505 -15.18 -16.01 -30.14
N LEU A 506 -14.77 -16.06 -28.86
CA LEU A 506 -13.70 -16.94 -28.42
C LEU A 506 -14.30 -18.29 -28.00
N GLU A 507 -14.75 -19.02 -29.01
CA GLU A 507 -15.39 -20.31 -28.77
C GLU A 507 -14.40 -21.34 -28.23
N LYS A 508 -13.15 -21.26 -28.65
CA LYS A 508 -12.15 -22.26 -28.27
C LYS A 508 -11.48 -21.96 -26.94
N LEU A 509 -11.85 -20.88 -26.27
CA LEU A 509 -11.26 -20.56 -24.98
C LEU A 509 -11.58 -21.64 -23.96
N GLU A 510 -10.55 -22.06 -23.22
CA GLU A 510 -10.70 -23.14 -22.24
C GLU A 510 -10.41 -22.72 -20.81
N ILE A 511 -9.30 -22.03 -20.57
CA ILE A 511 -8.89 -21.64 -19.24
C ILE A 511 -8.93 -20.13 -19.15
N LEU A 512 -9.70 -19.60 -18.21
CA LEU A 512 -9.81 -18.17 -18.00
C LEU A 512 -9.56 -17.88 -16.52
N ASP A 513 -8.67 -16.94 -16.25
CA ASP A 513 -8.34 -16.54 -14.89
C ASP A 513 -8.64 -15.07 -14.70
N LEU A 514 -9.44 -14.77 -13.67
CA LEU A 514 -9.80 -13.39 -13.35
C LEU A 514 -9.75 -13.13 -11.86
N GLN A 515 -8.96 -13.89 -11.11
CA GLN A 515 -8.91 -13.75 -9.68
C GLN A 515 -8.17 -12.49 -9.27
N HIS A 516 -8.43 -12.05 -8.03
CA HIS A 516 -7.79 -10.88 -7.45
C HIS A 516 -8.04 -9.63 -8.29
N ASN A 517 -9.30 -9.41 -8.65
CA ASN A 517 -9.71 -8.21 -9.36
C ASN A 517 -10.84 -7.54 -8.61
N ASN A 518 -11.43 -6.50 -9.20
CA ASN A 518 -12.53 -5.77 -8.59
C ASN A 518 -13.69 -5.75 -9.58
N LEU A 519 -14.50 -6.81 -9.54
CA LEU A 519 -15.66 -6.95 -10.42
C LEU A 519 -16.96 -7.09 -9.63
N ALA A 520 -16.96 -6.68 -8.37
CA ALA A 520 -18.15 -6.84 -7.56
C ALA A 520 -19.32 -6.05 -8.11
N ARG A 521 -19.05 -4.82 -8.57
CA ARG A 521 -20.12 -3.95 -9.07
C ARG A 521 -20.77 -4.51 -10.33
N LEU A 522 -19.99 -5.18 -11.18
CA LEU A 522 -20.50 -5.63 -12.46
C LEU A 522 -21.58 -6.71 -12.34
N TRP A 523 -21.75 -7.30 -11.18
CA TRP A 523 -22.69 -8.40 -11.00
C TRP A 523 -23.83 -8.09 -10.05
N LYS A 524 -23.76 -7.01 -9.30
CA LYS A 524 -24.87 -6.62 -8.45
C LYS A 524 -26.04 -6.14 -9.31
N HIS A 525 -27.25 -6.40 -8.83
CA HIS A 525 -28.46 -6.00 -9.56
C HIS A 525 -28.65 -4.49 -9.58
N ALA A 526 -28.02 -3.77 -8.67
CA ALA A 526 -28.15 -2.32 -8.62
C ALA A 526 -27.20 -1.62 -9.57
N ASN A 527 -26.38 -2.37 -10.30
CA ASN A 527 -25.48 -1.75 -11.25
C ASN A 527 -26.28 -1.12 -12.38
N PRO A 528 -26.07 0.17 -12.68
CA PRO A 528 -26.77 0.78 -13.82
C PRO A 528 -26.41 0.07 -15.11
N GLY A 529 -27.41 -0.09 -15.98
CA GLY A 529 -27.22 -0.79 -17.22
C GLY A 529 -27.35 -2.29 -17.13
N GLY A 530 -27.58 -2.83 -15.94
CA GLY A 530 -27.76 -4.25 -15.75
C GLY A 530 -26.44 -4.97 -15.47
N PRO A 531 -26.54 -6.18 -14.92
CA PRO A 531 -25.34 -6.98 -14.68
C PRO A 531 -24.65 -7.33 -15.98
N ILE A 532 -23.33 -7.44 -15.92
CA ILE A 532 -22.53 -7.73 -17.09
C ILE A 532 -22.36 -9.24 -17.20
N TYR A 533 -22.88 -9.81 -18.30
CA TYR A 533 -22.76 -11.24 -18.56
C TYR A 533 -21.62 -11.45 -19.54
N PHE A 534 -20.40 -11.41 -19.03
CA PHE A 534 -19.20 -11.53 -19.84
C PHE A 534 -18.73 -12.97 -20.02
N LEU A 535 -19.55 -13.94 -19.71
CA LEU A 535 -19.20 -15.36 -19.83
C LEU A 535 -20.18 -16.09 -20.74
N LYS A 536 -20.64 -15.43 -21.79
CA LYS A 536 -21.56 -16.05 -22.73
C LYS A 536 -20.83 -16.45 -24.00
N GLY A 537 -21.17 -17.63 -24.52
CA GLY A 537 -20.56 -18.14 -25.72
C GLY A 537 -19.31 -18.98 -25.52
N LEU A 538 -18.80 -19.07 -24.28
CA LEU A 538 -17.61 -19.85 -23.99
C LEU A 538 -18.04 -21.29 -23.76
N SER A 539 -18.44 -21.94 -24.86
CA SER A 539 -18.93 -23.30 -24.79
C SER A 539 -17.85 -24.30 -24.44
N HIS A 540 -16.58 -23.96 -24.66
CA HIS A 540 -15.48 -24.87 -24.40
C HIS A 540 -14.70 -24.52 -23.14
N LEU A 541 -15.22 -23.62 -22.31
CA LEU A 541 -14.53 -23.24 -21.10
C LEU A 541 -14.47 -24.40 -20.13
N HIS A 542 -13.30 -24.62 -19.53
CA HIS A 542 -13.08 -25.71 -18.60
C HIS A 542 -12.70 -25.22 -17.21
N ILE A 543 -11.76 -24.29 -17.11
CA ILE A 543 -11.26 -23.82 -15.83
C ILE A 543 -11.59 -22.34 -15.72
N LEU A 544 -12.29 -21.97 -14.65
CA LEU A 544 -12.64 -20.59 -14.38
C LEU A 544 -12.16 -20.25 -12.98
N ASN A 545 -11.48 -19.12 -12.83
CA ASN A 545 -10.96 -18.68 -11.55
C ASN A 545 -11.49 -17.30 -11.25
N LEU A 546 -12.18 -17.14 -10.12
CA LEU A 546 -12.75 -15.85 -9.75
C LEU A 546 -12.52 -15.56 -8.27
N GLU A 547 -11.33 -15.83 -7.79
CA GLU A 547 -11.00 -15.63 -6.38
C GLU A 547 -10.77 -14.17 -6.06
N SER A 548 -11.17 -13.77 -4.86
CA SER A 548 -10.89 -12.45 -4.31
C SER A 548 -11.40 -11.32 -5.21
N ASN A 549 -12.57 -11.52 -5.80
CA ASN A 549 -13.19 -10.50 -6.64
C ASN A 549 -14.14 -9.59 -5.88
N GLY A 550 -14.42 -9.88 -4.61
CA GLY A 550 -15.34 -9.06 -3.86
C GLY A 550 -16.80 -9.25 -4.21
N PHE A 551 -17.12 -10.33 -4.92
CA PHE A 551 -18.49 -10.57 -5.37
C PHE A 551 -19.44 -10.66 -4.20
N ASP A 552 -20.57 -9.97 -4.30
CA ASP A 552 -21.62 -10.04 -3.29
C ASP A 552 -22.91 -10.64 -3.78
N GLU A 553 -23.10 -10.76 -5.10
CA GLU A 553 -24.32 -11.32 -5.66
C GLU A 553 -23.99 -11.93 -7.02
N ILE A 554 -24.62 -13.05 -7.33
CA ILE A 554 -24.36 -13.81 -8.54
C ILE A 554 -25.59 -13.69 -9.43
N PRO A 555 -25.47 -13.17 -10.65
CA PRO A 555 -26.61 -13.18 -11.56
C PRO A 555 -26.99 -14.60 -11.93
N VAL A 556 -28.28 -14.80 -12.18
CA VAL A 556 -28.83 -16.14 -12.34
C VAL A 556 -28.28 -16.80 -13.60
N GLU A 557 -28.07 -16.03 -14.66
CA GLU A 557 -27.74 -16.60 -15.96
C GLU A 557 -26.32 -16.24 -16.40
N VAL A 558 -25.36 -16.34 -15.48
CA VAL A 558 -23.97 -16.15 -15.86
C VAL A 558 -23.38 -17.44 -16.40
N PHE A 559 -23.65 -18.57 -15.73
CA PHE A 559 -23.14 -19.87 -16.14
C PHE A 559 -24.15 -20.65 -16.97
N LYS A 560 -24.99 -19.97 -17.73
CA LYS A 560 -26.05 -20.63 -18.47
C LYS A 560 -25.56 -21.36 -19.72
N ASP A 561 -24.33 -21.11 -20.17
CA ASP A 561 -23.83 -21.73 -21.39
C ASP A 561 -22.51 -22.46 -21.25
N LEU A 562 -21.96 -22.57 -20.04
CA LEU A 562 -20.71 -23.29 -19.80
C LEU A 562 -21.05 -24.78 -19.65
N PHE A 563 -21.31 -25.41 -20.79
CA PHE A 563 -21.73 -26.82 -20.79
C PHE A 563 -20.59 -27.77 -20.49
N GLU A 564 -19.34 -27.33 -20.61
CA GLU A 564 -18.20 -28.20 -20.37
C GLU A 564 -17.33 -27.71 -19.23
N LEU A 565 -17.88 -26.91 -18.32
CA LEU A 565 -17.11 -26.42 -17.19
C LEU A 565 -16.78 -27.57 -16.24
N LYS A 566 -15.54 -27.60 -15.79
CA LYS A 566 -15.08 -28.64 -14.87
C LYS A 566 -14.51 -28.10 -13.57
N ILE A 567 -13.74 -27.02 -13.59
CA ILE A 567 -13.15 -26.45 -12.39
C ILE A 567 -13.56 -25.00 -12.29
N ILE A 568 -14.22 -24.63 -11.19
CA ILE A 568 -14.62 -23.26 -10.95
C ILE A 568 -14.12 -22.83 -9.57
N ASP A 569 -13.53 -21.64 -9.50
CA ASP A 569 -12.94 -21.11 -8.29
C ASP A 569 -13.67 -19.84 -7.89
N LEU A 570 -14.19 -19.81 -6.66
CA LEU A 570 -14.91 -18.63 -6.17
C LEU A 570 -14.56 -18.33 -4.72
N GLY A 571 -13.37 -18.69 -4.29
CA GLY A 571 -12.97 -18.47 -2.92
C GLY A 571 -12.62 -17.04 -2.65
N LEU A 572 -12.53 -16.72 -1.36
CA LEU A 572 -12.15 -15.39 -0.87
C LEU A 572 -13.05 -14.29 -1.40
N ASN A 573 -14.34 -14.59 -1.54
CA ASN A 573 -15.34 -13.64 -1.99
C ASN A 573 -16.26 -13.27 -0.84
N ASN A 574 -17.29 -12.49 -1.14
CA ASN A 574 -18.27 -12.06 -0.16
C ASN A 574 -19.65 -12.64 -0.45
N LEU A 575 -19.69 -13.85 -0.99
CA LEU A 575 -20.96 -14.49 -1.31
C LEU A 575 -21.69 -14.88 -0.04
N ASN A 576 -22.96 -14.51 0.04
CA ASN A 576 -23.81 -14.91 1.15
C ASN A 576 -25.02 -15.70 0.70
N THR A 577 -25.66 -15.28 -0.39
CA THR A 577 -26.78 -15.99 -0.96
C THR A 577 -26.54 -16.14 -2.45
N LEU A 578 -27.08 -17.22 -3.02
CA LEU A 578 -26.91 -17.50 -4.42
C LEU A 578 -28.26 -17.73 -5.06
N PRO A 579 -28.42 -17.36 -6.32
CA PRO A 579 -29.70 -17.59 -7.00
C PRO A 579 -29.96 -19.07 -7.18
N ALA A 580 -31.23 -19.42 -7.11
CA ALA A 580 -31.64 -20.80 -7.31
C ALA A 580 -31.48 -21.18 -8.77
N SER A 581 -31.11 -22.43 -9.00
CA SER A 581 -30.97 -23.01 -10.33
C SER A 581 -29.94 -22.22 -11.16
N VAL A 582 -28.71 -22.21 -10.66
CA VAL A 582 -27.61 -21.51 -11.31
C VAL A 582 -26.63 -22.50 -11.93
N PHE A 583 -26.39 -23.63 -11.27
CA PHE A 583 -25.46 -24.64 -11.74
C PHE A 583 -26.14 -25.75 -12.51
N ASN A 584 -27.27 -25.45 -13.16
CA ASN A 584 -27.97 -26.48 -13.91
C ASN A 584 -27.14 -26.99 -15.08
N ASN A 585 -26.49 -26.08 -15.81
CA ASN A 585 -25.74 -26.45 -17.00
C ASN A 585 -24.37 -27.02 -16.72
N GLN A 586 -23.90 -26.97 -15.48
CA GLN A 586 -22.61 -27.54 -15.10
C GLN A 586 -22.79 -29.03 -14.82
N VAL A 587 -23.03 -29.76 -15.91
CA VAL A 587 -23.27 -31.20 -15.80
C VAL A 587 -22.00 -32.02 -15.65
N SER A 588 -20.84 -31.42 -15.90
CA SER A 588 -19.56 -32.12 -15.81
C SER A 588 -18.62 -31.44 -14.83
N LEU A 589 -19.17 -30.73 -13.85
CA LEU A 589 -18.34 -30.06 -12.86
C LEU A 589 -17.58 -31.08 -12.02
N LYS A 590 -16.32 -30.77 -11.74
CA LYS A 590 -15.45 -31.68 -10.99
C LYS A 590 -14.99 -31.09 -9.67
N SER A 591 -14.56 -29.83 -9.67
CA SER A 591 -14.07 -29.18 -8.46
C SER A 591 -14.78 -27.85 -8.28
N LEU A 592 -15.32 -27.63 -7.08
CA LEU A 592 -15.97 -26.39 -6.72
C LEU A 592 -15.26 -25.82 -5.50
N ASN A 593 -14.83 -24.57 -5.57
CA ASN A 593 -14.09 -23.93 -4.49
C ASN A 593 -14.88 -22.73 -4.01
N LEU A 594 -15.27 -22.74 -2.73
CA LEU A 594 -16.01 -21.64 -2.13
C LEU A 594 -15.49 -21.34 -0.73
N GLN A 595 -14.20 -21.47 -0.53
CA GLN A 595 -13.60 -21.26 0.79
C GLN A 595 -13.53 -19.77 1.14
N LYS A 596 -13.47 -19.49 2.43
CA LYS A 596 -13.30 -18.12 2.96
C LYS A 596 -14.35 -17.16 2.42
N ASN A 597 -15.59 -17.63 2.38
CA ASN A 597 -16.74 -16.86 1.94
C ASN A 597 -17.65 -16.56 3.13
N LEU A 598 -18.79 -15.95 2.84
CA LEU A 598 -19.80 -15.66 3.85
C LEU A 598 -21.03 -16.55 3.70
N ILE A 599 -20.89 -17.67 3.01
CA ILE A 599 -22.04 -18.54 2.77
C ILE A 599 -22.50 -19.16 4.08
N THR A 600 -23.79 -19.04 4.37
CA THR A 600 -24.37 -19.60 5.58
C THR A 600 -25.36 -20.71 5.31
N SER A 601 -25.84 -20.83 4.09
CA SER A 601 -26.84 -21.84 3.75
C SER A 601 -26.41 -22.59 2.51
N VAL A 602 -26.47 -23.92 2.56
CA VAL A 602 -26.19 -24.77 1.42
C VAL A 602 -27.45 -25.59 1.19
N GLU A 603 -28.15 -25.29 0.11
CA GLU A 603 -29.44 -25.89 -0.16
C GLU A 603 -29.43 -26.63 -1.49
N LYS A 604 -30.32 -27.60 -1.61
CA LYS A 604 -30.41 -28.36 -2.85
C LYS A 604 -30.89 -27.51 -4.01
N LYS A 605 -31.64 -26.45 -3.73
CA LYS A 605 -32.15 -25.60 -4.81
C LYS A 605 -31.05 -24.91 -5.59
N VAL A 606 -29.86 -24.72 -4.99
CA VAL A 606 -28.75 -24.05 -5.64
C VAL A 606 -27.56 -24.96 -5.84
N PHE A 607 -27.25 -25.81 -4.86
CA PHE A 607 -26.09 -26.68 -4.92
C PHE A 607 -26.44 -28.10 -5.32
N GLY A 608 -27.67 -28.35 -5.73
CA GLY A 608 -28.09 -29.67 -6.11
C GLY A 608 -27.37 -30.16 -7.35
N PRO A 609 -27.62 -29.52 -8.50
CA PRO A 609 -26.90 -29.93 -9.72
C PRO A 609 -25.39 -29.79 -9.62
N ALA A 610 -24.88 -28.84 -8.84
CA ALA A 610 -23.44 -28.67 -8.69
C ALA A 610 -22.81 -29.86 -7.99
N PHE A 611 -23.51 -30.47 -7.03
CA PHE A 611 -23.02 -31.61 -6.27
C PHE A 611 -23.38 -32.94 -6.93
N ARG A 612 -23.58 -32.94 -8.24
CA ARG A 612 -23.98 -34.16 -8.93
C ARG A 612 -22.86 -35.18 -8.90
N ASN A 613 -21.71 -34.84 -9.49
CA ASN A 613 -20.58 -35.77 -9.54
C ASN A 613 -19.31 -34.92 -9.52
N LEU A 614 -18.74 -34.74 -8.34
CA LEU A 614 -17.56 -33.93 -8.14
C LEU A 614 -16.40 -34.81 -7.73
N THR A 615 -15.23 -34.19 -7.62
CA THR A 615 -14.04 -34.85 -7.11
C THR A 615 -13.31 -34.03 -6.06
N GLU A 616 -13.69 -32.79 -5.83
CA GLU A 616 -13.08 -31.94 -4.82
C GLU A 616 -14.11 -30.92 -4.37
N LEU A 617 -13.90 -30.39 -3.18
CA LEU A 617 -14.79 -29.39 -2.63
C LEU A 617 -14.04 -28.62 -1.55
N ASP A 618 -14.07 -27.29 -1.63
CA ASP A 618 -13.35 -26.44 -0.70
C ASP A 618 -14.30 -25.36 -0.20
N MET A 619 -14.89 -25.59 0.97
CA MET A 619 -15.76 -24.63 1.65
C MET A 619 -15.39 -24.54 3.12
N ARG A 620 -14.09 -24.42 3.38
CA ARG A 620 -13.59 -24.57 4.75
C ARG A 620 -14.01 -23.43 5.67
N PHE A 621 -13.58 -22.21 5.35
CA PHE A 621 -13.79 -21.06 6.25
C PHE A 621 -15.08 -20.33 5.89
N ASN A 622 -16.20 -21.01 6.10
CA ASN A 622 -17.52 -20.46 5.87
C ASN A 622 -18.35 -20.47 7.14
N PRO A 623 -18.95 -19.35 7.52
CA PRO A 623 -19.79 -19.34 8.72
C PRO A 623 -21.13 -20.03 8.48
N PHE A 624 -21.10 -21.36 8.49
CA PHE A 624 -22.32 -22.13 8.26
C PHE A 624 -23.30 -21.91 9.40
N ASP A 625 -24.57 -21.99 9.06
CA ASP A 625 -25.64 -21.86 10.03
C ASP A 625 -26.24 -23.24 10.27
N CYS A 626 -25.96 -23.81 11.44
CA CYS A 626 -26.46 -25.14 11.74
C CYS A 626 -27.95 -25.10 12.00
N THR A 627 -28.73 -25.34 10.94
CA THR A 627 -30.18 -25.40 11.03
C THR A 627 -30.68 -26.40 9.99
N CYS A 628 -31.67 -27.19 10.38
CA CYS A 628 -32.19 -28.23 9.50
C CYS A 628 -32.78 -27.63 8.23
N GLU A 629 -33.10 -26.35 8.24
CA GLU A 629 -33.62 -25.72 7.03
C GLU A 629 -32.51 -25.34 6.06
N SER A 630 -31.26 -25.22 6.52
CA SER A 630 -30.20 -24.68 5.68
C SER A 630 -28.97 -25.57 5.60
N ILE A 631 -28.77 -26.52 6.50
CA ILE A 631 -27.53 -27.27 6.50
C ILE A 631 -27.82 -28.78 6.51
N ALA A 632 -29.07 -29.14 6.76
CA ALA A 632 -29.42 -30.56 6.88
C ALA A 632 -29.15 -31.31 5.58
N TRP A 633 -29.55 -30.74 4.45
CA TRP A 633 -29.25 -31.41 3.20
C TRP A 633 -27.76 -31.50 2.96
N PHE A 634 -27.02 -30.43 3.29
CA PHE A 634 -25.59 -30.45 3.08
C PHE A 634 -24.90 -31.49 3.96
N VAL A 635 -25.27 -31.58 5.24
CA VAL A 635 -24.62 -32.57 6.10
C VAL A 635 -25.04 -33.97 5.70
N ASN A 636 -26.28 -34.16 5.26
CA ASN A 636 -26.69 -35.46 4.77
C ASN A 636 -25.89 -35.85 3.55
N TRP A 637 -25.64 -34.90 2.64
CA TRP A 637 -24.79 -35.17 1.49
C TRP A 637 -23.34 -35.42 1.88
N ILE A 638 -22.86 -34.76 2.93
CA ILE A 638 -21.50 -35.00 3.40
C ILE A 638 -21.37 -36.43 3.88
N ASN A 639 -22.38 -36.91 4.60
CA ASN A 639 -22.35 -38.26 5.16
C ASN A 639 -22.09 -39.30 4.07
N GLU A 640 -22.88 -39.29 3.01
CA GLU A 640 -22.70 -40.26 1.94
C GLU A 640 -22.27 -39.52 0.68
N THR A 641 -21.03 -39.78 0.24
CA THR A 641 -20.45 -39.14 -0.93
C THR A 641 -19.09 -39.77 -1.19
N HIS A 642 -18.57 -39.50 -2.39
CA HIS A 642 -17.23 -39.90 -2.77
C HIS A 642 -16.34 -38.71 -3.11
N THR A 643 -16.87 -37.50 -3.05
CA THR A 643 -16.08 -36.32 -3.33
C THR A 643 -15.05 -36.10 -2.23
N ASN A 644 -13.85 -35.69 -2.63
CA ASN A 644 -12.78 -35.42 -1.69
C ASN A 644 -13.00 -34.07 -1.05
N ILE A 645 -13.21 -34.05 0.26
CA ILE A 645 -13.42 -32.81 1.00
C ILE A 645 -12.33 -32.69 2.05
N PRO A 646 -11.22 -32.02 1.75
CA PRO A 646 -10.15 -31.91 2.74
C PRO A 646 -10.57 -31.09 3.95
N GLU A 647 -10.03 -31.47 5.11
CA GLU A 647 -10.29 -30.77 6.37
C GLU A 647 -11.78 -30.67 6.65
N LEU A 648 -12.50 -31.77 6.43
CA LEU A 648 -13.94 -31.77 6.65
C LEU A 648 -14.30 -31.55 8.12
N SER A 649 -13.57 -32.19 9.03
CA SER A 649 -13.88 -32.11 10.44
C SER A 649 -13.05 -31.07 11.18
N SER A 650 -12.23 -30.30 10.46
CA SER A 650 -11.35 -29.33 11.09
C SER A 650 -11.83 -27.89 10.93
N HIS A 651 -12.37 -27.54 9.77
CA HIS A 651 -12.76 -26.16 9.51
C HIS A 651 -14.23 -25.97 9.16
N TYR A 652 -14.96 -27.04 8.86
CA TYR A 652 -16.39 -26.94 8.55
C TYR A 652 -17.17 -26.86 9.85
N LEU A 653 -17.07 -25.70 10.49
CA LEU A 653 -17.68 -25.47 11.79
C LEU A 653 -18.74 -24.38 11.67
N CYS A 654 -19.92 -24.65 12.21
CA CYS A 654 -20.98 -23.66 12.23
C CYS A 654 -20.61 -22.49 13.15
N ASN A 655 -21.07 -21.31 12.76
CA ASN A 655 -20.87 -20.09 13.52
C ASN A 655 -22.07 -19.69 14.36
N THR A 656 -23.27 -19.95 13.89
CA THR A 656 -24.51 -19.61 14.57
C THR A 656 -25.52 -20.72 14.39
N PRO A 657 -26.41 -20.95 15.37
CA PRO A 657 -26.59 -20.32 16.68
C PRO A 657 -25.48 -20.67 17.64
N PRO A 658 -25.36 -19.94 18.75
CA PRO A 658 -24.30 -20.25 19.72
C PRO A 658 -24.41 -21.65 20.30
N HIS A 659 -25.56 -22.29 20.22
CA HIS A 659 -25.67 -23.67 20.67
C HIS A 659 -24.76 -24.58 19.85
N TYR A 660 -24.70 -24.36 18.54
CA TYR A 660 -23.83 -25.12 17.65
C TYR A 660 -22.56 -24.38 17.27
N HIS A 661 -22.14 -23.41 18.08
CA HIS A 661 -20.96 -22.64 17.77
C HIS A 661 -19.73 -23.52 17.84
N GLY A 662 -19.12 -23.78 16.69
CA GLY A 662 -17.92 -24.59 16.62
C GLY A 662 -18.14 -26.08 16.45
N PHE A 663 -19.38 -26.56 16.52
CA PHE A 663 -19.61 -27.98 16.35
C PHE A 663 -19.52 -28.34 14.87
N PRO A 664 -18.66 -29.30 14.49
CA PRO A 664 -18.53 -29.71 13.09
C PRO A 664 -19.81 -30.26 12.49
N THR B 6 -46.31 27.53 6.54
CA THR B 6 -46.15 28.69 7.41
C THR B 6 -46.05 28.27 8.86
N VAL B 7 -44.94 27.59 9.20
CA VAL B 7 -44.73 27.15 10.57
C VAL B 7 -44.44 28.36 11.46
N SER B 8 -45.05 28.37 12.65
CA SER B 8 -44.88 29.50 13.56
C SER B 8 -45.35 29.10 14.95
N HIS B 9 -44.50 29.34 15.95
CA HIS B 9 -44.89 29.18 17.35
C HIS B 9 -44.82 30.48 18.13
N GLU B 10 -43.76 31.25 17.95
CA GLU B 10 -43.58 32.61 18.44
C GLU B 10 -43.20 33.58 17.33
N VAL B 11 -42.40 33.14 16.37
CA VAL B 11 -42.05 33.91 15.20
C VAL B 11 -42.62 33.21 13.98
N ALA B 12 -42.84 33.99 12.93
CA ALA B 12 -43.44 33.50 11.69
C ALA B 12 -42.37 33.36 10.62
N ASP B 13 -42.31 32.19 10.00
CA ASP B 13 -41.34 31.92 8.94
C ASP B 13 -42.08 31.54 7.67
N CYS B 14 -41.76 32.23 6.57
CA CYS B 14 -42.34 31.95 5.27
C CYS B 14 -41.26 32.00 4.20
N SER B 15 -40.12 31.39 4.47
CA SER B 15 -38.99 31.45 3.57
C SER B 15 -39.08 30.36 2.52
N HIS B 16 -39.02 30.75 1.24
CA HIS B 16 -39.05 29.84 0.11
C HIS B 16 -40.37 29.06 0.05
N LEU B 17 -41.47 29.69 0.45
CA LEU B 17 -42.80 29.10 0.35
C LEU B 17 -43.57 29.59 -0.87
N LYS B 18 -42.96 30.42 -1.72
CA LYS B 18 -43.57 30.87 -2.97
C LYS B 18 -44.90 31.57 -2.75
N LEU B 19 -44.97 32.40 -1.71
CA LEU B 19 -46.17 33.17 -1.43
C LEU B 19 -46.28 34.37 -2.36
N THR B 20 -47.51 34.67 -2.77
CA THR B 20 -47.83 35.87 -3.53
C THR B 20 -48.52 36.94 -2.69
N GLN B 21 -49.33 36.52 -1.73
CA GLN B 21 -50.00 37.44 -0.83
C GLN B 21 -49.76 36.99 0.61
N VAL B 22 -49.75 37.95 1.52
CA VAL B 22 -49.48 37.65 2.93
C VAL B 22 -50.60 36.80 3.50
N PRO B 23 -50.31 35.82 4.36
CA PRO B 23 -51.38 35.02 4.95
C PRO B 23 -52.21 35.85 5.92
N ASP B 24 -53.47 35.44 6.07
CA ASP B 24 -54.41 36.12 6.95
C ASP B 24 -54.81 35.27 8.15
N ASP B 25 -54.12 34.15 8.39
CA ASP B 25 -54.43 33.27 9.51
C ASP B 25 -53.17 33.04 10.33
N LEU B 26 -52.87 33.97 11.22
CA LEU B 26 -51.76 33.89 12.15
C LEU B 26 -52.20 34.47 13.49
N PRO B 27 -51.55 34.10 14.58
CA PRO B 27 -51.87 34.70 15.87
C PRO B 27 -51.65 36.21 15.82
N THR B 28 -52.50 36.94 16.57
CA THR B 28 -52.43 38.39 16.55
C THR B 28 -51.17 38.91 17.21
N ASN B 29 -50.66 38.22 18.23
CA ASN B 29 -49.53 38.68 19.02
C ASN B 29 -48.18 38.22 18.46
N ILE B 30 -48.09 37.98 17.16
CA ILE B 30 -46.81 37.61 16.56
C ILE B 30 -45.88 38.81 16.54
N THR B 31 -44.61 38.58 16.88
CA THR B 31 -43.62 39.64 16.94
C THR B 31 -42.72 39.69 15.71
N VAL B 32 -42.43 38.54 15.11
CA VAL B 32 -41.57 38.46 13.94
C VAL B 32 -42.36 37.84 12.80
N LEU B 33 -42.34 38.51 11.64
CA LEU B 33 -43.04 38.05 10.45
C LEU B 33 -42.04 38.04 9.30
N ASN B 34 -41.60 36.86 8.91
CA ASN B 34 -40.53 36.69 7.93
C ASN B 34 -41.10 36.21 6.61
N LEU B 35 -40.76 36.92 5.52
CA LEU B 35 -41.24 36.57 4.19
C LEU B 35 -40.10 36.66 3.18
N THR B 36 -38.93 36.15 3.52
CA THR B 36 -37.84 36.15 2.56
C THR B 36 -38.05 35.13 1.46
N HIS B 37 -37.51 35.45 0.28
CA HIS B 37 -37.54 34.57 -0.88
C HIS B 37 -38.98 34.22 -1.28
N ASN B 38 -39.76 35.27 -1.54
CA ASN B 38 -41.13 35.10 -2.01
C ASN B 38 -41.33 35.92 -3.27
N GLN B 39 -42.57 36.03 -3.74
CA GLN B 39 -42.90 36.75 -4.97
C GLN B 39 -44.01 37.74 -4.72
N LEU B 40 -43.90 38.50 -3.64
CA LEU B 40 -44.88 39.53 -3.29
C LEU B 40 -44.68 40.72 -4.22
N ARG B 41 -45.53 40.83 -5.23
CA ARG B 41 -45.44 41.97 -6.14
C ARG B 41 -45.76 43.27 -5.43
N ARG B 42 -46.85 43.30 -4.67
CA ARG B 42 -47.24 44.48 -3.90
C ARG B 42 -47.61 44.07 -2.49
N LEU B 43 -47.57 45.04 -1.58
CA LEU B 43 -47.85 44.80 -0.16
C LEU B 43 -48.91 45.78 0.34
N PRO B 44 -50.18 45.50 0.07
CA PRO B 44 -51.24 46.36 0.60
C PRO B 44 -51.25 46.37 2.12
N ALA B 45 -51.58 47.53 2.69
CA ALA B 45 -51.62 47.68 4.14
C ALA B 45 -52.94 47.22 4.75
N ALA B 46 -53.98 47.01 3.93
CA ALA B 46 -55.26 46.57 4.45
C ALA B 46 -55.19 45.17 5.03
N ASN B 47 -54.22 44.37 4.63
CA ASN B 47 -54.07 43.01 5.14
C ASN B 47 -53.32 42.97 6.46
N PHE B 48 -52.82 44.11 6.94
CA PHE B 48 -52.06 44.17 8.18
C PHE B 48 -52.89 44.62 9.37
N THR B 49 -54.22 44.71 9.22
CA THR B 49 -55.06 45.06 10.35
C THR B 49 -54.97 44.02 11.43
N ARG B 50 -54.98 42.74 11.06
CA ARG B 50 -54.87 41.67 12.05
C ARG B 50 -53.51 41.68 12.73
N TYR B 51 -52.45 41.95 11.97
CA TYR B 51 -51.08 41.92 12.50
C TYR B 51 -50.75 43.33 12.98
N SER B 52 -51.03 43.60 14.26
CA SER B 52 -50.76 44.90 14.85
C SER B 52 -49.83 44.80 16.05
N GLN B 53 -49.10 43.69 16.18
CA GLN B 53 -48.15 43.51 17.27
C GLN B 53 -46.76 43.13 16.77
N LEU B 54 -46.45 43.45 15.52
CA LEU B 54 -45.20 43.05 14.90
C LEU B 54 -44.05 43.94 15.36
N THR B 55 -42.90 43.33 15.57
CA THR B 55 -41.66 44.04 15.87
C THR B 55 -40.64 43.92 14.76
N SER B 56 -40.56 42.76 14.11
CA SER B 56 -39.66 42.55 12.99
C SER B 56 -40.46 42.13 11.78
N LEU B 57 -40.15 42.74 10.63
CA LEU B 57 -40.86 42.48 9.38
C LEU B 57 -39.82 42.32 8.28
N ASP B 58 -39.41 41.07 8.04
CA ASP B 58 -38.43 40.76 7.01
C ASP B 58 -39.18 40.35 5.75
N VAL B 59 -39.19 41.24 4.76
CA VAL B 59 -39.91 40.99 3.52
C VAL B 59 -38.88 41.08 2.39
N GLY B 60 -37.64 40.69 2.68
CA GLY B 60 -36.59 40.80 1.70
C GLY B 60 -36.64 39.73 0.64
N PHE B 61 -35.78 39.90 -0.36
CA PHE B 61 -35.65 38.99 -1.49
C PHE B 61 -36.99 38.76 -2.19
N ASN B 62 -37.76 39.83 -2.35
CA ASN B 62 -39.06 39.76 -3.00
C ASN B 62 -39.12 40.77 -4.12
N THR B 63 -40.30 40.95 -4.70
CA THR B 63 -40.45 41.84 -5.85
C THR B 63 -41.46 42.94 -5.55
N ILE B 64 -41.30 43.60 -4.42
CA ILE B 64 -42.17 44.73 -4.07
C ILE B 64 -41.71 45.96 -4.83
N SER B 65 -42.63 46.59 -5.55
CA SER B 65 -42.30 47.78 -6.31
C SER B 65 -42.28 49.02 -5.42
N LYS B 66 -43.39 49.31 -4.77
CA LYS B 66 -43.48 50.47 -3.90
C LYS B 66 -44.33 50.12 -2.69
N LEU B 67 -44.13 50.87 -1.62
CA LEU B 67 -44.88 50.71 -0.40
C LEU B 67 -45.82 51.89 -0.20
N GLU B 68 -46.61 51.83 0.86
CA GLU B 68 -47.54 52.91 1.17
C GLU B 68 -47.39 53.29 2.64
N PRO B 69 -47.61 54.56 2.97
CA PRO B 69 -47.53 54.99 4.37
C PRO B 69 -48.52 54.30 5.28
N GLU B 70 -49.63 53.78 4.73
CA GLU B 70 -50.62 53.11 5.56
C GLU B 70 -50.07 51.84 6.20
N LEU B 71 -48.99 51.29 5.67
CA LEU B 71 -48.40 50.07 6.25
C LEU B 71 -47.90 50.33 7.67
N CYS B 72 -47.26 51.48 7.89
CA CYS B 72 -46.74 51.80 9.21
C CYS B 72 -47.86 52.05 10.23
N GLN B 73 -49.02 52.50 9.77
CA GLN B 73 -50.10 52.81 10.70
C GLN B 73 -50.57 51.56 11.45
N LYS B 74 -50.66 50.43 10.75
CA LYS B 74 -51.10 49.20 11.38
C LYS B 74 -50.07 48.64 12.35
N LEU B 75 -48.81 49.10 12.26
CA LEU B 75 -47.74 48.61 13.12
C LEU B 75 -47.29 49.71 14.07
N PRO B 76 -47.71 49.69 15.33
CA PRO B 76 -47.36 50.79 16.24
C PRO B 76 -46.01 50.61 16.91
N MET B 77 -45.51 49.38 16.96
CA MET B 77 -44.32 49.08 17.74
C MET B 77 -43.25 48.42 16.87
N LEU B 78 -43.34 48.56 15.55
CA LEU B 78 -42.38 47.93 14.66
C LEU B 78 -40.99 48.49 14.89
N LYS B 79 -39.99 47.61 14.85
CA LYS B 79 -38.62 48.00 15.17
C LYS B 79 -37.64 47.60 14.06
N VAL B 80 -37.96 46.56 13.30
CA VAL B 80 -37.10 46.06 12.23
C VAL B 80 -37.89 46.07 10.93
N LEU B 81 -37.32 46.68 9.90
CA LEU B 81 -37.93 46.70 8.57
C LEU B 81 -36.87 46.30 7.56
N ASN B 82 -37.01 45.10 7.01
CA ASN B 82 -36.04 44.55 6.08
C ASN B 82 -36.66 44.48 4.69
N LEU B 83 -36.00 45.07 3.70
CA LEU B 83 -36.49 45.12 2.33
C LEU B 83 -35.35 44.83 1.35
N GLN B 84 -34.56 43.80 1.65
CA GLN B 84 -33.43 43.47 0.80
C GLN B 84 -33.87 42.96 -0.55
N HIS B 85 -33.16 43.41 -1.60
CA HIS B 85 -33.32 42.90 -2.96
C HIS B 85 -34.76 43.06 -3.47
N ASN B 86 -35.18 44.32 -3.53
CA ASN B 86 -36.50 44.67 -4.04
C ASN B 86 -36.39 45.69 -5.16
N GLU B 87 -37.52 46.26 -5.57
CA GLU B 87 -37.54 47.27 -6.62
C GLU B 87 -38.01 48.62 -6.11
N LEU B 88 -37.88 48.87 -4.81
CA LEU B 88 -38.30 50.14 -4.21
C LEU B 88 -37.27 51.20 -4.54
N SER B 89 -37.41 51.78 -5.73
CA SER B 89 -36.50 52.81 -6.21
C SER B 89 -37.02 54.22 -5.99
N GLN B 90 -38.17 54.37 -5.34
CA GLN B 90 -38.74 55.69 -5.09
C GLN B 90 -39.01 55.84 -3.60
N LEU B 91 -38.58 56.97 -3.04
CA LEU B 91 -38.76 57.28 -1.63
C LEU B 91 -39.34 58.67 -1.48
N SER B 92 -40.19 58.84 -0.48
CA SER B 92 -40.87 60.09 -0.21
C SER B 92 -40.80 60.42 1.28
N ASP B 93 -41.13 61.66 1.61
CA ASP B 93 -41.13 62.09 3.00
C ASP B 93 -42.18 61.36 3.82
N LYS B 94 -43.28 60.96 3.18
CA LYS B 94 -44.36 60.25 3.86
C LYS B 94 -44.15 58.75 3.87
N THR B 95 -43.14 58.24 3.17
CA THR B 95 -42.92 56.80 3.10
C THR B 95 -42.60 56.21 4.48
N PHE B 96 -41.73 56.87 5.24
CA PHE B 96 -41.35 56.44 6.58
C PHE B 96 -41.74 57.48 7.61
N ALA B 97 -42.92 58.07 7.45
CA ALA B 97 -43.33 59.15 8.34
C ALA B 97 -43.89 58.60 9.65
N PHE B 98 -44.91 57.76 9.57
CA PHE B 98 -45.54 57.24 10.78
C PHE B 98 -44.62 56.30 11.54
N CYS B 99 -43.78 55.55 10.83
CA CYS B 99 -42.80 54.70 11.48
C CYS B 99 -41.74 55.56 12.14
N THR B 100 -41.67 55.48 13.47
CA THR B 100 -40.72 56.26 14.25
C THR B 100 -39.96 55.46 15.28
N ASN B 101 -40.35 54.22 15.54
CA ASN B 101 -39.66 53.37 16.50
C ASN B 101 -38.64 52.46 15.83
N LEU B 102 -38.44 52.57 14.53
CA LEU B 102 -37.53 51.68 13.82
C LEU B 102 -36.09 51.86 14.29
N THR B 103 -35.47 50.75 14.69
CA THR B 103 -34.06 50.74 15.05
C THR B 103 -33.22 50.02 14.01
N GLU B 104 -33.83 49.65 12.88
CA GLU B 104 -33.13 48.95 11.82
C GLU B 104 -33.87 49.19 10.51
N LEU B 105 -33.12 49.42 9.44
CA LEU B 105 -33.72 49.67 8.14
C LEU B 105 -32.75 49.20 7.08
N HIS B 106 -33.10 48.10 6.42
CA HIS B 106 -32.28 47.53 5.36
C HIS B 106 -32.90 47.85 4.01
N LEU B 107 -32.11 48.44 3.13
CA LEU B 107 -32.53 48.78 1.78
C LEU B 107 -31.53 48.30 0.76
N MET B 108 -30.93 47.15 1.02
CA MET B 108 -29.88 46.67 0.13
C MET B 108 -30.45 46.20 -1.20
N SER B 109 -29.76 46.56 -2.28
CA SER B 109 -30.09 46.10 -3.64
C SER B 109 -31.53 46.43 -4.03
N ASN B 110 -31.97 47.65 -3.71
CA ASN B 110 -33.28 48.12 -4.10
C ASN B 110 -33.25 48.98 -5.36
N SER B 111 -32.09 49.12 -6.00
CA SER B 111 -31.93 49.92 -7.21
C SER B 111 -32.39 51.36 -7.00
N ILE B 112 -32.12 51.90 -5.81
CA ILE B 112 -32.44 53.29 -5.52
C ILE B 112 -31.46 54.19 -6.24
N GLN B 113 -31.99 55.13 -7.02
CA GLN B 113 -31.13 55.97 -7.84
C GLN B 113 -30.73 57.23 -7.11
N LYS B 114 -31.70 58.04 -6.69
CA LYS B 114 -31.38 59.31 -6.05
C LYS B 114 -32.32 59.53 -4.87
N ILE B 115 -31.75 60.01 -3.77
CA ILE B 115 -32.54 60.44 -2.62
C ILE B 115 -32.99 61.87 -2.89
N LYS B 116 -34.31 62.07 -2.92
CA LYS B 116 -34.83 63.32 -3.47
C LYS B 116 -34.78 64.48 -2.50
N ASN B 117 -35.60 64.44 -1.44
CA ASN B 117 -35.64 65.56 -0.52
C ASN B 117 -35.29 65.18 0.92
N ASN B 118 -36.08 64.32 1.55
CA ASN B 118 -35.96 64.09 2.99
C ASN B 118 -36.68 62.81 3.37
N PRO B 119 -36.18 61.65 2.98
CA PRO B 119 -36.91 60.41 3.28
C PRO B 119 -36.78 59.93 4.71
N PHE B 120 -35.76 60.38 5.45
CA PHE B 120 -35.46 59.84 6.77
C PHE B 120 -35.58 60.86 7.88
N VAL B 121 -36.23 61.99 7.61
CA VAL B 121 -36.38 63.03 8.62
C VAL B 121 -37.32 62.60 9.73
N LYS B 122 -38.41 61.94 9.38
CA LYS B 122 -39.49 61.63 10.31
C LYS B 122 -39.15 60.59 11.37
N GLN B 123 -37.91 60.09 11.44
CA GLN B 123 -37.55 59.15 12.49
C GLN B 123 -36.31 59.65 13.23
N LYS B 124 -36.26 59.39 14.54
CA LYS B 124 -35.15 59.82 15.37
C LYS B 124 -34.54 58.69 16.19
N ASN B 125 -35.16 57.52 16.25
CA ASN B 125 -34.64 56.40 17.01
C ASN B 125 -33.90 55.39 16.14
N LEU B 126 -33.65 55.73 14.87
CA LEU B 126 -32.94 54.81 13.98
C LEU B 126 -31.51 54.58 14.45
N ILE B 127 -31.09 53.32 14.42
CA ILE B 127 -29.76 52.91 14.84
C ILE B 127 -28.89 52.51 13.66
N THR B 128 -29.40 51.62 12.82
CA THR B 128 -28.66 51.09 11.67
C THR B 128 -29.40 51.36 10.38
N LEU B 129 -28.71 51.89 9.40
CA LEU B 129 -29.27 52.14 8.08
C LEU B 129 -28.37 51.50 7.04
N ASP B 130 -28.96 50.75 6.12
CA ASP B 130 -28.22 50.05 5.09
C ASP B 130 -28.68 50.52 3.72
N LEU B 131 -27.74 50.84 2.84
CA LEU B 131 -28.08 51.27 1.50
C LEU B 131 -27.15 50.63 0.46
N SER B 132 -26.71 49.41 0.72
CA SER B 132 -25.75 48.77 -0.15
C SER B 132 -26.37 48.34 -1.47
N HIS B 133 -25.52 48.19 -2.48
CA HIS B 133 -25.89 47.70 -3.80
C HIS B 133 -26.99 48.54 -4.45
N ASN B 134 -26.89 49.85 -4.29
CA ASN B 134 -27.83 50.80 -4.86
C ASN B 134 -27.15 51.60 -5.96
N GLY B 135 -27.94 52.42 -6.62
CA GLY B 135 -27.44 53.25 -7.69
C GLY B 135 -27.16 54.67 -7.25
N LEU B 136 -27.02 54.88 -5.95
CA LEU B 136 -26.76 56.22 -5.44
C LEU B 136 -25.42 56.74 -5.94
N SER B 137 -25.38 58.01 -6.29
CA SER B 137 -24.16 58.67 -6.74
C SER B 137 -23.61 59.65 -5.73
N SER B 138 -24.41 60.12 -4.79
CA SER B 138 -23.97 61.06 -3.77
C SER B 138 -24.43 60.56 -2.41
N THR B 139 -23.66 60.92 -1.39
CA THR B 139 -23.96 60.50 -0.03
C THR B 139 -24.96 61.41 0.66
N LYS B 140 -25.71 62.20 -0.09
CA LYS B 140 -26.69 63.11 0.50
C LYS B 140 -27.98 62.34 0.78
N LEU B 141 -28.38 62.32 2.05
CA LEU B 141 -29.59 61.63 2.47
C LEU B 141 -30.65 62.60 3.00
N GLY B 142 -30.50 63.88 2.73
CA GLY B 142 -31.46 64.85 3.21
C GLY B 142 -30.86 66.25 3.19
N THR B 143 -31.69 67.21 3.57
CA THR B 143 -31.29 68.61 3.59
C THR B 143 -30.91 69.07 5.00
N GLN B 144 -31.82 68.92 5.95
CA GLN B 144 -31.57 69.33 7.32
C GLN B 144 -30.84 68.22 8.07
N VAL B 145 -30.69 68.37 9.38
CA VAL B 145 -30.00 67.39 10.20
C VAL B 145 -31.02 66.47 10.86
N GLN B 146 -30.80 65.17 10.76
CA GLN B 146 -31.67 64.19 11.37
C GLN B 146 -30.83 62.96 11.71
N LEU B 147 -31.49 61.84 11.99
CA LEU B 147 -30.82 60.59 12.32
C LEU B 147 -29.91 60.78 13.54
N GLU B 148 -30.54 61.18 14.65
CA GLU B 148 -29.79 61.51 15.85
C GLU B 148 -29.03 60.32 16.40
N ASN B 149 -29.70 59.18 16.49
CA ASN B 149 -29.14 58.00 17.13
C ASN B 149 -28.51 57.04 16.14
N LEU B 150 -28.42 57.41 14.86
CA LEU B 150 -27.86 56.50 13.87
C LEU B 150 -26.39 56.25 14.18
N GLN B 151 -26.03 54.97 14.31
CA GLN B 151 -24.67 54.58 14.63
C GLN B 151 -23.96 53.90 13.48
N GLU B 152 -24.67 53.18 12.62
CA GLU B 152 -24.06 52.48 11.50
C GLU B 152 -24.74 52.90 10.22
N LEU B 153 -23.94 53.33 9.25
CA LEU B 153 -24.43 53.68 7.93
C LEU B 153 -23.63 52.90 6.91
N LEU B 154 -24.33 52.20 6.02
CA LEU B 154 -23.71 51.36 5.02
C LEU B 154 -24.00 51.92 3.63
N LEU B 155 -22.94 52.08 2.84
CA LEU B 155 -23.09 52.57 1.48
C LEU B 155 -22.22 51.80 0.50
N SER B 156 -21.99 50.53 0.77
CA SER B 156 -21.09 49.74 -0.06
C SER B 156 -21.74 49.41 -1.40
N ASN B 157 -20.88 49.15 -2.39
CA ASN B 157 -21.30 48.75 -3.73
C ASN B 157 -22.24 49.75 -4.38
N ASN B 158 -21.98 51.03 -4.17
CA ASN B 158 -22.72 52.10 -4.79
C ASN B 158 -21.93 52.68 -5.95
N LYS B 159 -22.43 53.76 -6.53
CA LYS B 159 -21.78 54.45 -7.63
C LYS B 159 -21.34 55.85 -7.22
N ILE B 160 -20.80 55.97 -6.01
CA ILE B 160 -20.34 57.25 -5.48
C ILE B 160 -18.89 57.45 -5.89
N GLN B 161 -18.60 58.60 -6.48
CA GLN B 161 -17.25 58.92 -6.95
C GLN B 161 -16.59 60.05 -6.19
N ALA B 162 -17.27 60.64 -5.21
CA ALA B 162 -16.68 61.74 -4.44
C ALA B 162 -17.35 61.79 -3.08
N LEU B 163 -16.64 62.35 -2.12
CA LEU B 163 -17.13 62.57 -0.75
C LEU B 163 -17.00 64.06 -0.46
N LYS B 164 -18.04 64.81 -0.82
CA LYS B 164 -18.03 66.25 -0.60
C LYS B 164 -18.41 66.57 0.85
N SER B 165 -17.91 67.71 1.32
CA SER B 165 -18.17 68.12 2.69
C SER B 165 -19.65 68.43 2.91
N GLU B 166 -20.30 69.04 1.91
CA GLU B 166 -21.70 69.42 2.06
C GLU B 166 -22.61 68.20 2.24
N GLU B 167 -22.34 67.13 1.49
CA GLU B 167 -23.22 65.96 1.50
C GLU B 167 -23.30 65.28 2.86
N LEU B 168 -22.33 65.49 3.75
CA LEU B 168 -22.36 64.91 5.08
C LEU B 168 -22.72 65.95 6.14
N ASP B 169 -23.30 67.08 5.73
CA ASP B 169 -23.68 68.09 6.69
C ASP B 169 -24.85 67.64 7.56
N ILE B 170 -25.54 66.59 7.14
CA ILE B 170 -26.70 66.13 7.91
C ILE B 170 -26.27 65.33 9.12
N PHE B 171 -24.99 64.95 9.20
CA PHE B 171 -24.50 64.19 10.36
C PHE B 171 -23.68 65.05 11.30
N ALA B 172 -24.07 66.32 11.47
CA ALA B 172 -23.30 67.23 12.31
C ALA B 172 -23.40 66.85 13.78
N ASN B 173 -24.40 66.07 14.18
CA ASN B 173 -24.56 65.72 15.59
C ASN B 173 -24.85 64.24 15.78
N SER B 174 -24.32 63.39 14.91
CA SER B 174 -24.57 61.96 14.94
C SER B 174 -23.26 61.22 15.17
N SER B 175 -23.31 60.18 16.00
CA SER B 175 -22.14 59.36 16.33
C SER B 175 -22.17 58.14 15.43
N LEU B 176 -21.39 58.19 14.35
CA LEU B 176 -21.29 57.10 13.39
C LEU B 176 -20.20 56.15 13.82
N LYS B 177 -20.59 54.94 14.23
CA LYS B 177 -19.63 53.92 14.59
C LYS B 177 -19.14 53.12 13.40
N LYS B 178 -19.77 53.27 12.24
CA LYS B 178 -19.36 52.52 11.05
C LYS B 178 -19.89 53.22 9.82
N LEU B 179 -19.00 53.71 8.97
CA LEU B 179 -19.36 54.35 7.72
C LEU B 179 -18.82 53.48 6.59
N GLU B 180 -19.62 52.51 6.16
CA GLU B 180 -19.20 51.60 5.11
C GLU B 180 -19.25 52.32 3.77
N LEU B 181 -18.12 52.40 3.09
CA LEU B 181 -18.06 53.00 1.76
C LEU B 181 -17.27 52.11 0.83
N SER B 182 -17.40 50.80 1.00
CA SER B 182 -16.63 49.86 0.22
C SER B 182 -17.14 49.79 -1.22
N SER B 183 -16.26 49.35 -2.11
CA SER B 183 -16.57 49.10 -3.51
C SER B 183 -17.08 50.33 -4.25
N ASN B 184 -16.79 51.52 -3.76
CA ASN B 184 -17.16 52.77 -4.41
C ASN B 184 -15.90 53.40 -5.00
N GLN B 185 -15.97 53.76 -6.27
CA GLN B 185 -14.81 54.33 -6.97
C GLN B 185 -14.65 55.80 -6.56
N ILE B 186 -14.32 56.00 -5.29
CA ILE B 186 -14.10 57.33 -4.75
C ILE B 186 -12.70 57.77 -5.11
N LYS B 187 -12.60 58.92 -5.79
CA LYS B 187 -11.31 59.43 -6.25
C LYS B 187 -11.04 60.86 -5.82
N GLU B 188 -11.91 61.48 -5.02
CA GLU B 188 -11.70 62.85 -4.59
C GLU B 188 -12.26 63.01 -3.19
N PHE B 189 -11.48 63.63 -2.31
CA PHE B 189 -11.88 63.90 -0.94
C PHE B 189 -11.86 65.40 -0.70
N SER B 190 -12.96 65.93 -0.19
CA SER B 190 -13.04 67.36 0.04
C SER B 190 -12.66 67.70 1.48
N PRO B 191 -12.04 68.85 1.72
CA PRO B 191 -11.69 69.24 3.08
C PRO B 191 -12.93 69.36 3.97
N GLY B 192 -12.80 68.90 5.21
CA GLY B 192 -13.90 68.96 6.15
C GLY B 192 -14.96 67.92 5.92
N CYS B 193 -14.74 66.96 5.02
CA CYS B 193 -15.76 65.95 4.75
C CYS B 193 -16.04 65.10 5.97
N PHE B 194 -14.98 64.69 6.69
CA PHE B 194 -15.16 63.92 7.90
C PHE B 194 -15.28 64.78 9.15
N HIS B 195 -14.76 66.00 9.12
CA HIS B 195 -14.92 66.89 10.26
C HIS B 195 -16.37 67.30 10.43
N ALA B 196 -17.14 67.34 9.34
CA ALA B 196 -18.56 67.67 9.44
C ALA B 196 -19.33 66.60 10.21
N ILE B 197 -18.92 65.34 10.09
CA ILE B 197 -19.56 64.28 10.85
C ILE B 197 -19.33 64.50 12.33
N GLY B 198 -20.38 64.33 13.12
CA GLY B 198 -20.31 64.55 14.55
C GLY B 198 -19.27 63.71 15.25
N ARG B 199 -19.43 62.39 15.24
CA ARG B 199 -18.50 61.48 15.91
C ARG B 199 -18.33 60.26 15.03
N LEU B 200 -17.27 60.24 14.24
CA LEU B 200 -16.94 59.11 13.39
C LEU B 200 -15.95 58.23 14.13
N PHE B 201 -16.33 56.96 14.35
CA PHE B 201 -15.48 56.03 15.08
C PHE B 201 -14.82 55.00 14.17
N GLY B 202 -15.44 54.65 13.06
CA GLY B 202 -14.86 53.66 12.17
C GLY B 202 -15.18 53.91 10.72
N LEU B 203 -14.20 53.76 9.84
CA LEU B 203 -14.38 53.94 8.41
C LEU B 203 -13.92 52.67 7.70
N PHE B 204 -14.68 52.23 6.71
CA PHE B 204 -14.36 51.02 5.95
C PHE B 204 -14.31 51.38 4.48
N LEU B 205 -13.14 51.20 3.86
CA LEU B 205 -13.00 51.48 2.44
C LEU B 205 -12.45 50.29 1.70
N ASN B 206 -13.00 49.12 1.96
CA ASN B 206 -12.55 47.90 1.30
C ASN B 206 -12.88 47.93 -0.19
N ASN B 207 -11.99 47.33 -0.98
CA ASN B 207 -12.17 47.20 -2.42
C ASN B 207 -12.33 48.55 -3.13
N VAL B 208 -11.76 49.60 -2.57
CA VAL B 208 -11.86 50.94 -3.14
C VAL B 208 -10.49 51.27 -3.70
N GLN B 209 -10.44 51.57 -4.98
CA GLN B 209 -9.15 51.86 -5.62
C GLN B 209 -8.69 53.25 -5.23
N LEU B 210 -7.97 53.34 -4.12
CA LEU B 210 -7.49 54.64 -3.66
C LEU B 210 -6.09 54.93 -4.18
N GLY B 211 -5.13 54.10 -3.81
CA GLY B 211 -3.74 54.35 -4.15
C GLY B 211 -3.00 55.06 -3.03
N PRO B 212 -1.66 55.11 -3.13
CA PRO B 212 -0.87 55.73 -2.05
C PRO B 212 -1.13 57.21 -1.86
N SER B 213 -1.12 58.01 -2.93
CA SER B 213 -1.35 59.44 -2.80
C SER B 213 -2.74 59.73 -2.25
N LEU B 214 -3.73 59.02 -2.76
CA LEU B 214 -5.09 59.22 -2.26
C LEU B 214 -5.21 58.72 -0.83
N THR B 215 -4.48 57.68 -0.45
CA THR B 215 -4.47 57.24 0.94
C THR B 215 -3.88 58.30 1.84
N GLU B 216 -2.80 58.95 1.41
CA GLU B 216 -2.24 60.04 2.20
C GLU B 216 -3.23 61.19 2.33
N LYS B 217 -3.92 61.51 1.23
CA LYS B 217 -4.94 62.55 1.30
C LYS B 217 -6.06 62.18 2.25
N LEU B 218 -6.49 60.92 2.24
CA LEU B 218 -7.48 60.44 3.20
C LEU B 218 -7.00 60.61 4.64
N CYS B 219 -5.77 60.18 4.91
CA CYS B 219 -5.25 60.29 6.27
C CYS B 219 -5.17 61.75 6.71
N LEU B 220 -4.77 62.64 5.80
CA LEU B 220 -4.76 64.05 6.13
C LEU B 220 -6.17 64.55 6.42
N GLU B 221 -7.14 64.11 5.63
CA GLU B 221 -8.53 64.48 5.90
C GLU B 221 -9.08 63.85 7.17
N LEU B 222 -8.43 62.82 7.69
CA LEU B 222 -8.85 62.15 8.91
C LEU B 222 -8.15 62.68 10.14
N ALA B 223 -7.40 63.77 10.03
CA ALA B 223 -6.68 64.30 11.17
C ALA B 223 -7.62 64.99 12.15
N ASN B 224 -7.29 64.86 13.43
CA ASN B 224 -8.02 65.53 14.51
C ASN B 224 -9.50 65.14 14.49
N THR B 225 -9.75 63.84 14.40
CA THR B 225 -11.09 63.27 14.48
C THR B 225 -11.06 62.12 15.46
N SER B 226 -12.24 61.57 15.77
CA SER B 226 -12.38 60.51 16.76
C SER B 226 -12.41 59.12 16.14
N ILE B 227 -11.69 58.91 15.04
CA ILE B 227 -11.69 57.59 14.42
C ILE B 227 -10.91 56.61 15.27
N ARG B 228 -11.33 55.34 15.24
CA ARG B 228 -10.68 54.29 15.99
C ARG B 228 -10.33 53.12 15.10
N ASN B 229 -11.12 52.90 14.06
CA ASN B 229 -10.92 51.82 13.12
C ASN B 229 -10.83 52.39 11.71
N LEU B 230 -10.00 51.77 10.89
CA LEU B 230 -9.85 52.21 9.50
C LEU B 230 -9.44 50.98 8.69
N SER B 231 -10.38 50.43 7.95
CA SER B 231 -10.14 49.26 7.12
C SER B 231 -9.88 49.70 5.69
N LEU B 232 -8.71 49.35 5.16
CA LEU B 232 -8.33 49.69 3.80
C LEU B 232 -7.99 48.44 3.00
N SER B 233 -8.76 47.38 3.17
CA SER B 233 -8.48 46.13 2.49
C SER B 233 -8.70 46.24 0.99
N ASN B 234 -7.80 45.65 0.22
CA ASN B 234 -7.89 45.61 -1.25
C ASN B 234 -8.04 47.01 -1.84
N SER B 235 -7.27 47.94 -1.32
CA SER B 235 -7.29 49.32 -1.77
C SER B 235 -6.18 49.62 -2.77
N GLN B 236 -5.50 48.59 -3.27
CA GLN B 236 -4.40 48.74 -4.21
C GLN B 236 -3.31 49.65 -3.64
N LEU B 237 -3.02 49.48 -2.35
CA LEU B 237 -1.97 50.23 -1.68
C LEU B 237 -0.66 49.48 -1.90
N SER B 238 -0.07 49.70 -3.08
CA SER B 238 1.13 48.95 -3.45
C SER B 238 2.32 49.33 -2.57
N THR B 239 2.48 50.60 -2.28
CA THR B 239 3.67 51.05 -1.56
C THR B 239 3.27 52.03 -0.47
N THR B 240 3.94 51.95 0.67
CA THR B 240 3.75 52.89 1.76
C THR B 240 5.09 53.58 2.03
N SER B 241 5.00 54.74 2.69
CA SER B 241 6.16 55.54 3.01
C SER B 241 5.95 56.13 4.39
N ASN B 242 6.94 56.86 4.89
CA ASN B 242 6.79 57.48 6.20
C ASN B 242 5.80 58.63 6.18
N THR B 243 5.25 58.98 5.03
CA THR B 243 4.28 60.05 4.99
C THR B 243 2.90 59.59 4.56
N THR B 244 2.74 58.29 4.29
CA THR B 244 1.42 57.81 3.88
C THR B 244 0.41 57.98 5.00
N PHE B 245 0.80 57.65 6.23
CA PHE B 245 -0.07 57.76 7.40
C PHE B 245 0.23 58.96 8.28
N LEU B 246 0.74 60.05 7.71
CA LEU B 246 1.04 61.23 8.50
C LEU B 246 -0.24 61.81 9.09
N GLY B 247 -1.31 61.81 8.33
CA GLY B 247 -2.56 62.38 8.82
C GLY B 247 -3.13 61.67 10.02
N LEU B 248 -2.70 60.44 10.30
CA LEU B 248 -3.15 59.73 11.48
C LEU B 248 -2.35 60.08 12.73
N LYS B 249 -1.36 60.97 12.61
CA LYS B 249 -0.61 61.38 13.78
C LYS B 249 -1.48 62.11 14.79
N TRP B 250 -2.50 62.83 14.32
CA TRP B 250 -3.33 63.66 15.18
C TRP B 250 -4.56 62.93 15.73
N THR B 251 -4.73 61.65 15.44
CA THR B 251 -5.87 60.88 15.91
C THR B 251 -5.41 59.73 16.81
N ASN B 252 -6.36 58.90 17.22
CA ASN B 252 -6.09 57.79 18.12
C ASN B 252 -6.50 56.46 17.51
N LEU B 253 -6.12 56.24 16.26
CA LEU B 253 -6.48 55.02 15.55
C LEU B 253 -5.93 53.80 16.27
N THR B 254 -6.76 52.77 16.40
CA THR B 254 -6.39 51.53 17.08
C THR B 254 -6.39 50.31 16.19
N MET B 255 -7.28 50.24 15.21
CA MET B 255 -7.37 49.10 14.30
C MET B 255 -7.12 49.59 12.88
N LEU B 256 -6.17 48.98 12.21
CA LEU B 256 -5.85 49.31 10.83
C LEU B 256 -5.78 48.03 10.03
N ASP B 257 -6.45 48.00 8.89
CA ASP B 257 -6.49 46.83 8.03
C ASP B 257 -5.86 47.17 6.70
N LEU B 258 -4.88 46.37 6.29
CA LEU B 258 -4.19 46.58 5.02
C LEU B 258 -4.12 45.29 4.22
N SER B 259 -5.04 44.37 4.47
CA SER B 259 -5.01 43.08 3.82
C SER B 259 -5.37 43.19 2.34
N TYR B 260 -4.82 42.28 1.54
CA TYR B 260 -5.08 42.15 0.11
C TYR B 260 -4.73 43.41 -0.67
N ASN B 261 -3.84 44.23 -0.15
CA ASN B 261 -3.47 45.48 -0.80
C ASN B 261 -2.31 45.30 -1.76
N ASN B 262 -1.78 44.09 -1.89
CA ASN B 262 -0.63 43.83 -2.76
C ASN B 262 0.52 44.75 -2.41
N LEU B 263 0.78 44.90 -1.11
CA LEU B 263 1.81 45.79 -0.61
C LEU B 263 3.17 45.19 -0.94
N ASN B 264 3.79 45.71 -2.01
CA ASN B 264 5.05 45.14 -2.47
C ASN B 264 6.18 45.41 -1.48
N VAL B 265 6.32 46.66 -1.03
CA VAL B 265 7.33 47.02 -0.07
C VAL B 265 6.70 47.90 1.00
N VAL B 266 7.34 47.92 2.17
CA VAL B 266 6.91 48.76 3.28
C VAL B 266 8.04 49.74 3.56
N GLY B 267 7.71 51.02 3.58
CA GLY B 267 8.73 52.02 3.72
C GLY B 267 9.30 52.09 5.13
N ASN B 268 10.49 52.68 5.21
CA ASN B 268 11.17 52.90 6.47
C ASN B 268 10.38 53.92 7.30
N ASP B 269 10.14 53.58 8.56
CA ASP B 269 9.40 54.44 9.48
C ASP B 269 8.03 54.79 8.94
N SER B 270 7.37 53.81 8.31
CA SER B 270 6.05 54.07 7.73
C SER B 270 4.98 54.19 8.80
N PHE B 271 5.05 53.35 9.83
CA PHE B 271 4.03 53.28 10.86
C PHE B 271 4.46 53.97 12.15
N ALA B 272 5.38 54.92 12.05
CA ALA B 272 5.79 55.66 13.23
C ALA B 272 4.72 56.62 13.71
N TRP B 273 3.66 56.82 12.93
CA TRP B 273 2.60 57.75 13.27
C TRP B 273 1.41 57.07 13.92
N LEU B 274 1.57 55.84 14.39
CA LEU B 274 0.48 55.10 15.02
C LEU B 274 0.96 54.60 16.37
N PRO B 275 1.06 55.48 17.37
CA PRO B 275 1.46 55.03 18.70
C PRO B 275 0.35 54.35 19.46
N GLN B 276 -0.91 54.55 19.08
CA GLN B 276 -2.05 53.98 19.77
C GLN B 276 -2.59 52.75 19.06
N LEU B 277 -1.92 52.28 18.02
CA LEU B 277 -2.39 51.11 17.29
C LEU B 277 -2.34 49.87 18.17
N GLU B 278 -3.39 49.05 18.10
CA GLU B 278 -3.48 47.85 18.94
C GLU B 278 -3.74 46.60 18.12
N TYR B 279 -4.40 46.75 16.98
CA TYR B 279 -4.74 45.64 16.11
C TYR B 279 -4.30 46.00 14.71
N PHE B 280 -3.29 45.32 14.20
CA PHE B 280 -2.73 45.60 12.88
C PHE B 280 -2.88 44.36 12.03
N PHE B 281 -3.37 44.54 10.81
CA PHE B 281 -3.61 43.44 9.88
C PHE B 281 -2.78 43.64 8.61
N LEU B 282 -2.11 42.58 8.19
CA LEU B 282 -1.33 42.66 6.96
C LEU B 282 -1.46 41.39 6.12
N GLU B 283 -2.50 40.60 6.34
CA GLU B 283 -2.59 39.30 5.69
C GLU B 283 -2.79 39.44 4.18
N TYR B 284 -2.27 38.46 3.45
CA TYR B 284 -2.39 38.35 2.00
C TYR B 284 -1.85 39.59 1.28
N ASN B 285 -0.56 39.81 1.43
CA ASN B 285 0.15 40.89 0.77
C ASN B 285 1.29 40.27 -0.04
N ASN B 286 2.13 41.13 -0.60
CA ASN B 286 3.24 40.73 -1.44
C ASN B 286 4.52 41.42 -1.01
N ILE B 287 4.77 41.45 0.30
CA ILE B 287 5.96 42.11 0.83
C ILE B 287 7.18 41.26 0.52
N GLN B 288 8.20 41.88 -0.06
CA GLN B 288 9.43 41.19 -0.44
C GLN B 288 10.56 41.42 0.55
N HIS B 289 10.49 42.46 1.38
CA HIS B 289 11.57 42.76 2.31
C HIS B 289 11.01 43.60 3.43
N LEU B 290 11.29 43.20 4.67
CA LEU B 290 10.87 43.91 5.87
C LEU B 290 12.12 44.50 6.52
N PHE B 291 12.14 45.81 6.68
CA PHE B 291 13.31 46.49 7.20
C PHE B 291 13.32 46.46 8.73
N SER B 292 14.49 46.77 9.29
CA SER B 292 14.61 46.80 10.75
C SER B 292 13.73 47.89 11.36
N HIS B 293 13.70 49.06 10.73
CA HIS B 293 12.87 50.16 11.20
C HIS B 293 11.51 50.21 10.52
N SER B 294 11.14 49.17 9.77
CA SER B 294 9.87 49.17 9.06
C SER B 294 8.70 49.24 10.01
N LEU B 295 8.75 48.50 11.11
CA LEU B 295 7.67 48.46 12.09
C LEU B 295 7.92 49.41 13.27
N HIS B 296 8.64 50.50 13.04
CA HIS B 296 8.96 51.45 14.09
C HIS B 296 7.72 52.20 14.53
N GLY B 297 7.66 52.50 15.82
CA GLY B 297 6.57 53.28 16.36
C GLY B 297 5.31 52.51 16.71
N LEU B 298 5.33 51.20 16.62
CA LEU B 298 4.17 50.35 16.92
C LEU B 298 4.30 49.66 18.26
N PHE B 299 4.83 50.36 19.24
CA PHE B 299 5.10 49.76 20.53
C PHE B 299 3.87 49.50 21.32
N ASN B 300 2.68 49.68 20.77
CA ASN B 300 1.46 49.42 21.50
C ASN B 300 0.58 48.38 20.83
N VAL B 301 1.05 47.74 19.77
CA VAL B 301 0.26 46.75 19.06
C VAL B 301 0.12 45.49 19.91
N ARG B 302 -1.11 45.00 20.05
CA ARG B 302 -1.39 43.79 20.81
C ARG B 302 -1.72 42.59 19.94
N TYR B 303 -1.91 42.78 18.64
CA TYR B 303 -2.25 41.67 17.76
C TYR B 303 -1.80 42.02 16.35
N LEU B 304 -0.85 41.27 15.82
CA LEU B 304 -0.33 41.47 14.48
C LEU B 304 -0.59 40.22 13.65
N ASN B 305 -1.15 40.39 12.48
CA ASN B 305 -1.45 39.29 11.57
C ASN B 305 -0.59 39.41 10.31
N LEU B 306 0.12 38.34 9.99
CA LEU B 306 1.02 38.30 8.83
C LEU B 306 0.81 37.04 8.02
N LYS B 307 -0.43 36.60 7.90
CA LYS B 307 -0.73 35.39 7.15
C LYS B 307 -0.64 35.68 5.66
N ARG B 308 0.31 35.02 4.99
CA ARG B 308 0.58 35.24 3.57
C ARG B 308 0.97 36.68 3.28
N SER B 309 1.54 37.35 4.28
CA SER B 309 1.91 38.74 4.11
C SER B 309 3.18 38.92 3.30
N PHE B 310 3.97 37.87 3.10
CA PHE B 310 5.22 37.96 2.38
C PHE B 310 5.11 37.26 1.03
N THR B 311 6.03 37.60 0.14
CA THR B 311 5.99 37.07 -1.21
C THR B 311 6.24 35.57 -1.24
N LYS B 312 5.62 34.91 -2.19
CA LYS B 312 5.83 33.49 -2.40
C LYS B 312 7.09 33.25 -3.21
N GLN B 313 7.61 32.03 -3.10
CA GLN B 313 8.82 31.68 -3.82
C GLN B 313 8.53 31.58 -5.31
N SER B 314 9.49 32.02 -6.12
CA SER B 314 9.41 31.93 -7.58
C SER B 314 10.69 31.30 -8.08
N ILE B 315 10.55 30.27 -8.93
CA ILE B 315 11.72 29.58 -9.47
C ILE B 315 12.53 30.50 -10.37
N SER B 316 11.89 31.55 -10.92
CA SER B 316 12.60 32.43 -11.84
C SER B 316 13.73 33.18 -11.14
N LEU B 317 13.49 33.66 -9.92
CA LEU B 317 14.46 34.49 -9.21
C LEU B 317 14.76 34.02 -7.79
N ALA B 318 13.98 33.09 -7.24
CA ALA B 318 14.16 32.65 -5.86
C ALA B 318 14.11 33.84 -4.90
N SER B 319 13.14 34.73 -5.13
CA SER B 319 12.99 35.94 -4.33
C SER B 319 12.31 35.59 -3.00
N LEU B 320 13.06 34.91 -2.16
CA LEU B 320 12.56 34.56 -0.83
C LEU B 320 12.44 35.82 0.02
N PRO B 321 11.32 36.04 0.69
CA PRO B 321 11.16 37.24 1.52
C PRO B 321 12.12 37.22 2.69
N LYS B 322 13.02 38.20 2.73
CA LYS B 322 14.02 38.29 3.78
C LYS B 322 13.54 39.23 4.88
N ILE B 323 13.64 38.80 6.12
CA ILE B 323 13.28 39.61 7.28
C ILE B 323 14.58 39.99 7.98
N ASP B 324 14.83 41.28 8.09
CA ASP B 324 16.05 41.74 8.71
C ASP B 324 16.04 41.47 10.21
N ASP B 325 17.23 41.44 10.78
CA ASP B 325 17.36 41.20 12.21
C ASP B 325 16.81 42.37 13.01
N PHE B 326 16.29 42.06 14.19
CA PHE B 326 15.67 43.05 15.08
C PHE B 326 14.53 43.77 14.41
N SER B 327 13.84 43.08 13.50
CA SER B 327 12.72 43.72 12.80
C SER B 327 11.50 43.84 13.71
N PHE B 328 11.35 42.94 14.67
CA PHE B 328 10.24 42.95 15.61
C PHE B 328 10.61 43.54 16.96
N GLN B 329 11.76 44.21 17.05
CA GLN B 329 12.21 44.76 18.32
C GLN B 329 11.30 45.86 18.85
N TRP B 330 10.50 46.50 17.98
CA TRP B 330 9.66 47.61 18.39
C TRP B 330 8.35 47.20 19.03
N LEU B 331 7.85 46.01 18.73
CA LEU B 331 6.56 45.55 19.25
C LEU B 331 6.73 45.12 20.70
N LYS B 332 6.82 46.10 21.60
CA LYS B 332 7.02 45.80 23.01
C LYS B 332 5.80 45.14 23.62
N CYS B 333 4.59 45.57 23.24
CA CYS B 333 3.37 45.06 23.86
C CYS B 333 2.68 44.02 23.00
N LEU B 334 3.40 43.44 22.03
CA LEU B 334 2.80 42.42 21.18
C LEU B 334 2.45 41.19 22.01
N GLU B 335 1.27 40.65 21.77
CA GLU B 335 0.79 39.48 22.49
C GLU B 335 0.25 38.39 21.58
N HIS B 336 0.20 38.61 20.28
CA HIS B 336 -0.34 37.61 19.37
C HIS B 336 0.23 37.86 18.00
N LEU B 337 0.94 36.89 17.44
CA LEU B 337 1.57 37.02 16.14
C LEU B 337 1.16 35.84 15.27
N ASN B 338 0.17 36.04 14.43
CA ASN B 338 -0.27 35.04 13.46
C ASN B 338 0.57 35.23 12.20
N MET B 339 1.39 34.24 11.88
CA MET B 339 2.42 34.40 10.85
C MET B 339 2.46 33.14 9.98
N GLU B 340 1.29 32.67 9.58
CA GLU B 340 1.15 31.42 8.84
C GLU B 340 1.25 31.62 7.33
N ASP B 341 1.56 30.53 6.63
CA ASP B 341 1.59 30.46 5.18
C ASP B 341 2.51 31.53 4.57
N ASN B 342 3.78 31.43 4.91
CA ASN B 342 4.81 32.32 4.40
C ASN B 342 5.95 31.49 3.86
N ASP B 343 6.90 32.16 3.21
CA ASP B 343 8.00 31.50 2.55
C ASP B 343 9.34 32.03 3.05
N ILE B 344 9.47 32.20 4.35
CA ILE B 344 10.70 32.71 4.95
C ILE B 344 11.79 31.65 4.85
N PRO B 345 13.02 32.01 4.50
CA PRO B 345 14.09 31.00 4.45
C PRO B 345 14.35 30.29 5.77
N GLY B 346 14.29 30.98 6.89
CA GLY B 346 14.54 30.34 8.16
C GLY B 346 14.54 31.33 9.29
N ILE B 347 14.76 30.81 10.49
CA ILE B 347 14.80 31.61 11.71
C ILE B 347 16.24 31.98 11.99
N LYS B 348 16.46 33.24 12.35
CA LYS B 348 17.78 33.76 12.70
C LYS B 348 17.86 33.97 14.20
N SER B 349 19.05 34.38 14.65
CA SER B 349 19.29 34.57 16.07
C SER B 349 18.67 35.84 16.62
N ASN B 350 18.25 36.76 15.74
CA ASN B 350 17.69 38.02 16.20
C ASN B 350 16.34 38.33 15.54
N MET B 351 15.70 37.32 14.95
CA MET B 351 14.45 37.56 14.24
C MET B 351 13.34 38.01 15.18
N PHE B 352 13.25 37.41 16.37
CA PHE B 352 12.17 37.70 17.32
C PHE B 352 12.64 38.46 18.55
N THR B 353 13.82 39.08 18.49
CA THR B 353 14.31 39.81 19.65
C THR B 353 13.46 41.04 19.93
N GLY B 354 13.22 41.31 21.21
CA GLY B 354 12.49 42.48 21.65
C GLY B 354 11.05 42.24 22.05
N LEU B 355 10.49 41.10 21.69
CA LEU B 355 9.11 40.77 22.03
C LEU B 355 9.11 40.25 23.46
N ILE B 356 8.98 41.18 24.42
CA ILE B 356 9.03 40.83 25.83
C ILE B 356 7.67 40.56 26.43
N ASN B 357 6.59 40.76 25.67
CA ASN B 357 5.24 40.48 26.16
C ASN B 357 4.50 39.47 25.29
N LEU B 358 5.21 38.81 24.38
CA LEU B 358 4.57 37.88 23.47
C LEU B 358 4.05 36.67 24.21
N LYS B 359 2.85 36.22 23.82
CA LYS B 359 2.21 35.07 24.43
C LYS B 359 1.67 34.05 23.45
N TYR B 360 1.71 34.32 22.15
CA TYR B 360 1.19 33.39 21.16
C TYR B 360 1.93 33.63 19.85
N LEU B 361 2.66 32.63 19.38
CA LEU B 361 3.37 32.69 18.12
C LEU B 361 2.94 31.52 17.26
N SER B 362 2.46 31.81 16.06
CA SER B 362 2.02 30.79 15.12
C SER B 362 2.94 30.81 13.92
N LEU B 363 3.53 29.67 13.60
CA LEU B 363 4.43 29.55 12.47
C LEU B 363 4.03 28.37 11.60
N SER B 364 2.73 28.20 11.39
CA SER B 364 2.21 27.11 10.57
C SER B 364 2.55 27.37 9.12
N ASN B 365 3.39 26.51 8.54
CA ASN B 365 3.83 26.63 7.16
C ASN B 365 4.50 27.98 6.89
N SER B 366 5.18 28.50 7.89
CA SER B 366 5.81 29.82 7.76
C SER B 366 7.14 29.79 7.05
N PHE B 367 7.79 28.63 6.93
CA PHE B 367 9.11 28.54 6.33
C PHE B 367 9.11 27.48 5.24
N THR B 368 9.90 27.73 4.19
CA THR B 368 9.97 26.78 3.09
C THR B 368 10.61 25.48 3.54
N SER B 369 11.72 25.56 4.27
CA SER B 369 12.45 24.35 4.67
C SER B 369 13.16 24.63 6.00
N LEU B 370 12.46 24.38 7.09
CA LEU B 370 13.06 24.34 8.43
C LEU B 370 13.29 22.88 8.78
N ARG B 371 14.32 22.29 8.16
CA ARG B 371 14.55 20.86 8.32
C ARG B 371 14.99 20.50 9.73
N THR B 372 15.97 21.22 10.27
CA THR B 372 16.59 20.89 11.55
C THR B 372 16.29 21.97 12.57
N LEU B 373 15.89 21.54 13.77
CA LEU B 373 15.64 22.46 14.88
C LEU B 373 16.86 22.46 15.78
N THR B 374 17.86 23.23 15.37
CA THR B 374 19.09 23.42 16.12
C THR B 374 18.77 24.12 17.45
N ASN B 375 19.57 23.81 18.48
CA ASN B 375 19.32 24.36 19.79
C ASN B 375 19.47 25.88 19.81
N GLU B 376 20.07 26.48 18.78
CA GLU B 376 20.16 27.92 18.68
C GLU B 376 19.04 28.55 17.85
N THR B 377 18.06 27.76 17.40
CA THR B 377 17.00 28.32 16.57
C THR B 377 16.10 29.27 17.34
N PHE B 378 15.67 28.88 18.54
CA PHE B 378 14.76 29.70 19.34
C PHE B 378 15.49 30.56 20.37
N VAL B 379 16.72 30.97 20.08
CA VAL B 379 17.46 31.81 21.00
C VAL B 379 16.87 33.20 21.10
N SER B 380 16.25 33.68 20.02
CA SER B 380 15.63 35.00 20.03
C SER B 380 14.41 35.04 20.91
N LEU B 381 13.83 33.90 21.25
CA LEU B 381 12.64 33.83 22.09
C LEU B 381 12.99 33.52 23.54
N ALA B 382 14.21 33.82 23.97
CA ALA B 382 14.63 33.50 25.33
C ALA B 382 13.86 34.33 26.35
N HIS B 383 13.72 35.63 26.10
CA HIS B 383 13.03 36.50 27.05
C HIS B 383 11.55 36.66 26.76
N SER B 384 11.05 36.06 25.69
CA SER B 384 9.64 36.15 25.34
C SER B 384 8.84 35.16 26.18
N PRO B 385 7.84 35.60 26.93
CA PRO B 385 7.02 34.68 27.73
C PRO B 385 5.98 33.92 26.90
N LEU B 386 6.47 33.11 25.97
CA LEU B 386 5.57 32.37 25.09
C LEU B 386 4.77 31.34 25.86
N HIS B 387 3.55 31.14 25.42
CA HIS B 387 2.67 30.11 25.94
C HIS B 387 2.26 29.09 24.89
N ILE B 388 1.98 29.52 23.67
CA ILE B 388 1.57 28.62 22.61
C ILE B 388 2.47 28.83 21.40
N LEU B 389 3.05 27.76 20.89
CA LEU B 389 3.88 27.79 19.70
C LEU B 389 3.36 26.77 18.71
N ASN B 390 3.19 27.18 17.46
CA ASN B 390 2.63 26.33 16.42
C ASN B 390 3.67 26.15 15.32
N LEU B 391 3.95 24.89 14.98
CA LEU B 391 4.99 24.57 14.00
C LEU B 391 4.53 23.46 13.05
N THR B 392 3.30 23.56 12.57
CA THR B 392 2.77 22.57 11.66
C THR B 392 3.13 22.90 10.21
N LYS B 393 3.27 21.85 9.40
CA LYS B 393 3.53 21.98 7.96
C LYS B 393 4.79 22.77 7.66
N ASN B 394 5.78 22.71 8.54
CA ASN B 394 7.07 23.34 8.30
C ASN B 394 8.10 22.38 7.72
N LYS B 395 7.70 21.14 7.45
CA LYS B 395 8.59 20.12 6.89
C LYS B 395 9.82 19.91 7.77
N ILE B 396 9.61 19.94 9.09
CA ILE B 396 10.69 19.71 10.02
C ILE B 396 11.10 18.25 9.98
N SER B 397 12.40 18.00 9.83
CA SER B 397 12.89 16.65 9.68
C SER B 397 13.71 16.14 10.87
N LYS B 398 14.23 17.03 11.71
CA LYS B 398 15.06 16.62 12.82
C LYS B 398 14.98 17.66 13.93
N ILE B 399 14.94 17.20 15.16
CA ILE B 399 14.95 18.07 16.33
C ILE B 399 16.13 17.66 17.20
N GLU B 400 17.08 18.55 17.36
CA GLU B 400 18.26 18.26 18.15
C GLU B 400 18.01 18.56 19.62
N SER B 401 18.96 18.16 20.45
CA SER B 401 18.83 18.35 21.89
C SER B 401 18.87 19.82 22.24
N ASP B 402 18.18 20.16 23.33
CA ASP B 402 18.10 21.53 23.85
C ASP B 402 17.48 22.48 22.84
N ALA B 403 16.66 21.95 21.93
CA ALA B 403 16.05 22.81 20.91
C ALA B 403 15.09 23.81 21.56
N PHE B 404 14.33 23.37 22.55
CA PHE B 404 13.35 24.20 23.24
C PHE B 404 13.83 24.60 24.64
N SER B 405 15.14 24.69 24.82
CA SER B 405 15.67 25.05 26.13
C SER B 405 15.46 26.51 26.48
N TRP B 406 15.02 27.33 25.53
CA TRP B 406 14.81 28.75 25.79
C TRP B 406 13.37 29.08 26.16
N LEU B 407 12.42 28.19 25.90
CA LEU B 407 11.01 28.45 26.16
C LEU B 407 10.63 27.87 27.52
N GLY B 408 10.99 28.60 28.56
CA GLY B 408 10.68 28.16 29.91
C GLY B 408 9.23 28.28 30.30
N HIS B 409 8.49 29.18 29.66
CA HIS B 409 7.07 29.39 29.94
C HIS B 409 6.16 28.69 28.95
N LEU B 410 6.72 27.92 28.03
CA LEU B 410 5.93 27.28 27.00
C LEU B 410 4.96 26.28 27.62
N GLU B 411 3.72 26.29 27.13
CA GLU B 411 2.68 25.40 27.61
C GLU B 411 2.12 24.50 26.52
N VAL B 412 1.92 25.02 25.31
CA VAL B 412 1.39 24.24 24.21
C VAL B 412 2.40 24.25 23.08
N LEU B 413 2.80 23.07 22.63
CA LEU B 413 3.70 22.92 21.50
C LEU B 413 3.01 22.10 20.44
N ASP B 414 2.97 22.62 19.22
CA ASP B 414 2.31 21.96 18.10
C ASP B 414 3.36 21.63 17.05
N LEU B 415 3.81 20.39 17.04
CA LEU B 415 4.79 19.92 16.06
C LEU B 415 4.20 18.95 15.06
N GLY B 416 2.89 18.90 14.92
CA GLY B 416 2.27 17.94 14.04
C GLY B 416 2.37 18.32 12.59
N LEU B 417 1.94 17.39 11.74
CA LEU B 417 1.91 17.58 10.28
C LEU B 417 3.29 17.98 9.75
N ASN B 418 4.33 17.33 10.26
CA ASN B 418 5.70 17.54 9.84
C ASN B 418 6.26 16.23 9.30
N GLU B 419 7.55 16.23 9.01
CA GLU B 419 8.25 15.04 8.53
C GLU B 419 9.35 14.64 9.50
N ILE B 420 9.06 14.68 10.79
CA ILE B 420 10.05 14.44 11.84
C ILE B 420 10.30 12.93 11.91
N GLY B 421 11.48 12.50 11.46
CA GLY B 421 11.88 11.13 11.61
C GLY B 421 13.17 11.02 12.40
N GLN B 422 13.10 10.49 13.60
CA GLN B 422 14.26 10.45 14.49
C GLN B 422 13.94 9.52 15.64
N GLU B 423 14.85 9.45 16.61
CA GLU B 423 14.65 8.73 17.85
C GLU B 423 14.61 9.74 19.00
N LEU B 424 13.53 9.72 19.76
CA LEU B 424 13.35 10.65 20.87
C LEU B 424 14.26 10.22 22.01
N THR B 425 15.45 10.82 22.07
CA THR B 425 16.37 10.51 23.15
C THR B 425 15.91 11.07 24.48
N GLY B 426 14.99 12.04 24.47
CA GLY B 426 14.47 12.62 25.67
C GLY B 426 15.08 13.97 26.01
N GLN B 427 16.20 14.32 25.40
CA GLN B 427 16.82 15.61 25.67
C GLN B 427 16.22 16.74 24.86
N GLU B 428 15.33 16.44 23.93
CA GLU B 428 14.71 17.49 23.12
C GLU B 428 13.74 18.33 23.92
N TRP B 429 13.20 17.81 25.01
CA TRP B 429 12.20 18.52 25.79
C TRP B 429 12.77 19.21 27.01
N ARG B 430 14.09 19.30 27.11
CA ARG B 430 14.69 19.98 28.25
C ARG B 430 14.35 21.47 28.24
N GLY B 431 14.06 22.00 29.42
CA GLY B 431 13.72 23.39 29.56
C GLY B 431 12.24 23.69 29.54
N LEU B 432 11.40 22.72 29.18
CA LEU B 432 9.95 22.91 29.17
C LEU B 432 9.40 22.58 30.56
N GLU B 433 9.68 23.47 31.51
CA GLU B 433 9.28 23.26 32.88
C GLU B 433 7.79 23.48 33.10
N ASN B 434 7.11 24.18 32.20
CA ASN B 434 5.68 24.46 32.36
C ASN B 434 4.88 23.97 31.17
N ILE B 435 5.38 22.94 30.48
CA ILE B 435 4.69 22.41 29.30
C ILE B 435 3.45 21.64 29.72
N PHE B 436 2.39 21.76 28.94
CA PHE B 436 1.13 21.05 29.18
C PHE B 436 0.74 20.12 28.05
N GLU B 437 0.79 20.58 26.80
CA GLU B 437 0.35 19.80 25.66
C GLU B 437 1.43 19.77 24.60
N ILE B 438 1.68 18.59 24.05
CA ILE B 438 2.62 18.41 22.96
C ILE B 438 1.92 17.62 21.87
N TYR B 439 1.86 18.18 20.67
CA TYR B 439 1.22 17.55 19.54
C TYR B 439 2.30 17.08 18.58
N LEU B 440 2.23 15.81 18.18
CA LEU B 440 3.25 15.27 17.28
C LEU B 440 2.63 14.40 16.19
N SER B 441 1.34 14.52 15.96
CA SER B 441 0.66 13.64 15.02
C SER B 441 1.08 13.92 13.58
N TYR B 442 0.94 12.90 12.75
CA TYR B 442 1.20 12.96 11.31
C TYR B 442 2.65 13.33 11.02
N ASN B 443 3.56 12.51 11.54
CA ASN B 443 4.99 12.64 11.29
C ASN B 443 5.48 11.44 10.49
N LYS B 444 6.77 11.42 10.21
CA LYS B 444 7.31 10.32 9.42
C LYS B 444 7.46 9.05 10.26
N TYR B 445 8.28 9.09 11.29
CA TYR B 445 8.41 7.95 12.20
C TYR B 445 9.12 8.40 13.46
N LEU B 446 8.64 7.93 14.60
CA LEU B 446 9.21 8.26 15.90
C LEU B 446 9.59 6.98 16.62
N GLN B 447 10.76 6.99 17.25
CA GLN B 447 11.28 5.85 17.99
C GLN B 447 11.44 6.27 19.44
N LEU B 448 10.56 5.77 20.30
CA LEU B 448 10.57 6.15 21.70
C LEU B 448 11.67 5.41 22.47
N THR B 449 12.05 5.99 23.59
CA THR B 449 13.10 5.47 24.46
C THR B 449 12.56 5.47 25.89
N ARG B 450 13.30 4.83 26.80
CA ARG B 450 12.84 4.73 28.19
C ARG B 450 12.63 6.10 28.81
N ASN B 451 13.51 7.05 28.53
CA ASN B 451 13.45 8.40 29.09
C ASN B 451 13.08 9.44 28.04
N SER B 452 12.17 9.09 27.14
CA SER B 452 11.75 10.02 26.09
C SER B 452 11.05 11.24 26.67
N PHE B 453 10.19 11.04 27.66
CA PHE B 453 9.43 12.13 28.26
C PHE B 453 9.74 12.29 29.74
N ALA B 454 10.95 11.97 30.13
CA ALA B 454 11.34 12.07 31.53
C ALA B 454 11.63 13.49 31.95
N LEU B 455 11.84 14.40 31.01
CA LEU B 455 12.17 15.78 31.34
C LEU B 455 10.95 16.70 31.37
N VAL B 456 9.76 16.18 31.10
CA VAL B 456 8.55 17.00 31.10
C VAL B 456 7.48 16.29 31.93
N PRO B 457 7.65 16.20 33.25
CA PRO B 457 6.64 15.53 34.07
C PRO B 457 5.31 16.27 34.11
N SER B 458 5.28 17.55 33.74
CA SER B 458 4.06 18.34 33.78
C SER B 458 3.18 18.14 32.56
N LEU B 459 3.59 17.30 31.62
CA LEU B 459 2.83 17.10 30.40
C LEU B 459 1.46 16.51 30.71
N GLN B 460 0.45 16.98 29.98
CA GLN B 460 -0.92 16.50 30.14
C GLN B 460 -1.55 15.98 28.86
N ARG B 461 -1.12 16.45 27.70
CA ARG B 461 -1.63 15.96 26.42
C ARG B 461 -0.46 15.47 25.58
N LEU B 462 -0.65 14.34 24.91
CA LEU B 462 0.40 13.80 24.06
C LEU B 462 -0.28 13.09 22.90
N MET B 463 -0.32 13.75 21.76
CA MET B 463 -0.96 13.20 20.57
C MET B 463 0.10 12.62 19.64
N LEU B 464 -0.05 11.35 19.31
CA LEU B 464 0.88 10.63 18.44
C LEU B 464 0.12 9.86 17.38
N ARG B 465 -0.83 10.52 16.74
CA ARG B 465 -1.66 9.88 15.74
C ARG B 465 -0.92 9.76 14.42
N ARG B 466 -0.85 8.54 13.88
CA ARG B 466 -0.23 8.26 12.60
C ARG B 466 1.21 8.77 12.54
N VAL B 467 2.04 8.24 13.45
CA VAL B 467 3.44 8.60 13.56
C VAL B 467 4.34 7.39 13.43
N ALA B 468 3.77 6.19 13.30
CA ALA B 468 4.54 4.96 13.19
C ALA B 468 5.49 4.80 14.38
N LEU B 469 4.89 4.69 15.56
CA LEU B 469 5.66 4.55 16.78
C LEU B 469 6.46 3.26 16.75
N LYS B 470 7.68 3.32 17.26
CA LYS B 470 8.57 2.19 17.35
C LYS B 470 9.14 2.09 18.75
N ASN B 471 9.42 0.87 19.18
CA ASN B 471 9.97 0.59 20.50
C ASN B 471 9.09 1.14 21.62
N VAL B 472 7.78 1.13 21.41
CA VAL B 472 6.83 1.54 22.46
C VAL B 472 6.68 0.48 23.53
N ASP B 473 7.18 -0.74 23.28
CA ASP B 473 7.07 -1.85 24.22
C ASP B 473 8.35 -2.05 25.01
N SER B 474 9.02 -0.96 25.38
CA SER B 474 10.20 -1.06 26.23
C SER B 474 9.82 -1.53 27.63
N SER B 475 10.75 -2.20 28.29
CA SER B 475 10.48 -2.70 29.64
C SER B 475 10.09 -1.61 30.62
N PRO B 476 10.79 -0.48 30.71
CA PRO B 476 10.25 0.66 31.46
C PRO B 476 9.30 1.43 30.57
N SER B 477 8.14 1.76 31.11
CA SER B 477 7.13 2.45 30.32
C SER B 477 7.60 3.86 30.00
N PRO B 478 7.64 4.26 28.73
CA PRO B 478 8.05 5.64 28.41
C PRO B 478 7.12 6.70 28.96
N PHE B 479 5.88 6.35 29.26
CA PHE B 479 4.90 7.29 29.80
C PHE B 479 4.91 7.32 31.31
N GLN B 480 5.80 6.58 31.96
CA GLN B 480 5.85 6.58 33.43
C GLN B 480 6.10 7.96 34.03
N PRO B 481 7.06 8.75 33.58
CA PRO B 481 7.26 10.08 34.20
C PRO B 481 6.08 11.04 34.05
N LEU B 482 5.20 10.82 33.08
CA LEU B 482 4.05 11.69 32.84
C LEU B 482 2.96 11.36 33.86
N ARG B 483 3.17 11.82 35.10
CA ARG B 483 2.22 11.54 36.17
C ARG B 483 0.91 12.30 35.98
N ASN B 484 0.93 13.44 35.32
CA ASN B 484 -0.25 14.28 35.15
C ASN B 484 -0.89 14.12 33.78
N LEU B 485 -0.53 13.09 33.04
CA LEU B 485 -1.10 12.89 31.72
C LEU B 485 -2.58 12.61 31.79
N THR B 486 -3.35 13.22 30.90
CA THR B 486 -4.79 13.05 30.83
C THR B 486 -5.27 12.55 29.48
N ILE B 487 -4.71 13.02 28.38
CA ILE B 487 -5.12 12.61 27.05
C ILE B 487 -3.92 12.04 26.32
N LEU B 488 -4.06 10.83 25.80
CA LEU B 488 -3.02 10.16 25.04
C LEU B 488 -3.64 9.59 23.78
N ASP B 489 -3.06 9.90 22.62
CA ASP B 489 -3.56 9.45 21.33
C ASP B 489 -2.46 8.65 20.65
N LEU B 490 -2.76 7.39 20.34
CA LEU B 490 -1.83 6.47 19.67
C LEU B 490 -2.51 5.75 18.52
N SER B 491 -3.28 6.47 17.73
CA SER B 491 -4.06 5.87 16.66
C SER B 491 -3.28 5.83 15.35
N ASN B 492 -3.61 4.84 14.52
CA ASN B 492 -3.04 4.68 13.19
C ASN B 492 -1.52 4.54 13.20
N ASN B 493 -0.98 3.96 14.26
CA ASN B 493 0.46 3.75 14.37
C ASN B 493 0.87 2.33 14.06
N ASN B 494 -0.08 1.45 13.75
CA ASN B 494 0.21 0.04 13.46
C ASN B 494 0.99 -0.60 14.60
N ILE B 495 0.61 -0.28 15.83
CA ILE B 495 1.29 -0.84 16.99
C ILE B 495 0.95 -2.31 17.13
N ALA B 496 1.96 -3.14 17.38
CA ALA B 496 1.77 -4.58 17.48
C ALA B 496 1.87 -5.09 18.91
N ASN B 497 2.90 -4.68 19.66
CA ASN B 497 3.17 -5.20 20.98
C ASN B 497 3.07 -4.08 22.02
N ILE B 498 2.30 -4.34 23.07
CA ILE B 498 2.13 -3.43 24.21
C ILE B 498 2.36 -4.20 25.49
N ASN B 499 3.17 -3.64 26.38
CA ASN B 499 3.37 -4.24 27.69
C ASN B 499 2.22 -3.87 28.61
N ASP B 500 1.99 -4.72 29.62
CA ASP B 500 0.91 -4.49 30.56
C ASP B 500 1.18 -3.33 31.50
N ASP B 501 2.43 -2.91 31.64
CA ASP B 501 2.79 -1.82 32.53
C ASP B 501 3.05 -0.53 31.79
N MET B 502 2.64 -0.44 30.52
CA MET B 502 2.87 0.79 29.75
C MET B 502 2.12 1.96 30.35
N LEU B 503 0.90 1.73 30.82
CA LEU B 503 0.09 2.78 31.41
C LEU B 503 0.06 2.72 32.93
N GLU B 504 1.07 2.09 33.53
CA GLU B 504 1.11 1.98 34.99
C GLU B 504 1.41 3.34 35.62
N GLY B 505 0.62 3.70 36.64
CA GLY B 505 0.81 4.93 37.38
C GLY B 505 0.09 6.14 36.84
N LEU B 506 -0.54 6.04 35.67
CA LEU B 506 -1.26 7.16 35.06
C LEU B 506 -2.71 7.16 35.56
N GLU B 507 -2.84 7.51 36.84
CA GLU B 507 -4.17 7.52 37.45
C GLU B 507 -5.06 8.61 36.87
N LYS B 508 -4.48 9.73 36.48
CA LYS B 508 -5.26 10.87 36.01
C LYS B 508 -5.58 10.80 34.52
N LEU B 509 -5.17 9.74 33.83
CA LEU B 509 -5.49 9.60 32.42
C LEU B 509 -6.99 9.51 32.21
N GLU B 510 -7.50 10.25 31.24
CA GLU B 510 -8.93 10.30 30.96
C GLU B 510 -9.31 9.83 29.57
N ILE B 511 -8.62 10.31 28.54
CA ILE B 511 -8.95 9.98 27.16
C ILE B 511 -7.79 9.20 26.58
N LEU B 512 -8.05 7.99 26.10
CA LEU B 512 -7.05 7.15 25.48
C LEU B 512 -7.56 6.68 24.13
N ASP B 513 -6.75 6.86 23.10
CA ASP B 513 -7.10 6.46 21.74
C ASP B 513 -6.09 5.43 21.24
N LEU B 514 -6.59 4.29 20.79
CA LEU B 514 -5.74 3.24 20.25
C LEU B 514 -6.33 2.61 19.00
N GLN B 515 -7.17 3.34 18.28
CA GLN B 515 -7.84 2.81 17.11
C GLN B 515 -6.86 2.65 15.95
N HIS B 516 -7.25 1.80 15.00
CA HIS B 516 -6.47 1.54 13.79
C HIS B 516 -5.07 1.05 14.11
N ASN B 517 -4.99 0.06 14.99
CA ASN B 517 -3.73 -0.58 15.33
C ASN B 517 -3.86 -2.08 15.15
N ASN B 518 -2.84 -2.83 15.54
CA ASN B 518 -2.84 -4.28 15.42
C ASN B 518 -2.55 -4.87 16.79
N LEU B 519 -3.61 -5.03 17.59
CA LEU B 519 -3.51 -5.59 18.93
C LEU B 519 -4.36 -6.84 19.10
N ALA B 520 -4.71 -7.50 18.00
CA ALA B 520 -5.57 -8.66 18.09
C ALA B 520 -4.89 -9.79 18.86
N ARG B 521 -3.59 -9.99 18.63
CA ARG B 521 -2.87 -11.07 19.28
C ARG B 521 -2.78 -10.88 20.79
N LEU B 522 -2.67 -9.64 21.24
CA LEU B 522 -2.45 -9.37 22.65
C LEU B 522 -3.63 -9.78 23.54
N TRP B 523 -4.79 -10.05 22.96
CA TRP B 523 -5.98 -10.35 23.74
C TRP B 523 -6.52 -11.75 23.53
N LYS B 524 -6.04 -12.48 22.54
CA LYS B 524 -6.45 -13.86 22.37
C LYS B 524 -5.86 -14.72 23.48
N HIS B 525 -6.61 -15.75 23.88
CA HIS B 525 -6.17 -16.65 24.94
C HIS B 525 -5.00 -17.50 24.52
N ALA B 526 -4.76 -17.66 23.24
CA ALA B 526 -3.66 -18.48 22.75
C ALA B 526 -2.35 -17.70 22.70
N ASN B 527 -2.36 -16.43 23.06
CA ASN B 527 -1.12 -15.65 23.07
C ASN B 527 -0.19 -16.19 24.14
N PRO B 528 1.06 -16.53 23.80
CA PRO B 528 2.00 -16.97 24.82
C PRO B 528 2.22 -15.88 25.86
N GLY B 529 2.35 -16.31 27.11
CA GLY B 529 2.50 -15.37 28.20
C GLY B 529 1.21 -14.81 28.75
N GLY B 530 0.07 -15.16 28.16
CA GLY B 530 -1.22 -14.69 28.62
C GLY B 530 -1.64 -13.40 27.95
N PRO B 531 -2.94 -13.10 28.02
CA PRO B 531 -3.44 -11.85 27.46
C PRO B 531 -2.84 -10.66 28.19
N ILE B 532 -2.67 -9.56 27.47
CA ILE B 532 -2.08 -8.36 28.02
C ILE B 532 -3.19 -7.47 28.55
N TYR B 533 -3.17 -7.23 29.86
CA TYR B 533 -4.15 -6.36 30.52
C TYR B 533 -3.52 -4.99 30.71
N PHE B 534 -3.49 -4.20 29.64
CA PHE B 534 -2.86 -2.89 29.65
C PHE B 534 -3.81 -1.77 30.04
N LEU B 535 -4.97 -2.09 30.60
CA LEU B 535 -5.95 -1.09 31.00
C LEU B 535 -6.27 -1.19 32.49
N LYS B 536 -5.27 -1.50 33.30
CA LYS B 536 -5.47 -1.62 34.74
C LYS B 536 -4.92 -0.39 35.44
N GLY B 537 -5.67 0.08 36.44
CA GLY B 537 -5.28 1.25 37.19
C GLY B 537 -5.78 2.57 36.66
N LEU B 538 -6.40 2.58 35.48
CA LEU B 538 -6.92 3.81 34.88
C LEU B 538 -8.31 4.07 35.46
N SER B 539 -8.32 4.44 36.75
CA SER B 539 -9.57 4.66 37.45
C SER B 539 -10.31 5.89 36.95
N HIS B 540 -9.62 6.82 36.30
CA HIS B 540 -10.24 8.05 35.82
C HIS B 540 -10.48 8.05 34.32
N LEU B 541 -10.32 6.92 33.66
CA LEU B 541 -10.52 6.86 32.22
C LEU B 541 -11.97 7.11 31.87
N HIS B 542 -12.20 7.94 30.86
CA HIS B 542 -13.55 8.30 30.42
C HIS B 542 -13.82 7.88 29.00
N ILE B 543 -12.91 8.17 28.06
CA ILE B 543 -13.12 7.87 26.66
C ILE B 543 -12.06 6.86 26.23
N LEU B 544 -12.50 5.75 25.66
CA LEU B 544 -11.62 4.72 25.16
C LEU B 544 -12.01 4.44 23.72
N ASN B 545 -11.02 4.40 22.83
CA ASN B 545 -11.26 4.16 21.41
C ASN B 545 -10.42 2.97 20.99
N LEU B 546 -11.07 1.94 20.45
CA LEU B 546 -10.37 0.74 20.02
C LEU B 546 -10.90 0.24 18.68
N GLU B 547 -11.10 1.17 17.75
CA GLU B 547 -11.63 0.84 16.43
C GLU B 547 -10.57 0.21 15.55
N SER B 548 -11.00 -0.73 14.71
CA SER B 548 -10.18 -1.32 13.67
C SER B 548 -8.89 -1.95 14.22
N ASN B 549 -9.00 -2.59 15.38
CA ASN B 549 -7.87 -3.27 15.99
C ASN B 549 -7.77 -4.73 15.61
N GLY B 550 -8.76 -5.28 14.91
CA GLY B 550 -8.72 -6.67 14.55
C GLY B 550 -9.02 -7.62 15.68
N PHE B 551 -9.57 -7.13 16.78
CA PHE B 551 -9.84 -7.95 17.96
C PHE B 551 -10.77 -9.10 17.62
N ASP B 552 -10.42 -10.30 18.07
CA ASP B 552 -11.27 -11.46 17.90
C ASP B 552 -11.78 -12.05 19.20
N GLU B 553 -11.20 -11.67 20.34
CA GLU B 553 -11.63 -12.19 21.63
C GLU B 553 -11.30 -11.15 22.69
N ILE B 554 -12.18 -11.01 23.66
CA ILE B 554 -12.06 -10.01 24.72
C ILE B 554 -11.77 -10.74 26.03
N PRO B 555 -10.65 -10.46 26.69
CA PRO B 555 -10.42 -11.04 28.01
C PRO B 555 -11.46 -10.54 29.01
N VAL B 556 -11.78 -11.40 29.98
CA VAL B 556 -12.90 -11.14 30.88
C VAL B 556 -12.61 -9.94 31.77
N GLU B 557 -11.37 -9.75 32.17
CA GLU B 557 -11.04 -8.75 33.19
C GLU B 557 -10.18 -7.62 32.61
N VAL B 558 -10.54 -7.13 31.43
CA VAL B 558 -9.86 -5.97 30.89
C VAL B 558 -10.46 -4.70 31.43
N PHE B 559 -11.80 -4.61 31.48
CA PHE B 559 -12.50 -3.44 31.98
C PHE B 559 -12.92 -3.59 33.44
N LYS B 560 -12.14 -4.31 34.22
CA LYS B 560 -12.52 -4.58 35.60
C LYS B 560 -12.30 -3.41 36.54
N ASP B 561 -11.58 -2.37 36.12
CA ASP B 561 -11.29 -1.24 36.99
C ASP B 561 -11.65 0.12 36.43
N LEU B 562 -12.28 0.18 35.25
CA LEU B 562 -12.70 1.44 34.65
C LEU B 562 -14.05 1.82 35.25
N PHE B 563 -14.00 2.33 36.48
CA PHE B 563 -15.23 2.65 37.21
C PHE B 563 -15.89 3.91 36.70
N GLU B 564 -15.19 4.75 35.95
CA GLU B 564 -15.76 6.00 35.45
C GLU B 564 -15.79 6.05 33.94
N LEU B 565 -15.77 4.91 33.27
CA LEU B 565 -15.81 4.89 31.82
C LEU B 565 -17.17 5.36 31.33
N LYS B 566 -17.16 6.21 30.31
CA LYS B 566 -18.40 6.75 29.74
C LYS B 566 -18.54 6.49 28.25
N ILE B 567 -17.48 6.60 27.47
CA ILE B 567 -17.55 6.38 26.02
C ILE B 567 -16.53 5.32 25.65
N ILE B 568 -16.99 4.22 25.05
CA ILE B 568 -16.11 3.16 24.60
C ILE B 568 -16.40 2.87 23.13
N ASP B 569 -15.34 2.76 22.33
CA ASP B 569 -15.45 2.54 20.90
C ASP B 569 -14.81 1.21 20.54
N LEU B 570 -15.57 0.34 19.89
CA LEU B 570 -15.07 -0.97 19.49
C LEU B 570 -15.53 -1.35 18.09
N GLY B 571 -15.78 -0.37 17.25
CA GLY B 571 -16.26 -0.65 15.91
C GLY B 571 -15.17 -1.14 15.00
N LEU B 572 -15.61 -1.68 13.86
CA LEU B 572 -14.72 -2.17 12.80
C LEU B 572 -13.75 -3.24 13.30
N ASN B 573 -14.21 -4.08 14.22
CA ASN B 573 -13.43 -5.17 14.77
C ASN B 573 -13.97 -6.51 14.27
N ASN B 574 -13.42 -7.60 14.78
CA ASN B 574 -13.83 -8.94 14.42
C ASN B 574 -14.47 -9.66 15.60
N LEU B 575 -15.14 -8.93 16.47
CA LEU B 575 -15.78 -9.53 17.63
C LEU B 575 -16.96 -10.40 17.21
N ASN B 576 -17.00 -11.61 17.71
CA ASN B 576 -18.13 -12.50 17.47
C ASN B 576 -18.79 -12.95 18.77
N THR B 577 -18.01 -13.27 19.79
CA THR B 577 -18.52 -13.63 21.09
C THR B 577 -17.77 -12.83 22.14
N LEU B 578 -18.46 -12.56 23.25
CA LEU B 578 -17.88 -11.78 24.32
C LEU B 578 -18.03 -12.54 25.62
N PRO B 579 -17.07 -12.39 26.53
CA PRO B 579 -17.19 -13.07 27.83
C PRO B 579 -18.34 -12.51 28.63
N ALA B 580 -18.95 -13.39 29.40
CA ALA B 580 -20.04 -13.00 30.27
C ALA B 580 -19.51 -12.17 31.43
N SER B 581 -20.31 -11.19 31.84
CA SER B 581 -20.01 -10.33 32.97
C SER B 581 -18.69 -9.58 32.76
N VAL B 582 -18.67 -8.77 31.70
CA VAL B 582 -17.50 -7.99 31.35
C VAL B 582 -17.73 -6.50 31.63
N PHE B 583 -18.95 -6.01 31.41
CA PHE B 583 -19.29 -4.61 31.61
C PHE B 583 -19.92 -4.37 32.98
N ASN B 584 -19.57 -5.18 33.97
CA ASN B 584 -20.17 -4.99 35.30
C ASN B 584 -19.73 -3.66 35.90
N ASN B 585 -18.46 -3.30 35.77
CA ASN B 585 -17.93 -2.11 36.40
C ASN B 585 -18.23 -0.82 35.64
N GLN B 586 -18.75 -0.92 34.43
CA GLN B 586 -19.12 0.25 33.64
C GLN B 586 -20.52 0.71 34.06
N VAL B 587 -20.58 1.26 35.28
CA VAL B 587 -21.84 1.70 35.85
C VAL B 587 -22.28 3.06 35.32
N SER B 588 -21.40 3.80 34.67
CA SER B 588 -21.72 5.13 34.15
C SER B 588 -21.49 5.21 32.65
N LEU B 589 -21.58 4.08 31.95
CA LEU B 589 -21.40 4.07 30.52
C LEU B 589 -22.50 4.87 29.82
N LYS B 590 -22.11 5.64 28.81
CA LYS B 590 -23.04 6.50 28.10
C LYS B 590 -23.19 6.12 26.64
N SER B 591 -22.08 5.87 25.94
CA SER B 591 -22.11 5.52 24.53
C SER B 591 -21.30 4.26 24.30
N LEU B 592 -21.90 3.29 23.62
CA LEU B 592 -21.25 2.05 23.25
C LEU B 592 -21.30 1.91 21.74
N ASN B 593 -20.15 1.70 21.11
CA ASN B 593 -20.06 1.60 19.66
C ASN B 593 -19.53 0.22 19.30
N LEU B 594 -20.33 -0.54 18.55
CA LEU B 594 -19.94 -1.87 18.10
C LEU B 594 -20.35 -2.10 16.65
N GLN B 595 -20.27 -1.07 15.83
CA GLN B 595 -20.67 -1.16 14.44
C GLN B 595 -19.66 -1.93 13.61
N LYS B 596 -20.12 -2.48 12.49
CA LYS B 596 -19.28 -3.17 11.51
C LYS B 596 -18.44 -4.29 12.15
N ASN B 597 -19.09 -5.05 13.02
CA ASN B 597 -18.49 -6.18 13.71
C ASN B 597 -19.12 -7.47 13.20
N LEU B 598 -18.73 -8.58 13.83
CA LEU B 598 -19.27 -9.90 13.51
C LEU B 598 -20.19 -10.41 14.61
N ILE B 599 -20.69 -9.52 15.46
CA ILE B 599 -21.52 -9.95 16.58
C ILE B 599 -22.85 -10.49 16.06
N THR B 600 -23.20 -11.69 16.51
CA THR B 600 -24.44 -12.32 16.10
C THR B 600 -25.42 -12.49 17.25
N SER B 601 -24.96 -12.40 18.48
CA SER B 601 -25.82 -12.60 19.64
C SER B 601 -25.65 -11.45 20.62
N VAL B 602 -26.76 -10.89 21.08
CA VAL B 602 -26.76 -9.85 22.11
C VAL B 602 -27.58 -10.39 23.26
N GLU B 603 -26.92 -10.72 24.35
CA GLU B 603 -27.55 -11.37 25.48
C GLU B 603 -27.41 -10.54 26.74
N LYS B 604 -28.33 -10.75 27.67
CA LYS B 604 -28.29 -10.02 28.93
C LYS B 604 -27.08 -10.39 29.76
N LYS B 605 -26.54 -11.60 29.58
CA LYS B 605 -25.39 -12.03 30.37
C LYS B 605 -24.16 -11.19 30.10
N VAL B 606 -24.05 -10.54 28.95
CA VAL B 606 -22.90 -9.73 28.59
C VAL B 606 -23.25 -8.26 28.41
N PHE B 607 -24.40 -7.97 27.81
CA PHE B 607 -24.80 -6.60 27.53
C PHE B 607 -25.81 -6.07 28.53
N GLY B 608 -26.07 -6.80 29.60
CA GLY B 608 -27.01 -6.37 30.60
C GLY B 608 -26.57 -5.11 31.31
N PRO B 609 -25.49 -5.21 32.09
CA PRO B 609 -24.98 -4.00 32.76
C PRO B 609 -24.57 -2.88 31.82
N ALA B 610 -24.12 -3.20 30.60
CA ALA B 610 -23.73 -2.17 29.65
C ALA B 610 -24.93 -1.34 29.19
N PHE B 611 -26.10 -1.98 29.07
CA PHE B 611 -27.32 -1.31 28.63
C PHE B 611 -28.12 -0.74 29.81
N ARG B 612 -27.45 -0.42 30.91
CA ARG B 612 -28.14 0.07 32.09
C ARG B 612 -28.72 1.46 31.81
N ASN B 613 -27.87 2.43 31.52
CA ASN B 613 -28.31 3.79 31.27
C ASN B 613 -27.35 4.41 30.25
N LEU B 614 -27.73 4.35 28.99
CA LEU B 614 -26.90 4.85 27.90
C LEU B 614 -27.58 6.07 27.26
N THR B 615 -26.87 6.66 26.32
CA THR B 615 -27.40 7.75 25.52
C THR B 615 -27.15 7.57 24.03
N GLU B 616 -26.36 6.59 23.63
CA GLU B 616 -26.09 6.34 22.22
C GLU B 616 -25.76 4.85 22.08
N LEU B 617 -25.93 4.35 20.87
CA LEU B 617 -25.63 2.96 20.58
C LEU B 617 -25.43 2.82 19.08
N ASP B 618 -24.32 2.20 18.69
CA ASP B 618 -23.98 2.02 17.28
C ASP B 618 -23.61 0.56 17.03
N MET B 619 -24.56 -0.21 16.55
CA MET B 619 -24.36 -1.61 16.17
C MET B 619 -25.01 -1.88 14.83
N ARG B 620 -24.75 -0.98 13.87
CA ARG B 620 -25.51 -1.00 12.62
C ARG B 620 -25.18 -2.21 11.75
N PHE B 621 -23.94 -2.33 11.32
CA PHE B 621 -23.56 -3.35 10.34
C PHE B 621 -23.06 -4.61 11.06
N ASN B 622 -23.99 -5.26 11.75
CA ASN B 622 -23.72 -6.51 12.45
C ASN B 622 -24.62 -7.62 11.94
N PRO B 623 -24.06 -8.77 11.58
CA PRO B 623 -24.90 -9.88 11.14
C PRO B 623 -25.63 -10.55 12.29
N PHE B 624 -26.70 -9.90 12.75
CA PHE B 624 -27.47 -10.43 13.86
C PHE B 624 -28.15 -11.73 13.46
N ASP B 625 -28.33 -12.59 14.44
CA ASP B 625 -28.99 -13.87 14.24
C ASP B 625 -30.37 -13.78 14.88
N CYS B 626 -31.41 -13.70 14.05
CA CYS B 626 -32.76 -13.58 14.57
C CYS B 626 -33.21 -14.90 15.18
N THR B 627 -33.01 -15.03 16.48
CA THR B 627 -33.43 -16.20 17.23
C THR B 627 -33.79 -15.76 18.65
N CYS B 628 -34.87 -16.32 19.18
CA CYS B 628 -35.34 -15.93 20.50
C CYS B 628 -34.30 -16.23 21.57
N GLU B 629 -33.35 -17.11 21.28
CA GLU B 629 -32.30 -17.39 22.24
C GLU B 629 -31.21 -16.33 22.25
N SER B 630 -31.08 -15.54 21.18
CA SER B 630 -29.95 -14.64 21.04
C SER B 630 -30.33 -13.21 20.74
N ILE B 631 -31.54 -12.92 20.30
CA ILE B 631 -31.86 -11.56 19.88
C ILE B 631 -33.14 -11.09 20.57
N ALA B 632 -33.87 -12.01 21.20
CA ALA B 632 -35.15 -11.66 21.81
C ALA B 632 -34.99 -10.63 22.91
N TRP B 633 -33.99 -10.82 23.78
CA TRP B 633 -33.78 -9.80 24.80
C TRP B 633 -33.38 -8.47 24.20
N PHE B 634 -32.53 -8.51 23.17
CA PHE B 634 -32.10 -7.26 22.55
C PHE B 634 -33.25 -6.54 21.87
N VAL B 635 -34.11 -7.25 21.14
CA VAL B 635 -35.22 -6.57 20.49
C VAL B 635 -36.23 -6.09 21.52
N ASN B 636 -36.42 -6.86 22.59
CA ASN B 636 -37.30 -6.39 23.65
C ASN B 636 -36.76 -5.12 24.29
N TRP B 637 -35.45 -5.05 24.49
CA TRP B 637 -34.84 -3.82 25.00
C TRP B 637 -34.93 -2.68 24.00
N ILE B 638 -34.85 -2.98 22.71
CA ILE B 638 -34.99 -1.93 21.70
C ILE B 638 -36.37 -1.33 21.77
N ASN B 639 -37.39 -2.18 21.96
CA ASN B 639 -38.78 -1.71 22.00
C ASN B 639 -38.95 -0.62 23.04
N GLU B 640 -38.55 -0.88 24.28
CA GLU B 640 -38.70 0.11 25.34
C GLU B 640 -37.31 0.56 25.79
N THR B 641 -37.00 1.83 25.55
CA THR B 641 -35.71 2.41 25.88
C THR B 641 -35.76 3.90 25.56
N HIS B 642 -34.77 4.62 26.08
CA HIS B 642 -34.57 6.03 25.78
C HIS B 642 -33.22 6.30 25.13
N THR B 643 -32.41 5.27 24.93
CA THR B 643 -31.12 5.46 24.30
C THR B 643 -31.31 5.79 22.83
N ASN B 644 -30.48 6.70 22.33
CA ASN B 644 -30.53 7.10 20.93
C ASN B 644 -29.85 6.05 20.08
N ILE B 645 -30.60 5.41 19.20
CA ILE B 645 -30.05 4.39 18.31
C ILE B 645 -30.28 4.83 16.87
N PRO B 646 -29.32 5.51 16.26
CA PRO B 646 -29.52 5.97 14.87
C PRO B 646 -29.62 4.80 13.91
N GLU B 647 -30.43 5.01 12.87
CA GLU B 647 -30.62 4.01 11.81
C GLU B 647 -31.04 2.67 12.37
N LEU B 648 -31.97 2.69 13.32
CA LEU B 648 -32.42 1.45 13.95
C LEU B 648 -33.13 0.53 12.95
N SER B 649 -33.97 1.10 12.10
CA SER B 649 -34.76 0.32 11.16
C SER B 649 -34.12 0.22 9.78
N SER B 650 -32.93 0.77 9.60
CA SER B 650 -32.29 0.79 8.30
C SER B 650 -31.16 -0.21 8.16
N HIS B 651 -30.36 -0.41 9.21
CA HIS B 651 -29.20 -1.28 9.13
C HIS B 651 -29.19 -2.42 10.14
N TYR B 652 -30.06 -2.40 11.14
CA TYR B 652 -30.14 -3.48 12.12
C TYR B 652 -30.97 -4.62 11.53
N LEU B 653 -30.36 -5.32 10.58
CA LEU B 653 -31.02 -6.38 9.85
C LEU B 653 -30.33 -7.71 10.12
N CYS B 654 -31.11 -8.72 10.46
CA CYS B 654 -30.57 -10.05 10.67
C CYS B 654 -30.05 -10.64 9.36
N ASN B 655 -28.99 -11.42 9.47
CA ASN B 655 -28.38 -12.11 8.34
C ASN B 655 -28.79 -13.57 8.23
N THR B 656 -29.02 -14.25 9.34
CA THR B 656 -29.40 -15.65 9.39
C THR B 656 -30.43 -15.87 10.47
N PRO B 657 -31.37 -16.83 10.29
CA PRO B 657 -31.61 -17.73 9.18
C PRO B 657 -32.17 -17.02 7.97
N PRO B 658 -32.16 -17.67 6.80
CA PRO B 658 -32.69 -17.02 5.60
C PRO B 658 -34.15 -16.65 5.71
N HIS B 659 -34.90 -17.24 6.64
CA HIS B 659 -36.28 -16.84 6.85
C HIS B 659 -36.35 -15.38 7.30
N TYR B 660 -35.44 -14.97 8.18
CA TYR B 660 -35.37 -13.59 8.65
C TYR B 660 -34.27 -12.78 7.98
N HIS B 661 -33.84 -13.20 6.79
CA HIS B 661 -32.77 -12.50 6.10
C HIS B 661 -33.24 -11.12 5.69
N GLY B 662 -32.68 -10.09 6.32
CA GLY B 662 -33.02 -8.71 6.01
C GLY B 662 -34.17 -8.13 6.79
N PHE B 663 -34.88 -8.93 7.58
CA PHE B 663 -35.99 -8.37 8.35
C PHE B 663 -35.45 -7.60 9.55
N PRO B 664 -35.80 -6.32 9.71
CA PRO B 664 -35.34 -5.51 10.85
C PRO B 664 -35.75 -6.08 12.20
C1 NAG E . 27.17 -38.27 -22.05
C2 NAG E . 26.39 -39.54 -21.70
C3 NAG E . 24.95 -39.46 -22.20
C4 NAG E . 24.29 -38.17 -21.73
C5 NAG E . 25.15 -36.98 -22.12
C6 NAG E . 24.62 -35.66 -21.60
C7 NAG E . 27.65 -41.63 -21.48
C8 NAG E . 28.29 -42.78 -22.20
N2 NAG E . 27.05 -40.71 -22.24
O3 NAG E . 24.22 -40.57 -21.71
O4 NAG E . 23.01 -38.04 -22.32
O5 NAG E . 26.46 -37.12 -21.56
O6 NAG E . 24.61 -35.64 -20.18
O7 NAG E . 27.67 -41.53 -20.25
C1 NAG E . 22.02 -37.98 -21.26
C2 NAG E . 20.62 -38.07 -21.87
C3 NAG E . 19.56 -38.04 -20.76
C4 NAG E . 19.84 -39.12 -19.73
C5 NAG E . 21.27 -39.01 -19.22
C6 NAG E . 21.65 -40.12 -18.28
C7 NAG E . 20.22 -37.18 -24.13
C8 NAG E . 20.00 -35.95 -24.95
N2 NAG E . 20.39 -36.99 -22.82
O3 NAG E . 18.28 -38.22 -21.35
O4 NAG E . 18.94 -38.98 -18.64
O5 NAG E . 22.20 -39.05 -20.31
O6 NAG E . 21.35 -41.39 -18.83
O7 NAG E . 20.26 -38.30 -24.63
C1 NAG F . 35.72 -41.86 -34.68
C2 NAG F . 36.40 -43.23 -34.58
C3 NAG F . 37.01 -43.61 -35.92
C4 NAG F . 35.96 -43.52 -37.03
C5 NAG F . 35.31 -42.15 -37.02
C6 NAG F . 34.19 -42.01 -38.02
C7 NAG F . 37.73 -44.27 -32.80
C8 NAG F . 38.81 -44.07 -31.78
N2 NAG F . 37.42 -43.21 -33.54
O3 NAG F . 37.53 -44.93 -35.83
O4 NAG F . 36.56 -43.79 -38.30
O5 NAG F . 34.76 -41.89 -35.73
O6 NAG F . 33.04 -42.74 -37.62
O7 NAG F . 37.16 -45.34 -32.94
C1 NAG F . 35.96 -45.01 -38.81
C2 NAG F . 36.60 -45.32 -40.17
C3 NAG F . 36.00 -46.61 -40.74
C4 NAG F . 36.13 -47.74 -39.74
C5 NAG F . 35.53 -47.34 -38.40
C6 NAG F . 35.72 -48.38 -37.31
C7 NAG F . 37.28 -43.22 -41.25
C8 NAG F . 36.92 -42.16 -42.24
N2 NAG F . 36.39 -44.22 -41.10
O3 NAG F . 36.68 -46.95 -41.95
O4 NAG F . 35.47 -48.91 -40.22
O5 NAG F . 36.14 -46.13 -37.93
O6 NAG F . 37.10 -48.62 -37.08
O7 NAG F . 38.32 -43.18 -40.60
C1 NAG G . 41.43 -14.88 -32.14
C2 NAG G . 42.59 -13.97 -31.64
C3 NAG G . 42.13 -12.53 -31.50
C4 NAG G . 41.52 -12.03 -32.80
C5 NAG G . 40.37 -12.94 -33.18
C6 NAG G . 39.76 -12.55 -34.50
C7 NAG G . 44.41 -14.26 -30.02
C8 NAG G . 44.80 -14.79 -28.68
N2 NAG G . 43.13 -14.44 -30.38
O3 NAG G . 43.26 -11.73 -31.14
O4 NAG G . 41.04 -10.72 -32.62
O5 NAG G . 40.83 -14.28 -33.32
O6 NAG G . 40.76 -12.16 -35.43
O7 NAG G . 45.21 -13.69 -30.76
C1 NAG G . 41.95 -9.76 -33.19
C2 NAG G . 41.15 -8.59 -33.78
C3 NAG G . 42.08 -7.53 -34.35
C4 NAG G . 43.11 -7.10 -33.31
C5 NAG G . 43.83 -8.32 -32.75
C6 NAG G . 44.79 -7.97 -31.63
C7 NAG G . 39.00 -8.57 -34.95
C8 NAG G . 38.18 -9.17 -36.06
N2 NAG G . 40.23 -9.06 -34.79
O3 NAG G . 41.33 -6.41 -34.78
O4 NAG G . 44.06 -6.24 -33.91
O5 NAG G . 42.89 -9.25 -32.21
O6 NAG G . 44.18 -7.13 -30.67
O7 NAG G . 38.55 -7.69 -34.22
C1 NAG H . 11.69 -18.48 -19.26
C2 NAG H . 10.68 -19.60 -19.11
C3 NAG H . 10.06 -19.56 -17.72
C4 NAG H . 11.13 -19.57 -16.65
C5 NAG H . 12.18 -18.48 -16.91
C6 NAG H . 13.36 -18.56 -15.98
C7 NAG H . 9.30 -20.58 -20.86
C8 NAG H . 8.24 -20.34 -21.90
N2 NAG H . 9.67 -19.53 -20.13
O3 NAG H . 9.19 -20.68 -17.57
O4 NAG H . 10.57 -19.36 -15.36
O5 NAG H . 12.68 -18.60 -18.25
O6 NAG H . 14.08 -19.76 -16.17
O7 NAG H . 9.79 -21.69 -20.71
C1 NAG H . 10.49 -20.60 -14.65
C2 NAG H . 10.88 -20.37 -13.19
C3 NAG H . 10.71 -21.64 -12.38
C4 NAG H . 9.30 -22.18 -12.54
C5 NAG H . 8.97 -22.36 -14.02
C6 NAG H . 7.54 -22.77 -14.26
C7 NAG H . 12.56 -18.78 -12.38
C8 NAG H . 14.02 -18.42 -12.36
N2 NAG H . 12.24 -19.88 -13.08
O3 NAG H . 10.98 -21.38 -11.01
O4 NAG H . 9.14 -23.42 -11.84
O5 NAG H . 9.15 -21.12 -14.71
O6 NAG H . 6.64 -21.77 -13.82
O7 NAG H . 11.71 -18.12 -11.80
C1 BMA H . 8.30 -23.18 -10.69
C2 BMA H . 7.14 -24.20 -10.70
C3 BMA H . 6.29 -24.05 -9.45
C4 BMA H . 7.15 -24.03 -8.17
C5 BMA H . 8.27 -22.97 -8.30
C6 BMA H . 9.20 -22.94 -7.10
O2 BMA H . 7.65 -25.52 -10.68
O3 BMA H . 5.31 -25.07 -9.36
O4 BMA H . 6.35 -23.74 -7.04
O5 BMA H . 9.04 -23.27 -9.47
O6 BMA H . 8.44 -22.65 -5.92
C1 BMA H . 8.89 -23.54 -4.87
C2 BMA H . 10.16 -22.92 -4.25
C3 BMA H . 10.58 -23.72 -3.01
C4 BMA H . 9.40 -23.96 -2.06
C5 BMA H . 8.25 -24.61 -2.84
C6 BMA H . 7.03 -24.87 -1.97
O2 BMA H . 9.91 -21.59 -3.83
O3 BMA H . 11.63 -23.08 -2.31
O4 BMA H . 9.80 -24.79 -0.99
O5 BMA H . 7.87 -23.73 -3.90
O6 BMA H . 7.46 -25.61 -0.83
C1 NAG I . -6.82 -21.39 -35.92
C2 NAG I . -6.00 -21.00 -37.15
C3 NAG I . -6.53 -21.72 -38.39
C4 NAG I . -6.60 -23.22 -38.14
C5 NAG I . -7.36 -23.52 -36.85
C6 NAG I . -7.34 -24.98 -36.48
C7 NAG I . -4.92 -18.85 -37.56
C8 NAG I . -5.12 -17.38 -37.77
N2 NAG I . -6.03 -19.56 -37.36
O3 NAG I . -5.70 -21.42 -39.50
O4 NAG I . -7.28 -23.85 -39.22
O5 NAG I . -6.78 -22.81 -35.76
O6 NAG I . -6.06 -25.35 -35.99
O7 NAG I . -3.80 -19.36 -37.56
C1 NAG I . -6.39 -24.75 -39.92
C2 NAG I . -7.26 -25.81 -40.56
C3 NAG I . -6.41 -26.79 -41.35
C4 NAG I . -5.55 -26.03 -42.36
C5 NAG I . -4.74 -24.95 -41.64
C6 NAG I . -3.94 -24.07 -42.59
C7 NAG I . -9.38 -26.59 -39.58
C8 NAG I . -10.02 -27.43 -38.52
N2 NAG I . -8.04 -26.55 -39.57
O3 NAG I . -7.28 -27.70 -42.02
O4 NAG I . -4.67 -26.96 -43.00
O5 NAG I . -5.63 -24.08 -40.92
O6 NAG I . -4.77 -23.20 -43.34
O7 NAG I . -10.04 -25.97 -40.41
C1 NAG J . -12.48 47.89 15.51
C2 NAG J . -13.87 47.73 16.13
C3 NAG J . -13.86 46.71 17.27
C4 NAG J . -13.23 45.40 16.81
C5 NAG J . -11.85 45.67 16.21
C6 NAG J . -11.20 44.43 15.64
C7 NAG J . -15.38 49.65 16.02
C8 NAG J . -15.76 50.97 16.64
N2 NAG J . -14.36 49.02 16.60
O3 NAG J . -15.19 46.47 17.69
O4 NAG J . -13.10 44.51 17.92
O5 NAG J . -11.98 46.60 15.12
O6 NAG J . -11.97 43.90 14.57
O7 NAG J . -15.96 49.20 15.05
C1 NAG J . -13.86 43.31 17.64
C2 NAG J . -13.92 42.44 18.90
C3 NAG J . -14.73 41.19 18.63
C4 NAG J . -16.11 41.56 18.07
C5 NAG J . -15.97 42.47 16.86
C6 NAG J . -17.30 42.98 16.34
C7 NAG J . -12.06 42.52 20.50
C8 NAG J . -10.67 42.05 20.81
N2 NAG J . -12.58 42.09 19.35
O3 NAG J . -14.88 40.45 19.83
O4 NAG J . -16.80 40.37 17.69
O5 NAG J . -15.20 43.63 17.20
O6 NAG J . -18.09 43.53 17.38
O7 NAG J . -12.68 43.27 21.26
C1 NAG K . -6.49 60.98 21.69
C2 NAG K . -7.47 62.14 21.73
C3 NAG K . -6.91 63.29 22.55
C4 NAG K . -6.48 62.80 23.93
C5 NAG K . -5.53 61.63 23.79
C6 NAG K . -5.13 61.02 25.12
C7 NAG K . -8.98 63.07 20.03
C8 NAG K . -9.14 63.48 18.60
N2 NAG K . -7.79 62.57 20.38
O3 NAG K . -7.90 64.30 22.68
O4 NAG K . -5.87 63.86 24.66
O5 NAG K . -6.15 60.59 23.02
O6 NAG K . -6.21 60.29 25.71
O7 NAG K . -9.91 63.17 20.83
C1 NAG K . -6.70 64.14 25.82
C2 NAG K . -6.06 65.28 26.61
C3 NAG K . -6.93 65.62 27.82
C4 NAG K . -8.36 65.90 27.39
C5 NAG K . -8.90 64.75 26.57
C6 NAG K . -10.28 65.01 26.01
C7 NAG K . -3.63 65.23 26.30
C8 NAG K . -2.32 64.79 26.87
N2 NAG K . -4.72 64.93 27.02
O3 NAG K . -6.39 66.77 28.48
O4 NAG K . -9.19 66.09 28.54
O5 NAG K . -8.04 64.50 25.44
O6 NAG K . -10.29 66.15 25.17
O7 NAG K . -3.71 65.82 25.23
C1 NAG L . 15.16 51.88 7.00
C2 NAG L . 15.88 52.21 5.67
C3 NAG L . 16.86 51.11 5.30
C4 NAG L . 17.83 50.85 6.43
C5 NAG L . 17.04 50.48 7.67
C6 NAG L . 17.94 50.28 8.88
C7 NAG L . 15.19 53.23 3.54
C8 NAG L . 14.12 53.31 2.50
N2 NAG L . 14.94 52.42 4.58
O3 NAG L . 17.57 51.50 4.12
O4 NAG L . 18.69 49.76 6.09
O5 NAG L . 16.15 51.54 8.01
O6 NAG L . 19.00 51.23 8.88
O7 NAG L . 16.23 53.87 3.47
C1 NAG L . 19.99 50.25 5.67
C2 NAG L . 21.06 49.27 6.15
C3 NAG L . 22.43 49.72 5.69
C4 NAG L . 22.45 49.97 4.18
C5 NAG L . 21.33 50.93 3.79
C6 NAG L . 21.22 51.14 2.31
C7 NAG L . 21.21 47.93 8.21
C8 NAG L . 21.14 47.96 9.70
N2 NAG L . 21.02 49.11 7.59
O3 NAG L . 23.40 48.73 6.03
O4 NAG L . 23.69 50.54 3.80
O5 NAG L . 20.08 50.41 4.25
O6 NAG L . 21.23 49.90 1.61
O7 NAG L . 21.43 46.91 7.58
C1 NAG M . -1.65 25.06 14.79
C2 NAG M . -2.86 24.72 15.63
C3 NAG M . -3.73 23.69 14.91
C4 NAG M . -4.08 24.19 13.51
C5 NAG M . -2.82 24.60 12.76
C6 NAG M . -3.11 25.25 11.43
C7 NAG M . -3.01 24.70 18.08
C8 NAG M . -2.49 24.10 19.34
N2 NAG M . -2.47 24.24 16.94
O3 NAG M . -4.91 23.47 15.66
O4 NAG M . -4.74 23.17 12.77
O5 NAG M . -2.07 25.55 13.53
O6 NAG M . -3.82 26.48 11.62
O7 NAG M . -3.88 25.56 18.07
C1 NAG M . -6.15 23.43 12.72
C2 NAG M . -6.67 23.12 11.32
C3 NAG M . -8.18 23.30 11.25
C4 NAG M . -8.85 22.47 12.35
C5 NAG M . -8.26 22.82 13.70
C6 NAG M . -8.79 21.95 14.83
C7 NAG M . -5.44 23.43 9.22
C8 NAG M . -4.83 24.41 8.28
N2 NAG M . -6.02 23.95 10.31
O3 NAG M . -8.65 22.90 9.97
O4 NAG M . -10.26 22.69 12.34
O5 NAG M . -6.83 22.63 13.68
O6 NAG M . -8.43 20.60 14.62
O7 NAG M . -5.42 22.22 9.01
C1 BMA M . -10.89 21.48 11.84
C2 BMA M . -11.98 21.04 12.85
C3 BMA M . -12.73 19.83 12.31
C4 BMA M . -13.22 20.07 10.87
C5 BMA M . -12.04 20.49 9.97
C6 BMA M . -12.46 20.81 8.54
O2 BMA M . -12.94 22.07 13.03
O3 BMA M . -13.84 19.50 13.14
O4 BMA M . -13.79 18.87 10.35
O5 BMA M . -11.46 21.68 10.54
O6 BMA M . -13.04 19.64 7.97
C1 BMA M . -14.22 20.04 7.25
C2 BMA M . -13.78 20.56 5.85
C3 BMA M . -14.99 20.82 4.97
C4 BMA M . -15.98 19.65 4.99
C5 BMA M . -16.36 19.31 6.44
C6 BMA M . -17.32 18.15 6.54
O2 BMA M . -13.00 19.57 5.20
O3 BMA M . -14.63 21.12 3.64
O4 BMA M . -17.15 19.98 4.25
O5 BMA M . -15.15 18.97 7.13
O6 BMA M . -18.44 18.42 5.71
C1 NAG N . 0.86 17.49 38.58
C2 NAG N . 2.03 18.39 38.92
C3 NAG N . 2.00 18.75 40.40
C4 NAG N . 0.64 19.32 40.79
C5 NAG N . -0.48 18.40 40.35
C6 NAG N . -1.86 18.97 40.57
C7 NAG N . 4.23 18.39 37.86
C8 NAG N . 5.48 17.62 37.60
N2 NAG N . 3.30 17.77 38.57
O3 NAG N . 3.04 19.69 40.67
O4 NAG N . 0.58 19.46 42.20
O5 NAG N . -0.37 18.13 38.94
O6 NAG N . -2.13 20.00 39.63
O7 NAG N . 4.07 19.54 37.44
C1 NAG N . 0.44 20.84 42.57
C2 NAG N . -0.28 20.88 43.92
C3 NAG N . -0.42 22.31 44.40
C4 NAG N . 0.93 23.02 44.41
C5 NAG N . 1.60 22.90 43.05
C6 NAG N . 3.00 23.46 43.00
C7 NAG N . -1.92 19.20 44.60
C8 NAG N . -3.32 18.71 44.44
N2 NAG N . -1.59 20.25 43.85
O3 NAG N . -0.99 22.28 45.70
O4 NAG N . 0.73 24.39 44.74
O5 NAG N . 1.70 21.51 42.68
O6 NAG N . 3.93 22.64 43.71
O7 NAG N . -1.13 18.67 45.37
C1 NAG O . 39.11 -61.03 -21.88
C2 NAG O . 38.26 -60.99 -23.14
C3 NAG O . 38.66 -62.10 -24.10
C4 NAG O . 40.16 -62.06 -24.35
C5 NAG O . 40.93 -62.04 -23.03
C6 NAG O . 42.41 -61.88 -23.22
C7 NAG O . 35.87 -60.65 -23.62
C8 NAG O . 34.47 -60.83 -23.11
N2 NAG O . 36.84 -61.08 -22.81
O3 NAG O . 37.97 -61.94 -25.33
O4 NAG O . 40.55 -63.21 -25.10
O5 NAG O . 40.49 -60.94 -22.23
O6 NAG O . 42.71 -60.69 -23.91
O7 NAG O . 36.11 -60.14 -24.71
C1 NAG P . 13.02 -0.34 -38.44
C2 NAG P . 13.49 1.05 -38.01
C3 NAG P . 14.04 1.81 -39.21
C4 NAG P . 15.12 0.98 -39.90
C5 NAG P . 14.58 -0.40 -40.24
C6 NAG P . 15.63 -1.32 -40.83
C7 NAG P . 12.51 2.51 -36.28
C8 NAG P . 11.27 3.20 -35.82
N2 NAG P . 12.38 1.80 -37.41
O3 NAG P . 14.59 3.05 -38.78
O4 NAG P . 15.52 1.63 -41.11
O5 NAG P . 14.09 -1.03 -39.05
O6 NAG P . 16.76 -1.44 -39.98
O7 NAG P . 13.57 2.57 -35.67
C1 NAG Q . -19.43 -40.13 -11.44
C2 NAG Q . -19.17 -40.75 -12.81
C3 NAG Q . -18.74 -42.20 -12.66
C4 NAG Q . -17.56 -42.33 -11.71
C5 NAG Q . -17.87 -41.63 -10.39
C6 NAG Q . -16.70 -41.61 -9.44
C7 NAG Q . -20.29 -40.10 -14.90
C8 NAG Q . -21.57 -40.14 -15.68
N2 NAG Q . -20.33 -40.66 -13.69
O3 NAG Q . -18.42 -42.71 -13.95
O4 NAG Q . -17.27 -43.70 -11.48
O5 NAG Q . -18.26 -40.27 -10.62
O6 NAG Q . -15.55 -41.02 -10.03
O7 NAG Q . -19.27 -39.57 -15.33
C1 NAG R . -22.72 -42.15 6.78
C2 NAG R . -21.28 -42.58 7.06
C3 NAG R . -21.24 -44.06 7.43
C4 NAG R . -22.21 -44.36 8.56
C5 NAG R . -23.60 -43.84 8.22
C6 NAG R . -24.57 -43.97 9.37
C7 NAG R . -19.27 -41.64 6.03
C8 NAG R . -18.48 -41.47 4.76
N2 NAG R . -20.41 -42.32 5.93
O3 NAG R . -19.92 -44.42 7.81
O4 NAG R . -22.29 -45.76 8.77
O5 NAG R . -23.54 -42.44 7.92
O6 NAG R . -24.12 -43.25 10.52
O7 NAG R . -18.88 -41.17 7.10
C1 NAG S . 48.29 -22.88 -31.84
C2 NAG S . 48.70 -24.24 -32.41
C3 NAG S . 50.01 -24.12 -33.17
C4 NAG S . 49.92 -23.00 -34.21
C5 NAG S . 49.45 -21.70 -33.56
C6 NAG S . 49.24 -20.58 -34.54
C7 NAG S . 48.67 -26.55 -31.57
C8 NAG S . 48.81 -27.43 -30.37
N2 NAG S . 48.79 -25.23 -31.36
O3 NAG S . 50.29 -25.36 -33.82
O4 NAG S . 51.20 -22.80 -34.80
O5 NAG S . 48.20 -21.92 -32.90
O6 NAG S . 48.69 -21.07 -35.76
O7 NAG S . 48.45 -27.00 -32.69
C1 NAG T . -28.13 68.21 17.00
C2 NAG T . -27.60 67.96 18.41
C3 NAG T . -27.89 69.14 19.31
C4 NAG T . -27.37 70.43 18.67
C5 NAG T . -27.89 70.57 17.25
C6 NAG T . -27.32 71.76 16.51
C7 NAG T . -27.61 66.04 19.95
C8 NAG T . -28.36 64.82 20.40
N2 NAG T . -28.18 66.75 18.96
O3 NAG T . -27.23 68.95 20.56
O4 NAG T . -27.79 71.55 19.44
O5 NAG T . -27.54 69.40 16.48
O6 NAG T . -25.91 71.66 16.43
O7 NAG T . -26.56 66.39 20.46
C1 NAG U . 23.75 24.38 22.10
C2 NAG U . 24.75 23.94 21.03
C3 NAG U . 26.14 24.47 21.37
C4 NAG U . 26.11 25.98 21.59
C5 NAG U . 25.04 26.32 22.63
C6 NAG U . 24.86 27.80 22.83
C7 NAG U . 24.74 21.85 19.74
C8 NAG U . 24.76 20.36 19.81
N2 NAG U . 24.76 22.50 20.91
O3 NAG U . 27.02 24.17 20.28
O4 NAG U . 27.37 26.42 22.06
O5 NAG U . 23.78 25.80 22.23
O6 NAG U . 24.57 28.47 21.61
O7 NAG U . 24.71 22.46 18.67
C1 NAG V . -30.53 7.46 33.64
C2 NAG V . -30.21 8.46 34.75
C3 NAG V . -31.37 9.43 34.93
C4 NAG V . -31.71 10.11 33.59
C5 NAG V . -31.96 9.05 32.52
C6 NAG V . -32.18 9.65 31.15
C7 NAG V . -28.82 7.99 36.71
C8 NAG V . -28.71 7.26 38.02
N2 NAG V . -29.94 7.80 36.01
O3 NAG V . -31.00 10.40 35.91
O4 NAG V . -32.88 10.90 33.76
O5 NAG V . -30.82 8.19 32.42
O6 NAG V . -31.12 10.50 30.76
O7 NAG V . -27.92 8.71 36.30
C1 NAG W . -42.87 -0.74 22.36
C2 NAG W . -43.04 0.52 21.51
C3 NAG W . -44.43 1.13 21.75
C4 NAG W . -45.51 0.08 21.52
C5 NAG W . -45.22 -1.17 22.34
C6 NAG W . -46.19 -2.29 22.06
C7 NAG W . -41.25 2.07 20.86
C8 NAG W . -40.25 3.07 21.33
N2 NAG W . -42.01 1.51 21.81
O3 NAG W . -44.62 2.22 20.86
O4 NAG W . -46.77 0.61 21.91
O5 NAG W . -43.92 -1.67 22.05
O6 NAG W . -46.13 -2.68 20.69
O7 NAG W . -41.37 1.77 19.67
C1 NAG X . 10.11 61.10 5.88
C2 NAG X . 9.41 62.29 6.54
C3 NAG X . 10.24 63.56 6.37
C4 NAG X . 11.68 63.33 6.85
C5 NAG X . 12.27 62.09 6.18
C6 NAG X . 13.64 61.74 6.69
C7 NAG X . 7.10 63.08 6.67
C8 NAG X . 5.78 63.19 5.96
N2 NAG X . 8.08 62.47 6.00
O3 NAG X . 9.65 64.61 7.13
O4 NAG X . 12.47 64.46 6.54
O5 NAG X . 11.42 60.96 6.43
O6 NAG X . 13.76 61.96 8.08
O7 NAG X . 7.26 63.54 7.80
#